data_6DJS
#
_entry.id   6DJS
#
_cell.length_a   1
_cell.length_b   1
_cell.length_c   1
_cell.angle_alpha   90.00
_cell.angle_beta   90.00
_cell.angle_gamma   90.00
#
_symmetry.space_group_name_H-M   'P 1'
#
_entity_poly.entity_id   1
_entity_poly.type   'polypeptide(L)'
_entity_poly.pdbx_seq_one_letter_code
;GAMGSMEGSPSLRRMTVMREKGRRQAVRGPAFMFNDRGTSLTAEEERFLDAAEYGNIPVVRKMLEESKTLNVNCVDYMGQ
NALQLAVGNEHLEVTELLLKKENLARIGDALLLAISKGYVRIVEAILNHPGFAASKRLTLSPCEQELQDDDFYAYDEDGT
RFSPDITPIILAAHCQKYEVVHMLLMKGARIERPHDYFCKCGDCMEKQRHDSFSHSRSRINAYKGLASPAYLSLSSEDPV
LTALELSNELAKLANIEKEFKNDYRKLSMQCKDFVVGVLDLCRDSEEVEAILNGDLESAEPLEVHRHKASLSRVKL
(UNK)(UNK)(UNK)(UNK)(UNK)(UNK)(UNK)(UNK)(UNK)(UNK)(UNK)(UNK)(UNK)(UNK)(UNK)(UNK)
(UNK)(UNK)(UNK)(UNK)(UNK)(UNK)(UNK)(UNK)(UNK)(UNK)(UNK)(UNK)(UNK)(UNK)(UNK)(UNK)
(UNK)(UNK)(UNK)(UNK)(UNK)(UNK)(UNK)(UNK)(UNK)(UNK)(UNK)(UNK)(UNK)(UNK)(UNK)(UNK)
(UNK)(UNK)(UNK)(UNK)(UNK)(UNK)(UNK)(UNK)(UNK)(UNK)(UNK)(UNK)(UNK)(UNK)(UNK)(UNK)
(UNK)(UNK)(UNK)(UNK)(UNK)(UNK)(UNK)(UNK)(UNK)(UNK)(UNK)(UNK)(UNK)(UNK)(UNK)(UNK)
(UNK)(UNK)(UNK)(UNK)(UNK)(UNK)(UNK)(UNK)(UNK)(UNK)(UNK)(UNK)(UNK)(UNK)(UNK)(UNK)
(UNK)(UNK)(UNK)(UNK)(UNK)(UNK)(UNK)(UNK)(UNK)(UNK)(UNK)(UNK)(UNK)(UNK)(UNK)(UNK)
(UNK)(UNK)(UNK)(UNK)(UNK)(UNK)(UNK)(UNK)(UNK)(UNK)(UNK)(UNK)(UNK)(UNK)(UNK)(UNK)
(UNK)(UNK)(UNK)(UNK)(UNK)(UNK)(UNK)(UNK)(UNK)(UNK)(UNK)(UNK)(UNK)(UNK)(UNK)(UNK)
(UNK)(UNK)(UNK)(UNK)(UNK)(UNK)(UNK)(UNK)(UNK)(UNK)(UNK)(UNK)(UNK)(UNK)(UNK)(UNK)
(UNK)(UNK)(UNK)(UNK)(UNK)(UNK)(UNK)(UNK)(UNK)(UNK)(UNK)(UNK)(UNK)(UNK)(UNK)(UNK)
(UNK)(UNK)(UNK)(UNK)(UNK)(UNK)(UNK)(UNK)(UNK)(UNK)(UNK)(UNK)(UNK)(UNK)(UNK)(UNK)
(UNK)(UNK)(UNK)(UNK)(UNK)(UNK)(UNK)(UNK)(UNK)(UNK)(UNK)(UNK)(UNK)(UNK)(UNK)(UNK)
(UNK)(UNK)(UNK)(UNK)(UNK)(UNK)(UNK)(UNK)(UNK)(UNK)(UNK)(UNK)(UNK)(UNK)(UNK)(UNK)
(UNK)(UNK)(UNK)(UNK)(UNK)(UNK)(UNK)(UNK)(UNK)(UNK)(UNK)(UNK)(UNK)(UNK)(UNK)(UNK)
(UNK)(UNK)(UNK)(UNK)(UNK)(UNK)(UNK)(UNK)(UNK)(UNK)(UNK)(UNK)(UNK)(UNK)(UNK)(UNK)
(UNK)(UNK)(UNK)(UNK)(UNK)(UNK)(UNK)(UNK)(UNK)(UNK)(UNK)(UNK)(UNK)(UNK)(UNK)(UNK)
(UNK)(UNK)(UNK)(UNK)(UNK)(UNK)(UNK)(UNK)(UNK)(UNK)(UNK)(UNK)TRYQQIMKRLIKRYVLKAQV
DKENDEVNEGELKEIKQDISSLRYELLEDKSQATEELAILIHKLSEKLNPSMLRCE
;
_entity_poly.pdbx_strand_id   A,B,C,D
#
# COMPACT_ATOMS: atom_id res chain seq x y z
N THR A 42 -52.57 -19.63 -1.88
CA THR A 42 -51.32 -18.89 -2.03
C THR A 42 -50.13 -19.82 -1.86
N ALA A 43 -50.40 -21.12 -1.70
CA ALA A 43 -49.32 -22.09 -1.82
C ALA A 43 -48.90 -22.22 -3.27
N GLU A 44 -49.84 -22.05 -4.20
CA GLU A 44 -49.49 -21.95 -5.60
C GLU A 44 -48.81 -20.64 -5.92
N GLU A 45 -49.03 -19.59 -5.11
CA GLU A 45 -48.15 -18.42 -5.20
C GLU A 45 -46.71 -18.78 -4.86
N GLU A 46 -46.51 -19.73 -3.94
CA GLU A 46 -45.17 -20.19 -3.67
C GLU A 46 -44.66 -21.12 -4.76
N ARG A 47 -45.58 -21.83 -5.43
CA ARG A 47 -45.20 -22.52 -6.65
C ARG A 47 -44.72 -21.55 -7.71
N PHE A 48 -45.35 -20.39 -7.80
CA PHE A 48 -44.87 -19.37 -8.72
C PHE A 48 -43.62 -18.67 -8.20
N LEU A 49 -43.43 -18.62 -6.87
CA LEU A 49 -42.15 -18.20 -6.31
C LEU A 49 -41.02 -19.10 -6.78
N ASP A 50 -41.26 -20.41 -6.78
CA ASP A 50 -40.24 -21.34 -7.23
C ASP A 50 -40.07 -21.27 -8.74
N ALA A 51 -41.18 -21.27 -9.48
CA ALA A 51 -41.15 -21.20 -10.94
C ALA A 51 -40.79 -19.82 -11.47
N ALA A 52 -40.61 -18.83 -10.60
CA ALA A 52 -40.18 -17.50 -11.00
C ALA A 52 -38.75 -17.22 -10.58
N GLU A 53 -38.41 -17.49 -9.32
CA GLU A 53 -37.04 -17.36 -8.87
C GLU A 53 -36.13 -18.40 -9.50
N TYR A 54 -36.68 -19.49 -10.02
CA TYR A 54 -35.87 -20.55 -10.58
C TYR A 54 -36.38 -21.07 -11.91
N GLY A 55 -37.52 -20.60 -12.41
CA GLY A 55 -37.96 -20.97 -13.75
C GLY A 55 -38.34 -22.42 -13.95
N ASN A 56 -39.26 -22.94 -13.13
CA ASN A 56 -39.72 -24.31 -13.27
C ASN A 56 -40.58 -24.40 -14.53
N ILE A 57 -39.96 -24.90 -15.61
CA ILE A 57 -40.55 -24.74 -16.95
C ILE A 57 -41.90 -25.43 -17.13
N PRO A 58 -42.11 -26.70 -16.73
CA PRO A 58 -43.48 -27.24 -16.86
C PRO A 58 -44.46 -26.61 -15.90
N VAL A 59 -43.99 -26.10 -14.76
CA VAL A 59 -44.87 -25.37 -13.86
C VAL A 59 -45.27 -24.04 -14.50
N VAL A 60 -44.33 -23.39 -15.19
CA VAL A 60 -44.65 -22.16 -15.92
C VAL A 60 -45.60 -22.46 -17.08
N ARG A 61 -45.46 -23.62 -17.70
CA ARG A 61 -46.36 -23.97 -18.79
C ARG A 61 -47.77 -24.26 -18.30
N LYS A 62 -47.91 -25.28 -17.45
CA LYS A 62 -49.23 -25.77 -17.08
C LYS A 62 -49.90 -24.88 -16.04
N MET A 63 -49.14 -24.32 -15.11
CA MET A 63 -49.74 -23.51 -14.06
C MET A 63 -50.10 -22.11 -14.53
N LEU A 64 -49.62 -21.68 -15.69
CA LEU A 64 -50.10 -20.45 -16.30
C LEU A 64 -51.16 -20.70 -17.35
N GLU A 65 -51.71 -21.91 -17.40
CA GLU A 65 -52.93 -22.18 -18.13
C GLU A 65 -54.17 -21.87 -17.31
N GLU A 66 -53.99 -21.47 -16.07
CA GLU A 66 -55.07 -21.01 -15.20
C GLU A 66 -55.24 -19.50 -15.37
N SER A 67 -56.01 -18.88 -14.48
CA SER A 67 -56.28 -17.45 -14.55
C SER A 67 -55.91 -16.81 -13.21
N LYS A 68 -54.73 -16.20 -13.14
CA LYS A 68 -54.26 -15.55 -11.92
C LYS A 68 -53.56 -14.25 -12.26
N THR A 69 -54.08 -13.15 -11.72
CA THR A 69 -53.36 -11.87 -11.70
C THR A 69 -52.39 -11.78 -10.53
N LEU A 70 -52.38 -12.80 -9.67
CA LEU A 70 -51.40 -12.89 -8.59
C LEU A 70 -49.99 -13.03 -9.13
N ASN A 71 -49.86 -13.56 -10.35
CA ASN A 71 -48.59 -13.61 -11.06
C ASN A 71 -47.98 -12.22 -11.24
N VAL A 72 -48.82 -11.20 -11.42
CA VAL A 72 -48.31 -9.90 -11.83
C VAL A 72 -47.83 -9.16 -10.60
N ASN A 73 -46.58 -9.43 -10.22
CA ASN A 73 -45.79 -8.72 -9.20
C ASN A 73 -46.42 -8.70 -7.80
N CYS A 74 -47.47 -9.50 -7.57
CA CYS A 74 -48.14 -9.57 -6.29
C CYS A 74 -47.64 -10.75 -5.47
N VAL A 75 -46.41 -11.21 -5.73
CA VAL A 75 -46.01 -12.53 -5.29
C VAL A 75 -45.36 -12.48 -3.91
N ASP A 76 -44.47 -11.53 -3.66
CA ASP A 76 -44.13 -11.20 -2.29
C ASP A 76 -45.24 -10.35 -1.68
N TYR A 77 -45.44 -10.50 -0.37
CA TYR A 77 -46.42 -9.69 0.35
C TYR A 77 -45.90 -8.30 0.66
N MET A 78 -44.64 -8.04 0.34
CA MET A 78 -44.03 -6.71 0.27
C MET A 78 -43.38 -6.54 -1.11
N GLY A 79 -44.19 -6.83 -2.14
CA GLY A 79 -43.79 -7.22 -3.49
C GLY A 79 -42.63 -6.52 -4.18
N GLN A 80 -41.55 -7.27 -4.34
CA GLN A 80 -40.26 -6.73 -4.77
C GLN A 80 -40.01 -6.93 -6.26
N ASN A 81 -40.92 -6.43 -7.11
CA ASN A 81 -40.85 -6.49 -8.58
C ASN A 81 -40.73 -7.94 -9.08
N ALA A 82 -41.77 -8.72 -8.78
CA ALA A 82 -41.68 -10.17 -8.86
C ALA A 82 -41.64 -10.72 -10.28
N LEU A 83 -42.33 -10.09 -11.23
CA LEU A 83 -42.21 -10.50 -12.63
C LEU A 83 -40.79 -10.29 -13.13
N GLN A 84 -40.17 -9.19 -12.75
CA GLN A 84 -38.80 -8.96 -13.15
C GLN A 84 -37.81 -9.77 -12.32
N LEU A 85 -38.22 -10.19 -11.12
CA LEU A 85 -37.47 -11.23 -10.42
C LEU A 85 -37.49 -12.54 -11.20
N ALA A 86 -38.60 -12.83 -11.87
CA ALA A 86 -38.59 -13.94 -12.81
C ALA A 86 -37.73 -13.63 -14.02
N VAL A 87 -37.62 -12.35 -14.39
CA VAL A 87 -36.82 -11.99 -15.56
C VAL A 87 -35.32 -12.07 -15.24
N GLY A 88 -34.92 -11.62 -14.06
CA GLY A 88 -33.53 -11.29 -13.74
C GLY A 88 -32.55 -12.46 -13.77
N ASN A 89 -33.02 -13.70 -13.86
CA ASN A 89 -32.13 -14.85 -13.94
C ASN A 89 -31.97 -15.27 -15.40
N GLU A 90 -31.20 -16.32 -15.62
CA GLU A 90 -30.95 -16.83 -16.96
C GLU A 90 -32.08 -17.68 -17.50
N HIS A 91 -33.26 -17.67 -16.90
CA HIS A 91 -34.35 -18.52 -17.39
C HIS A 91 -35.05 -17.77 -18.51
N LEU A 92 -34.35 -17.69 -19.64
CA LEU A 92 -34.73 -16.76 -20.69
C LEU A 92 -35.94 -17.26 -21.43
N GLU A 93 -36.05 -18.58 -21.57
CA GLU A 93 -37.25 -19.15 -22.17
C GLU A 93 -38.44 -19.02 -21.23
N VAL A 94 -38.18 -19.00 -19.91
CA VAL A 94 -39.27 -18.72 -18.98
C VAL A 94 -39.72 -17.27 -19.12
N THR A 95 -38.78 -16.35 -19.38
CA THR A 95 -39.17 -14.98 -19.69
C THR A 95 -39.94 -14.90 -20.99
N GLU A 96 -39.60 -15.73 -21.97
CA GLU A 96 -40.35 -15.74 -23.22
C GLU A 96 -41.74 -16.33 -23.04
N LEU A 97 -41.89 -17.30 -22.14
CA LEU A 97 -43.22 -17.79 -21.79
C LEU A 97 -44.03 -16.73 -21.09
N LEU A 98 -43.36 -15.87 -20.31
CA LEU A 98 -44.03 -14.67 -19.81
C LEU A 98 -44.36 -13.71 -20.94
N LEU A 99 -43.52 -13.67 -21.98
CA LEU A 99 -43.78 -12.81 -23.13
C LEU A 99 -44.93 -13.30 -23.97
N LYS A 100 -45.28 -14.59 -23.88
CA LYS A 100 -46.39 -15.10 -24.67
C LYS A 100 -47.72 -14.63 -24.13
N LYS A 101 -47.80 -14.29 -22.85
CA LYS A 101 -49.03 -13.82 -22.22
C LYS A 101 -48.73 -12.49 -21.53
N GLU A 102 -49.13 -11.40 -22.16
CA GLU A 102 -48.73 -10.07 -21.70
C GLU A 102 -49.92 -9.18 -21.42
N ASN A 103 -50.90 -9.69 -20.67
CA ASN A 103 -52.01 -8.85 -20.26
C ASN A 103 -51.55 -7.78 -19.27
N LEU A 104 -50.68 -8.15 -18.34
CA LEU A 104 -50.25 -7.24 -17.29
C LEU A 104 -48.79 -7.50 -16.97
N ALA A 105 -47.97 -6.46 -17.05
CA ALA A 105 -46.54 -6.56 -16.73
C ALA A 105 -46.04 -5.17 -16.38
N ARG A 106 -44.72 -5.05 -16.20
CA ARG A 106 -44.08 -3.76 -16.07
C ARG A 106 -42.97 -3.64 -17.09
N ILE A 107 -42.65 -2.39 -17.45
CA ILE A 107 -41.70 -2.12 -18.53
C ILE A 107 -40.56 -1.24 -18.02
N GLY A 108 -40.91 -0.08 -17.46
CA GLY A 108 -39.89 0.88 -17.04
C GLY A 108 -39.02 0.36 -15.92
N ASP A 109 -39.60 -0.41 -15.00
CA ASP A 109 -38.80 -1.08 -13.97
C ASP A 109 -37.90 -2.15 -14.58
N ALA A 110 -38.33 -2.76 -15.69
CA ALA A 110 -37.47 -3.71 -16.38
C ALA A 110 -36.37 -3.01 -17.15
N LEU A 111 -36.67 -1.82 -17.69
CA LEU A 111 -35.66 -0.94 -18.26
C LEU A 111 -34.60 -0.58 -17.23
N LEU A 112 -35.00 -0.34 -15.99
CA LEU A 112 -34.05 -0.16 -14.90
C LEU A 112 -33.23 -1.41 -14.66
N LEU A 113 -33.90 -2.52 -14.34
CA LEU A 113 -33.21 -3.68 -13.77
C LEU A 113 -32.45 -4.48 -14.82
N ALA A 114 -33.17 -5.03 -15.81
CA ALA A 114 -32.65 -6.18 -16.54
C ALA A 114 -31.56 -5.80 -17.53
N ILE A 115 -31.53 -4.55 -17.97
CA ILE A 115 -30.62 -4.19 -19.05
C ILE A 115 -29.19 -4.00 -18.52
N SER A 116 -29.05 -3.59 -17.25
CA SER A 116 -27.72 -3.32 -16.71
C SER A 116 -26.91 -4.60 -16.52
N LYS A 117 -27.56 -5.70 -16.17
CA LYS A 117 -26.84 -6.96 -16.15
C LYS A 117 -26.64 -7.46 -17.58
N GLY A 118 -25.75 -8.43 -17.72
CA GLY A 118 -25.21 -8.85 -19.01
C GLY A 118 -26.13 -9.54 -20.00
N TYR A 119 -27.42 -9.61 -19.69
CA TYR A 119 -28.38 -10.34 -20.50
C TYR A 119 -28.66 -9.60 -21.79
N VAL A 120 -27.99 -10.00 -22.86
CA VAL A 120 -28.22 -9.38 -24.16
C VAL A 120 -29.55 -9.84 -24.73
N ARG A 121 -29.90 -11.11 -24.50
CA ARG A 121 -31.11 -11.68 -25.07
C ARG A 121 -32.36 -11.09 -24.42
N ILE A 122 -32.28 -10.74 -23.13
CA ILE A 122 -33.41 -10.06 -22.50
C ILE A 122 -33.56 -8.66 -23.08
N VAL A 123 -32.46 -8.00 -23.44
CA VAL A 123 -32.54 -6.72 -24.13
C VAL A 123 -33.19 -6.89 -25.50
N GLU A 124 -32.91 -8.01 -26.17
CA GLU A 124 -33.60 -8.32 -27.42
C GLU A 124 -35.09 -8.55 -27.19
N ALA A 125 -35.44 -9.18 -26.07
CA ALA A 125 -36.84 -9.41 -25.75
C ALA A 125 -37.56 -8.11 -25.44
N ILE A 126 -36.90 -7.20 -24.75
CA ILE A 126 -37.45 -5.86 -24.51
C ILE A 126 -37.56 -5.09 -25.82
N LEU A 127 -36.68 -5.36 -26.76
CA LEU A 127 -36.87 -4.75 -28.07
C LEU A 127 -37.90 -5.48 -28.91
N ASN A 128 -38.39 -6.64 -28.48
CA ASN A 128 -39.48 -7.28 -29.21
C ASN A 128 -40.84 -6.73 -28.81
N HIS A 129 -41.29 -7.04 -27.58
CA HIS A 129 -42.64 -6.69 -27.17
C HIS A 129 -42.79 -5.29 -26.54
N PRO A 130 -41.87 -4.77 -25.72
CA PRO A 130 -41.89 -3.32 -25.46
C PRO A 130 -41.44 -2.46 -26.63
N GLY A 131 -41.10 -3.05 -27.78
CA GLY A 131 -41.08 -2.27 -29.01
C GLY A 131 -42.46 -1.77 -29.39
N PHE A 132 -43.50 -2.50 -29.00
CA PHE A 132 -44.85 -1.95 -29.05
C PHE A 132 -45.01 -0.77 -28.11
N ALA A 133 -44.30 -0.78 -26.99
CA ALA A 133 -44.28 0.36 -26.08
C ALA A 133 -43.32 1.42 -26.57
N ILE A 166 -33.85 10.17 -14.65
CA ILE A 166 -33.68 8.73 -14.71
C ILE A 166 -34.00 8.23 -16.12
N THR A 167 -32.96 7.87 -16.87
CA THR A 167 -33.08 7.54 -18.29
C THR A 167 -32.37 6.23 -18.58
N PRO A 168 -32.98 5.34 -19.39
CA PRO A 168 -32.46 3.97 -19.54
C PRO A 168 -31.23 3.87 -20.42
N ILE A 169 -31.17 4.71 -21.44
CA ILE A 169 -30.09 4.65 -22.42
C ILE A 169 -28.78 5.07 -21.79
N ILE A 170 -28.83 6.06 -20.90
CA ILE A 170 -27.68 6.44 -20.09
C ILE A 170 -27.28 5.33 -19.14
N LEU A 171 -28.25 4.57 -18.60
CA LEU A 171 -27.95 3.45 -17.71
C LEU A 171 -27.15 2.37 -18.42
N ALA A 172 -27.65 1.92 -19.58
CA ALA A 172 -26.92 0.93 -20.36
C ALA A 172 -25.67 1.51 -21.00
N ALA A 173 -25.57 2.83 -21.12
CA ALA A 173 -24.35 3.46 -21.61
C ALA A 173 -23.24 3.33 -20.58
N HIS A 174 -23.48 3.82 -19.36
CA HIS A 174 -22.38 3.84 -18.40
C HIS A 174 -22.12 2.47 -17.81
N CYS A 175 -23.14 1.62 -17.69
CA CYS A 175 -22.90 0.25 -17.26
C CYS A 175 -22.27 -0.58 -18.38
N GLN A 176 -22.36 -0.09 -19.62
CA GLN A 176 -21.52 -0.50 -20.74
C GLN A 176 -21.60 -1.97 -21.17
N LYS A 177 -22.59 -2.28 -21.99
CA LYS A 177 -22.50 -3.38 -22.95
C LYS A 177 -22.50 -2.82 -24.37
N TYR A 178 -21.47 -3.18 -25.14
CA TYR A 178 -21.23 -2.56 -26.45
C TYR A 178 -22.25 -3.01 -27.49
N GLU A 179 -22.65 -4.27 -27.46
CA GLU A 179 -23.65 -4.68 -28.41
C GLU A 179 -25.04 -4.21 -28.00
N VAL A 180 -25.23 -3.88 -26.73
CA VAL A 180 -26.41 -3.13 -26.36
C VAL A 180 -26.34 -1.71 -26.90
N VAL A 181 -25.13 -1.15 -27.06
CA VAL A 181 -25.00 0.13 -27.75
C VAL A 181 -25.30 -0.02 -29.25
N HIS A 182 -24.98 -1.19 -29.83
CA HIS A 182 -25.46 -1.49 -31.18
C HIS A 182 -26.98 -1.58 -31.24
N MET A 183 -27.60 -2.13 -30.19
CA MET A 183 -29.06 -2.14 -30.16
C MET A 183 -29.63 -0.76 -29.92
N LEU A 184 -28.87 0.13 -29.30
CA LEU A 184 -29.25 1.54 -29.25
C LEU A 184 -29.15 2.17 -30.63
N LEU A 185 -28.14 1.75 -31.42
CA LEU A 185 -28.04 2.18 -32.80
C LEU A 185 -29.15 1.61 -33.67
N MET A 186 -29.78 0.52 -33.24
CA MET A 186 -31.03 0.10 -33.89
C MET A 186 -32.13 1.11 -33.68
N LYS A 187 -32.12 1.82 -32.55
CA LYS A 187 -32.94 3.01 -32.39
C LYS A 187 -32.18 4.23 -32.89
N GLY A 188 -32.84 5.37 -32.85
CA GLY A 188 -32.13 6.63 -32.95
C GLY A 188 -32.34 7.46 -31.71
N ALA A 189 -31.32 7.54 -30.86
CA ALA A 189 -31.40 8.32 -29.62
C ALA A 189 -29.97 8.54 -29.15
N ARG A 190 -29.51 9.79 -29.19
CA ARG A 190 -28.18 10.11 -28.73
C ARG A 190 -28.20 11.33 -27.81
N CYS A 201 -27.85 23.26 -21.40
CA CYS A 201 -28.99 23.30 -22.31
C CYS A 201 -30.14 24.06 -21.67
N GLY A 202 -29.85 25.27 -21.18
CA GLY A 202 -30.77 26.01 -20.33
C GLY A 202 -32.00 26.56 -21.03
N ASP A 203 -32.80 25.66 -21.58
CA ASP A 203 -34.04 26.02 -22.28
C ASP A 203 -35.18 26.06 -21.28
N CYS A 204 -36.42 26.09 -21.79
CA CYS A 204 -37.58 25.99 -20.92
C CYS A 204 -37.67 24.63 -20.25
N MET A 205 -37.18 23.58 -20.91
CA MET A 205 -37.32 22.23 -20.40
C MET A 205 -36.48 22.00 -19.14
N GLU A 206 -35.29 22.62 -19.08
CA GLU A 206 -34.50 22.51 -17.86
C GLU A 206 -35.02 23.45 -16.76
N LYS A 207 -35.70 24.53 -17.13
CA LYS A 207 -36.12 25.51 -16.15
C LYS A 207 -37.48 25.18 -15.55
N GLN A 208 -38.37 24.53 -16.30
CA GLN A 208 -39.71 24.26 -15.81
C GLN A 208 -39.77 23.22 -14.71
N ARG A 209 -38.69 22.49 -14.46
CA ARG A 209 -38.52 21.77 -13.19
C ARG A 209 -37.93 22.77 -12.22
N HIS A 210 -38.79 23.66 -11.73
CA HIS A 210 -38.37 24.90 -11.11
C HIS A 210 -37.82 24.67 -9.71
N ASP A 211 -36.74 25.38 -9.40
CA ASP A 211 -36.35 25.82 -8.05
C ASP A 211 -36.01 24.69 -7.08
N SER A 212 -36.03 23.44 -7.52
CA SER A 212 -35.74 22.31 -6.65
C SER A 212 -34.31 21.83 -6.78
N PHE A 213 -33.82 21.73 -8.02
CA PHE A 213 -32.45 21.51 -8.44
C PHE A 213 -31.92 20.12 -8.08
N SER A 214 -32.69 19.28 -7.38
CA SER A 214 -32.45 17.85 -7.44
C SER A 214 -32.75 17.32 -8.83
N HIS A 215 -33.68 17.99 -9.53
CA HIS A 215 -33.77 17.79 -10.99
C HIS A 215 -32.48 18.20 -11.67
N SER A 216 -31.86 19.30 -11.25
CA SER A 216 -30.58 19.66 -11.83
C SER A 216 -29.49 18.70 -11.38
N ARG A 217 -29.61 18.14 -10.19
CA ARG A 217 -28.71 17.06 -9.78
C ARG A 217 -28.87 15.84 -10.66
N SER A 218 -30.11 15.55 -11.08
CA SER A 218 -30.33 14.46 -12.02
C SER A 218 -29.81 14.81 -13.41
N ARG A 219 -29.84 16.09 -13.76
CA ARG A 219 -29.22 16.53 -15.02
C ARG A 219 -27.71 16.35 -14.96
N ILE A 220 -27.11 16.67 -13.80
CA ILE A 220 -25.71 16.40 -13.54
C ILE A 220 -25.43 14.91 -13.67
N ASN A 221 -26.32 14.08 -13.13
CA ASN A 221 -26.19 12.63 -13.24
C ASN A 221 -26.35 12.14 -14.67
N ALA A 222 -27.13 12.85 -15.47
CA ALA A 222 -27.30 12.49 -16.87
C ALA A 222 -26.04 12.80 -17.65
N TYR A 223 -25.42 13.95 -17.39
CA TYR A 223 -24.13 14.22 -17.99
C TYR A 223 -23.00 13.42 -17.33
N LYS A 224 -23.26 12.79 -16.17
CA LYS A 224 -22.38 11.74 -15.67
C LYS A 224 -22.50 10.49 -16.51
N GLY A 225 -23.66 10.29 -17.13
CA GLY A 225 -23.81 9.22 -18.07
C GLY A 225 -23.00 9.37 -19.32
N LEU A 226 -22.51 10.58 -19.62
CA LEU A 226 -21.62 10.83 -20.74
C LEU A 226 -20.20 10.33 -20.52
N ALA A 227 -19.91 9.60 -19.44
CA ALA A 227 -18.52 9.37 -19.06
C ALA A 227 -17.87 8.24 -19.85
N SER A 228 -18.06 8.23 -21.17
CA SER A 228 -17.19 7.68 -22.20
C SER A 228 -16.71 6.23 -22.12
N PRO A 229 -17.56 5.21 -21.96
CA PRO A 229 -17.12 3.89 -22.42
C PRO A 229 -17.64 3.58 -23.83
N ALA A 230 -18.62 4.33 -24.29
CA ALA A 230 -19.22 4.12 -25.60
C ALA A 230 -19.32 5.37 -26.43
N TYR A 231 -19.05 6.54 -25.88
CA TYR A 231 -19.25 7.79 -26.59
C TYR A 231 -18.21 8.03 -27.66
N LEU A 232 -17.14 7.25 -27.66
CA LEU A 232 -16.26 7.23 -28.82
C LEU A 232 -16.97 6.59 -30.00
N SER A 233 -17.89 5.66 -29.72
CA SER A 233 -18.73 5.04 -30.75
C SER A 233 -20.10 5.69 -30.86
N LEU A 234 -20.62 6.27 -29.76
CA LEU A 234 -21.93 6.93 -29.82
C LEU A 234 -21.88 8.18 -30.66
N SER A 235 -20.83 8.99 -30.50
CA SER A 235 -20.49 9.95 -31.53
C SER A 235 -20.10 9.20 -32.79
N SER A 236 -20.59 9.67 -33.94
CA SER A 236 -20.46 8.90 -35.16
C SER A 236 -19.01 8.84 -35.64
N GLU A 237 -18.36 9.99 -35.79
CA GLU A 237 -16.98 10.02 -36.25
C GLU A 237 -16.22 11.11 -35.51
N ASP A 238 -14.90 10.90 -35.44
CA ASP A 238 -13.95 11.81 -34.81
C ASP A 238 -14.30 12.24 -33.38
N PRO A 239 -14.25 11.32 -32.42
CA PRO A 239 -14.64 11.67 -31.06
C PRO A 239 -13.56 12.42 -30.29
N VAL A 240 -12.38 12.60 -30.88
CA VAL A 240 -11.27 13.21 -30.16
C VAL A 240 -11.53 14.69 -29.92
N LEU A 241 -11.98 15.39 -30.96
CA LEU A 241 -12.31 16.80 -30.83
C LEU A 241 -13.50 17.00 -29.90
N THR A 242 -14.44 16.06 -29.94
CA THR A 242 -15.60 16.10 -29.06
C THR A 242 -15.16 15.95 -27.61
N ALA A 243 -14.23 15.04 -27.35
CA ALA A 243 -13.73 14.85 -26.01
C ALA A 243 -12.89 16.03 -25.55
N LEU A 244 -12.20 16.71 -26.48
CA LEU A 244 -11.48 17.94 -26.17
C LEU A 244 -12.42 19.02 -25.68
N GLU A 245 -13.47 19.29 -26.47
CA GLU A 245 -14.41 20.34 -26.11
C GLU A 245 -15.19 19.99 -24.85
N LEU A 246 -15.54 18.71 -24.69
CA LEU A 246 -16.21 18.27 -23.48
C LEU A 246 -15.30 18.39 -22.26
N SER A 247 -14.01 18.10 -22.42
CA SER A 247 -13.07 18.24 -21.32
C SER A 247 -12.89 19.69 -20.91
N ASN A 248 -12.92 20.60 -21.89
CA ASN A 248 -12.87 22.02 -21.55
C ASN A 248 -14.17 22.46 -20.86
N GLU A 249 -15.30 21.88 -21.26
CA GLU A 249 -16.54 22.10 -20.53
C GLU A 249 -16.49 21.50 -19.14
N LEU A 250 -15.71 20.44 -18.96
CA LEU A 250 -15.54 19.86 -17.63
C LEU A 250 -14.65 20.74 -16.77
N ALA A 251 -13.67 21.41 -17.39
CA ALA A 251 -12.94 22.43 -16.66
C ALA A 251 -13.86 23.56 -16.24
N LYS A 252 -14.82 23.91 -17.10
CA LYS A 252 -15.84 24.88 -16.73
C LYS A 252 -16.70 24.37 -15.58
N LEU A 253 -17.07 23.09 -15.61
CA LEU A 253 -17.86 22.49 -14.54
C LEU A 253 -17.05 22.37 -13.25
N ALA A 254 -15.74 22.23 -13.37
CA ALA A 254 -14.88 22.27 -12.20
C ALA A 254 -14.77 23.69 -11.67
N ASN A 255 -14.90 24.68 -12.54
CA ASN A 255 -14.98 26.06 -12.07
C ASN A 255 -16.32 26.33 -11.39
N ILE A 256 -17.36 25.59 -11.77
CA ILE A 256 -18.64 25.65 -11.09
C ILE A 256 -18.52 24.87 -9.79
N GLU A 257 -19.00 25.47 -8.69
CA GLU A 257 -18.76 24.92 -7.37
C GLU A 257 -19.89 24.01 -6.89
N LYS A 258 -20.60 23.35 -7.79
CA LYS A 258 -21.66 22.44 -7.38
C LYS A 258 -21.09 21.16 -6.80
N GLU A 259 -20.42 20.38 -7.65
CA GLU A 259 -19.89 19.07 -7.27
C GLU A 259 -18.59 18.88 -8.05
N PHE A 260 -17.47 19.03 -7.37
CA PHE A 260 -16.18 19.00 -8.04
C PHE A 260 -15.80 17.59 -8.47
N LYS A 261 -15.89 16.64 -7.53
CA LYS A 261 -15.25 15.33 -7.66
C LYS A 261 -15.84 14.52 -8.80
N ASN A 262 -17.14 14.64 -9.04
CA ASN A 262 -17.76 13.95 -10.15
C ASN A 262 -17.29 14.53 -11.48
N ASP A 263 -17.09 15.84 -11.52
CA ASP A 263 -16.54 16.47 -12.70
C ASP A 263 -15.09 16.04 -12.91
N TYR A 264 -14.34 15.82 -11.83
CA TYR A 264 -13.01 15.24 -11.96
C TYR A 264 -13.05 13.82 -12.48
N ARG A 265 -14.07 13.05 -12.08
CA ARG A 265 -14.23 11.69 -12.60
C ARG A 265 -14.53 11.71 -14.09
N LYS A 266 -15.37 12.65 -14.52
CA LYS A 266 -15.65 12.79 -15.95
C LYS A 266 -14.39 13.21 -16.71
N LEU A 267 -13.61 14.11 -16.11
CA LEU A 267 -12.31 14.50 -16.64
C LEU A 267 -11.40 13.30 -16.81
N SER A 268 -11.37 12.44 -15.80
CA SER A 268 -10.55 11.24 -15.86
C SER A 268 -11.01 10.32 -16.99
N MET A 269 -12.32 10.18 -17.16
CA MET A 269 -12.82 9.30 -18.22
C MET A 269 -12.50 9.84 -19.61
N GLN A 270 -12.59 11.15 -19.80
CA GLN A 270 -12.31 11.68 -21.13
C GLN A 270 -10.81 11.73 -21.41
N CYS A 271 -10.00 12.06 -20.40
CA CYS A 271 -8.56 11.96 -20.58
C CYS A 271 -8.14 10.52 -20.83
N LYS A 272 -8.85 9.56 -20.27
CA LYS A 272 -8.55 8.18 -20.60
C LYS A 272 -9.08 7.78 -21.97
N ASP A 273 -10.02 8.57 -22.49
CA ASP A 273 -10.47 8.43 -23.90
C ASP A 273 -9.27 8.80 -24.77
N PHE A 274 -8.51 9.84 -24.36
CA PHE A 274 -7.32 10.28 -25.08
C PHE A 274 -6.18 9.29 -24.92
N VAL A 275 -6.04 8.73 -23.73
CA VAL A 275 -5.02 7.71 -23.47
C VAL A 275 -5.28 6.47 -24.32
N VAL A 276 -6.55 6.08 -24.44
CA VAL A 276 -6.96 5.02 -25.34
C VAL A 276 -6.60 5.36 -26.78
N GLY A 277 -6.95 6.57 -27.22
CA GLY A 277 -6.70 7.02 -28.57
C GLY A 277 -5.24 7.12 -28.94
N VAL A 278 -4.36 7.27 -27.95
CA VAL A 278 -2.93 7.21 -28.21
C VAL A 278 -2.51 5.79 -28.56
N LEU A 279 -3.03 4.81 -27.83
CA LEU A 279 -2.35 3.53 -27.70
C LEU A 279 -2.73 2.51 -28.77
N ASP A 280 -2.98 2.97 -29.99
CA ASP A 280 -2.87 2.09 -31.15
C ASP A 280 -1.69 2.54 -31.99
N LEU A 281 -0.54 2.75 -31.33
CA LEU A 281 0.66 3.28 -31.96
C LEU A 281 1.27 2.25 -32.92
N CYS A 282 0.59 1.96 -34.02
CA CYS A 282 1.01 0.96 -34.98
C CYS A 282 1.38 1.59 -36.32
N ARG A 283 0.46 2.33 -36.91
CA ARG A 283 0.74 3.19 -38.05
C ARG A 283 0.61 4.63 -37.58
N ASP A 284 1.75 5.31 -37.47
CA ASP A 284 1.74 6.69 -37.01
C ASP A 284 1.15 7.62 -38.06
N SER A 285 1.10 7.19 -39.32
CA SER A 285 0.39 7.93 -40.36
C SER A 285 -1.08 8.10 -40.01
N GLU A 286 -1.70 7.04 -39.48
CA GLU A 286 -3.10 7.09 -39.10
C GLU A 286 -3.34 8.07 -37.96
N GLU A 287 -2.37 8.22 -37.09
CA GLU A 287 -2.51 9.10 -35.94
C GLU A 287 -2.13 10.54 -36.23
N VAL A 288 -1.26 10.76 -37.23
CA VAL A 288 -1.05 12.12 -37.71
C VAL A 288 -2.26 12.56 -38.53
N GLU A 289 -2.94 11.62 -39.18
CA GLU A 289 -4.28 11.92 -39.69
C GLU A 289 -5.24 12.26 -38.56
N ALA A 290 -5.15 11.52 -37.45
CA ALA A 290 -5.95 11.85 -36.27
C ALA A 290 -5.51 13.17 -35.66
N ILE A 291 -4.26 13.24 -35.22
CA ILE A 291 -3.72 14.47 -34.64
C ILE A 291 -3.08 15.21 -35.80
N LEU A 292 -3.88 16.04 -36.48
CA LEU A 292 -3.36 16.84 -37.58
C LEU A 292 -2.36 17.88 -37.10
N ASN A 293 -2.56 18.42 -35.90
CA ASN A 293 -1.58 19.21 -35.19
C ASN A 293 -1.70 18.94 -33.70
N GLY A 294 -0.56 18.86 -33.02
CA GLY A 294 -0.53 18.54 -31.61
C GLY A 294 -1.00 19.67 -30.70
N ASP A 295 -1.29 20.85 -31.26
CA ASP A 295 -1.81 21.96 -30.47
C ASP A 295 -3.21 21.69 -29.92
N LEU A 296 -3.89 20.69 -30.49
CA LEU A 296 -5.12 20.17 -29.90
C LEU A 296 -4.89 19.71 -28.47
N GLU A 297 -3.71 19.15 -28.19
CA GLU A 297 -3.34 18.80 -26.82
C GLU A 297 -3.20 20.03 -25.94
N SER A 298 -2.76 21.16 -26.50
CA SER A 298 -2.81 22.40 -25.75
C SER A 298 -4.24 22.88 -25.58
N ALA A 299 -5.12 22.48 -26.50
CA ALA A 299 -6.56 22.64 -26.28
C ALA A 299 -7.03 21.80 -25.11
N GLU A 300 -6.32 20.72 -24.80
CA GLU A 300 -6.48 20.09 -23.49
C GLU A 300 -6.13 21.04 -22.37
N PRO A 301 -4.99 21.72 -22.51
CA PRO A 301 -4.23 22.31 -21.39
C PRO A 301 -4.07 21.28 -20.27
N LEU A 302 -3.36 20.20 -20.62
CA LEU A 302 -3.15 19.09 -19.70
C LEU A 302 -1.79 18.46 -20.00
N GLU A 303 -1.56 17.25 -19.48
CA GLU A 303 -0.29 16.57 -19.66
C GLU A 303 -0.26 15.65 -20.87
N VAL A 304 -1.42 15.27 -21.40
CA VAL A 304 -1.67 14.61 -22.68
C VAL A 304 -1.25 13.16 -22.77
N HIS A 305 -0.52 12.67 -21.76
CA HIS A 305 -0.02 11.29 -21.66
C HIS A 305 0.70 10.86 -22.94
N ARG A 306 1.65 11.69 -23.36
CA ARG A 306 2.32 11.52 -24.66
C ARG A 306 3.22 10.29 -24.60
N HIS A 307 2.73 9.17 -25.13
CA HIS A 307 3.53 7.95 -25.18
C HIS A 307 4.60 8.03 -26.25
N LYS A 308 4.20 8.29 -27.48
CA LYS A 308 5.15 8.37 -28.58
C LYS A 308 5.56 9.81 -28.85
N ALA A 309 6.71 9.95 -29.49
CA ALA A 309 7.29 11.23 -29.87
C ALA A 309 7.79 11.15 -31.30
N SER A 310 6.92 10.68 -32.19
CA SER A 310 7.32 10.32 -33.56
C SER A 310 7.73 11.54 -34.37
N LEU A 311 6.88 12.58 -34.39
CA LEU A 311 7.25 13.79 -35.11
C LEU A 311 8.32 14.60 -34.40
N SER A 312 8.55 14.32 -33.11
CA SER A 312 9.56 15.01 -32.33
C SER A 312 10.99 14.72 -32.78
N ARG A 313 11.19 13.71 -33.62
CA ARG A 313 12.43 13.59 -34.36
C ARG A 313 12.66 14.82 -35.24
N VAL A 314 11.65 15.16 -36.04
CA VAL A 314 11.75 16.37 -36.85
C VAL A 314 11.49 17.61 -36.01
N LYS A 315 10.64 17.50 -34.99
CA LYS A 315 10.28 18.68 -34.21
C LYS A 315 11.30 18.97 -33.12
N LEU A 316 11.42 18.08 -32.14
CA LEU A 316 12.22 18.37 -30.96
C LEU A 316 13.70 18.13 -31.21
N UNK A 391 14.10 18.00 -34.36
CA UNK A 391 15.17 18.76 -35.00
C UNK A 391 15.00 20.26 -34.76
N UNK A 392 13.83 20.78 -35.17
CA UNK A 392 13.62 22.21 -35.29
C UNK A 392 13.67 22.90 -33.93
N UNK A 393 13.00 22.33 -32.93
CA UNK A 393 13.09 22.83 -31.57
C UNK A 393 14.50 22.74 -31.01
N UNK A 394 15.27 21.72 -31.43
CA UNK A 394 16.70 21.69 -31.13
C UNK A 394 17.39 22.93 -31.66
N UNK A 395 17.07 23.31 -32.90
CA UNK A 395 17.51 24.58 -33.46
C UNK A 395 17.03 25.74 -32.59
N UNK A 396 15.76 25.70 -32.17
CA UNK A 396 15.25 26.70 -31.24
C UNK A 396 15.95 26.63 -29.90
N UNK A 397 16.30 25.41 -29.46
CA UNK A 397 17.07 25.26 -28.24
C UNK A 397 18.45 25.88 -28.39
N UNK A 398 19.01 25.79 -29.60
CA UNK A 398 20.27 26.47 -29.90
C UNK A 398 20.12 27.97 -29.73
N UNK A 399 18.98 28.51 -30.21
CA UNK A 399 18.68 29.92 -29.99
C UNK A 399 18.55 30.21 -28.50
N UNK A 400 17.92 29.30 -27.76
CA UNK A 400 17.84 29.42 -26.31
C UNK A 400 19.22 29.38 -25.69
N UNK A 401 20.12 28.54 -26.24
CA UNK A 401 21.49 28.50 -25.77
C UNK A 401 22.18 29.83 -26.01
N UNK A 402 21.90 30.46 -27.16
CA UNK A 402 22.43 31.78 -27.44
C UNK A 402 21.91 32.79 -26.42
N UNK A 403 20.62 32.66 -26.08
CA UNK A 403 20.05 33.50 -25.04
C UNK A 403 20.74 33.26 -23.71
N UNK A 404 21.02 31.98 -23.41
CA UNK A 404 21.78 31.65 -22.21
C UNK A 404 23.18 32.24 -22.28
N UNK A 405 23.79 32.21 -23.48
CA UNK A 405 25.08 32.83 -23.68
C UNK A 405 25.01 34.33 -23.45
N UNK A 406 23.90 34.94 -23.86
CA UNK A 406 23.71 36.37 -23.61
C UNK A 406 23.60 36.65 -22.12
N UNK A 407 22.96 35.73 -21.38
CA UNK A 407 22.93 35.85 -19.93
C UNK A 407 24.32 35.69 -19.36
N UNK A 408 25.12 34.79 -19.95
CA UNK A 408 26.52 34.67 -19.57
C UNK A 408 27.28 35.93 -19.92
N UNK A 409 26.90 36.58 -21.03
CA UNK A 409 27.47 37.88 -21.35
C UNK A 409 27.07 38.90 -20.30
N UNK A 410 25.82 38.82 -19.82
CA UNK A 410 25.39 39.66 -18.71
C UNK A 410 26.13 39.31 -17.44
N UNK A 411 26.59 38.06 -17.32
CA UNK A 411 27.41 37.68 -16.18
C UNK A 411 28.82 38.21 -16.28
N UNK A 412 29.27 38.63 -17.46
CA UNK A 412 30.67 38.93 -17.68
C UNK A 412 31.07 40.34 -17.28
N UNK A 413 30.28 41.03 -16.46
CA UNK A 413 30.57 42.42 -16.14
C UNK A 413 31.70 42.59 -15.13
N UNK A 414 32.21 41.51 -14.54
CA UNK A 414 33.28 41.61 -13.56
C UNK A 414 34.61 41.91 -14.24
N UNK A 415 31.96 48.62 -23.71
CA UNK A 415 32.24 47.49 -22.83
C UNK A 415 31.08 47.26 -21.87
N UNK A 416 31.14 47.92 -20.72
CA UNK A 416 30.01 47.87 -19.79
C UNK A 416 28.81 48.60 -20.37
N UNK A 417 29.05 49.69 -21.10
CA UNK A 417 28.00 50.31 -21.89
C UNK A 417 27.52 49.36 -22.98
N UNK A 418 28.44 48.61 -23.59
CA UNK A 418 28.05 47.60 -24.57
C UNK A 418 27.34 46.43 -23.91
N UNK A 419 27.69 46.12 -22.66
CA UNK A 419 26.97 45.08 -21.92
C UNK A 419 25.55 45.52 -21.63
N UNK A 420 25.38 46.78 -21.22
CA UNK A 420 24.03 47.33 -21.05
C UNK A 420 23.29 47.43 -22.37
N UNK A 421 24.00 47.61 -23.47
CA UNK A 421 23.39 47.62 -24.79
C UNK A 421 22.86 46.23 -25.16
N UNK A 422 23.64 45.19 -24.88
CA UNK A 422 23.17 43.82 -25.13
C UNK A 422 22.00 43.47 -24.22
N UNK A 423 22.02 43.97 -22.98
CA UNK A 423 20.91 43.78 -22.06
C UNK A 423 19.64 44.46 -22.56
N UNK A 424 19.77 45.70 -23.04
CA UNK A 424 18.63 46.41 -23.60
C UNK A 424 18.15 45.77 -24.89
N UNK A 425 19.05 45.14 -25.63
CA UNK A 425 18.67 44.38 -26.83
C UNK A 425 17.82 43.17 -26.46
N UNK A 426 18.22 42.43 -25.42
CA UNK A 426 17.41 41.31 -24.96
C UNK A 426 16.07 41.77 -24.38
N UNK A 427 16.07 42.92 -23.71
CA UNK A 427 14.83 43.47 -23.16
C UNK A 427 13.86 43.91 -24.25
N UNK A 428 14.38 44.56 -25.29
CA UNK A 428 13.52 44.94 -26.42
C UNK A 428 13.07 43.72 -27.21
N UNK A 429 13.88 42.66 -27.25
CA UNK A 429 13.45 41.42 -27.87
C UNK A 429 12.30 40.78 -27.10
N UNK A 430 12.38 40.80 -25.76
CA UNK A 430 11.28 40.28 -24.96
C UNK A 430 10.03 41.14 -25.10
N UNK A 431 10.20 42.46 -25.18
CA UNK A 431 9.06 43.36 -25.35
C UNK A 431 8.40 43.19 -26.70
N UNK A 432 9.20 42.94 -27.75
CA UNK A 432 8.63 42.65 -29.06
C UNK A 432 7.98 41.28 -29.09
N UNK A 433 8.51 40.33 -28.31
CA UNK A 433 7.91 38.99 -28.26
C UNK A 433 6.60 38.99 -27.49
N UNK A 434 6.43 39.94 -26.56
CA UNK A 434 5.22 40.01 -25.76
C UNK A 434 4.05 40.70 -26.47
N UNK A 435 4.11 40.90 -27.79
CA UNK A 435 3.06 41.60 -28.51
C UNK A 435 1.80 40.76 -28.71
N UNK A 436 1.90 39.45 -28.56
CA UNK A 436 0.73 38.58 -28.75
C UNK A 436 -0.12 38.55 -27.49
N UNK A 437 2.24 31.07 -18.68
CA UNK A 437 3.17 32.17 -18.93
C UNK A 437 3.73 32.72 -17.62
N UNK A 438 3.90 31.83 -16.64
CA UNK A 438 4.42 32.23 -15.34
C UNK A 438 5.88 32.62 -15.44
N UNK A 439 6.70 31.75 -16.04
CA UNK A 439 8.10 32.10 -16.28
C UNK A 439 8.22 33.20 -17.33
N UNK A 440 7.25 33.30 -18.24
CA UNK A 440 7.21 34.43 -19.16
C UNK A 440 6.93 35.73 -18.43
N UNK A 441 6.06 35.68 -17.42
CA UNK A 441 5.83 36.85 -16.57
C UNK A 441 7.07 37.18 -15.75
N UNK A 442 7.81 36.16 -15.33
CA UNK A 442 9.08 36.39 -14.64
C UNK A 442 10.11 37.04 -15.56
N UNK A 443 10.13 36.63 -16.83
CA UNK A 443 11.04 37.23 -17.79
C UNK A 443 10.64 38.67 -18.10
N UNK A 444 9.34 38.94 -18.15
CA UNK A 444 8.87 40.31 -18.37
C UNK A 444 9.21 41.21 -17.19
N UNK A 445 9.08 40.67 -15.97
CA UNK A 445 9.47 41.42 -14.78
C UNK A 445 10.98 41.63 -14.73
N UNK A 446 11.76 40.66 -15.21
CA UNK A 446 13.20 40.82 -15.27
C UNK A 446 13.59 41.89 -16.29
N UNK A 447 12.89 41.92 -17.42
CA UNK A 447 13.13 42.96 -18.42
C UNK A 447 12.71 44.33 -17.88
N UNK A 448 11.66 44.38 -17.08
CA UNK A 448 11.25 45.63 -16.46
C UNK A 448 12.27 46.11 -15.45
N UNK A 449 12.84 45.19 -14.66
CA UNK A 449 13.88 45.55 -13.71
C UNK A 449 15.14 46.01 -14.42
N UNK A 450 15.47 45.37 -15.55
CA UNK A 450 16.62 45.78 -16.34
C UNK A 450 16.41 47.15 -16.96
N UNK A 451 15.18 47.43 -17.42
CA UNK A 451 14.88 48.74 -17.99
C UNK A 451 14.91 49.83 -16.93
N UNK A 452 14.44 49.52 -15.73
CA UNK A 452 14.48 50.48 -14.63
C UNK A 452 15.92 50.75 -14.21
N UNK A 453 16.76 49.71 -14.17
CA UNK A 453 18.17 49.90 -13.84
C UNK A 453 18.90 50.70 -14.91
N UNK A 454 18.56 50.47 -16.18
CA UNK A 454 19.17 51.22 -17.26
C UNK A 454 18.72 52.67 -17.24
N UNK A 455 17.46 52.93 -16.89
CA UNK A 455 16.98 54.29 -16.79
C UNK A 455 17.62 55.02 -15.61
N UNK A 456 17.82 54.31 -14.50
CA UNK A 456 18.48 54.93 -13.35
C UNK A 456 19.95 55.20 -13.64
N UNK A 457 20.62 54.30 -14.35
CA UNK A 457 22.00 54.53 -14.75
C UNK A 457 22.10 55.67 -15.76
N UNK A 458 21.11 55.81 -16.65
CA UNK A 458 21.11 56.91 -17.61
C UNK A 458 20.87 58.24 -16.90
N UNK A 459 20.01 58.25 -15.89
CA UNK A 459 19.81 59.46 -15.09
C UNK A 459 21.05 59.82 -14.31
N UNK A 460 21.76 58.81 -13.79
CA UNK A 460 23.02 59.07 -13.09
C UNK A 460 24.09 59.58 -14.03
N UNK A 461 24.12 59.07 -15.27
CA UNK A 461 25.09 59.56 -16.24
C UNK A 461 24.75 60.96 -16.73
N UNK A 462 23.45 61.28 -16.80
CA UNK A 462 23.05 62.63 -17.19
C UNK A 462 23.35 63.63 -16.08
N UNK A 463 23.16 63.23 -14.82
CA UNK A 463 23.53 64.11 -13.71
C UNK A 463 25.04 64.22 -13.57
N UNK A 464 25.78 63.18 -13.96
CA UNK A 464 27.23 63.22 -13.88
C UNK A 464 27.82 64.09 -14.99
N UNK A 465 27.34 63.92 -16.22
CA UNK A 465 27.82 64.68 -17.35
C UNK A 465 27.05 65.98 -17.56
N UNK A 466 26.40 66.50 -16.53
CA UNK A 466 25.65 67.74 -16.66
C UNK A 466 26.57 68.94 -16.76
N UNK A 467 27.39 69.15 -15.73
CA UNK A 467 28.29 70.29 -15.73
C UNK A 467 29.53 69.99 -16.58
N UNK A 468 30.33 71.03 -16.79
CA UNK A 468 31.55 70.90 -17.58
C UNK A 468 32.61 71.87 -17.08
N UNK A 469 23.04 60.09 -4.23
CA UNK A 469 22.41 58.94 -3.57
C UNK A 469 21.63 58.10 -4.57
N UNK A 470 21.39 58.67 -5.76
CA UNK A 470 20.64 57.96 -6.78
C UNK A 470 21.46 56.87 -7.46
N UNK A 471 22.79 56.97 -7.44
CA UNK A 471 23.63 55.93 -8.01
C UNK A 471 23.55 54.65 -7.20
N UNK A 472 23.33 54.75 -5.89
CA UNK A 472 23.08 53.57 -5.07
C UNK A 472 21.78 52.90 -5.48
N UNK A 473 20.75 53.69 -5.80
CA UNK A 473 19.49 53.13 -6.28
C UNK A 473 19.67 52.49 -7.66
N UNK A 474 20.54 53.08 -8.49
CA UNK A 474 20.84 52.49 -9.80
C UNK A 474 21.54 51.15 -9.66
N UNK A 475 22.52 51.07 -8.76
CA UNK A 475 23.21 49.80 -8.51
C UNK A 475 22.29 48.77 -7.86
N UNK A 476 21.36 49.22 -7.03
CA UNK A 476 20.42 48.29 -6.40
C UNK A 476 19.45 47.72 -7.42
N UNK A 477 18.95 48.56 -8.34
CA UNK A 477 18.10 48.06 -9.41
C UNK A 477 18.89 47.15 -10.35
N UNK A 478 20.17 47.44 -10.56
CA UNK A 478 21.02 46.56 -11.36
C UNK A 478 21.20 45.20 -10.71
N UNK A 479 21.41 45.17 -9.40
CA UNK A 479 21.56 43.89 -8.69
C UNK A 479 20.25 43.12 -8.66
N UNK A 480 19.13 43.83 -8.51
CA UNK A 480 17.83 43.17 -8.54
C UNK A 480 17.53 42.57 -9.91
N UNK A 481 17.86 43.31 -10.97
CA UNK A 481 17.70 42.77 -12.31
C UNK A 481 18.67 41.63 -12.58
N UNK A 482 19.85 41.65 -11.97
CA UNK A 482 20.80 40.55 -12.13
C UNK A 482 20.28 39.28 -11.46
N UNK A 483 19.70 39.43 -10.26
CA UNK A 483 19.09 38.29 -9.60
C UNK A 483 17.89 37.77 -10.37
N UNK A 484 17.09 38.70 -10.93
CA UNK A 484 15.93 38.28 -11.73
C UNK A 484 16.36 37.59 -13.02
N UNK A 485 17.47 38.01 -13.62
CA UNK A 485 17.97 37.34 -14.82
C UNK A 485 18.56 35.98 -14.50
N UNK A 486 19.19 35.85 -13.33
CA UNK A 486 19.63 34.53 -12.88
C UNK A 486 18.44 33.60 -12.65
N UNK A 487 17.36 34.15 -12.10
CA UNK A 487 16.13 33.37 -11.92
C UNK A 487 15.52 32.97 -13.25
N UNK A 488 15.54 33.88 -14.22
CA UNK A 488 15.01 33.56 -15.55
C UNK A 488 15.87 32.53 -16.27
N UNK A 489 17.19 32.58 -16.06
CA UNK A 489 18.07 31.57 -16.62
C UNK A 489 17.83 30.21 -15.99
N UNK A 490 17.53 30.20 -14.70
CA UNK A 490 17.11 28.95 -14.07
C UNK A 490 15.73 28.51 -14.55
N UNK A 491 14.90 29.45 -15.01
CA UNK A 491 13.53 29.18 -15.40
C UNK A 491 13.39 28.65 -16.82
N UNK A 492 14.45 28.10 -17.41
CA UNK A 492 14.36 27.53 -18.75
C UNK A 492 15.13 26.22 -18.86
N UNK A 493 15.20 25.45 -17.78
CA UNK A 493 16.07 24.28 -17.78
C UNK A 493 15.40 23.07 -18.45
N UNK A 494 14.34 22.55 -17.83
CA UNK A 494 13.70 21.28 -18.17
C UNK A 494 14.73 20.15 -18.28
N UNK A 495 15.60 20.05 -17.27
CA UNK A 495 16.80 19.23 -17.34
C UNK A 495 16.48 17.81 -16.86
N UNK A 496 16.54 16.86 -17.81
CA UNK A 496 16.42 15.42 -17.58
C UNK A 496 15.10 15.02 -16.93
N UNK A 497 14.06 15.83 -17.12
CA UNK A 497 12.74 15.69 -16.50
C UNK A 497 12.84 15.51 -14.98
N UNK A 498 13.63 16.38 -14.36
CA UNK A 498 13.95 16.24 -12.95
C UNK A 498 13.49 17.40 -12.08
N UNK A 499 13.09 18.53 -12.65
CA UNK A 499 12.75 19.73 -11.90
C UNK A 499 11.26 19.89 -11.72
N UNK A 500 10.52 18.80 -11.56
CA UNK A 500 9.07 18.86 -11.61
C UNK A 500 8.46 19.31 -10.29
N UNK A 501 8.66 18.53 -9.23
CA UNK A 501 7.75 18.56 -8.09
C UNK A 501 7.97 19.73 -7.14
N UNK A 502 9.02 20.53 -7.34
CA UNK A 502 9.28 21.63 -6.42
C UNK A 502 8.28 22.76 -6.57
N UNK A 503 7.56 22.83 -7.68
CA UNK A 503 6.60 23.90 -7.90
C UNK A 503 5.33 23.70 -7.07
N UNK A 504 4.78 22.50 -7.09
CA UNK A 504 3.61 22.20 -6.26
C UNK A 504 3.96 22.23 -4.79
N UNK A 505 5.17 21.79 -4.46
CA UNK A 505 5.68 21.94 -3.10
C UNK A 505 5.79 23.40 -2.71
N UNK A 506 6.21 24.25 -3.64
CA UNK A 506 6.30 25.68 -3.36
C UNK A 506 4.92 26.31 -3.20
N UNK A 507 3.91 25.80 -3.92
CA UNK A 507 2.56 26.35 -3.79
C UNK A 507 1.94 25.98 -2.44
N UNK A 508 2.05 24.70 -2.06
CA UNK A 508 1.55 24.28 -0.76
C UNK A 508 2.34 24.93 0.37
N UNK A 509 3.64 25.13 0.17
CA UNK A 509 4.45 25.85 1.14
C UNK A 509 4.09 27.33 1.19
N UNK A 510 3.62 27.89 0.08
CA UNK A 510 3.15 29.27 0.10
C UNK A 510 1.87 29.40 0.91
N UNK A 511 0.98 28.42 0.80
CA UNK A 511 -0.23 28.42 1.63
C UNK A 511 0.11 28.27 3.11
N UNK A 512 0.96 27.29 3.45
CA UNK A 512 1.35 27.06 4.82
C UNK A 512 2.15 28.24 5.38
N UNK A 513 2.97 28.87 4.54
CA UNK A 513 3.75 30.02 4.97
C UNK A 513 2.88 31.25 5.10
N UNK A 514 1.77 31.32 4.36
CA UNK A 514 0.82 32.39 4.58
C UNK A 514 0.16 32.28 5.95
N UNK A 515 -0.25 31.06 6.31
CA UNK A 515 -0.79 30.85 7.66
C UNK A 515 0.25 31.13 8.73
N UNK A 516 1.48 30.65 8.52
CA UNK A 516 2.57 30.88 9.45
C UNK A 516 2.95 32.34 9.54
N UNK A 517 2.85 33.08 8.43
CA UNK A 517 3.17 34.49 8.45
C UNK A 517 2.08 35.31 9.13
N UNK A 518 0.83 34.86 9.03
CA UNK A 518 -0.24 35.49 9.81
C UNK A 518 0.01 35.31 11.31
N UNK A 519 0.37 34.09 11.71
CA UNK A 519 0.69 33.84 13.12
C UNK A 519 1.94 34.60 13.56
N UNK A 520 2.92 34.73 12.67
CA UNK A 520 4.16 35.41 13.01
C UNK A 520 3.96 36.91 13.12
N UNK A 521 3.09 37.47 12.26
CA UNK A 521 2.75 38.89 12.36
C UNK A 521 1.98 39.16 13.64
N UNK A 522 1.11 38.23 14.04
CA UNK A 522 0.41 38.36 15.31
C UNK A 522 1.38 38.33 16.49
N UNK A 523 2.33 37.40 16.48
CA UNK A 523 3.30 37.30 17.56
C UNK A 523 4.23 38.51 17.58
N UNK A 524 4.57 39.04 16.41
CA UNK A 524 5.45 40.21 16.35
C UNK A 524 4.75 41.47 16.83
N UNK A 525 3.47 41.63 16.47
CA UNK A 525 2.69 42.75 16.97
C UNK A 525 2.49 42.65 18.48
N UNK A 526 2.39 41.43 19.00
CA UNK A 526 2.44 41.26 20.45
C UNK A 526 3.81 41.64 21.00
N UNK A 527 4.87 41.33 20.26
CA UNK A 527 6.23 41.61 20.67
C UNK A 527 6.64 43.07 20.45
N UNK A 528 5.72 43.91 19.96
CA UNK A 528 6.01 45.33 19.78
C UNK A 528 6.23 46.07 21.10
N UNK A 529 5.77 45.51 22.22
CA UNK A 529 5.98 46.13 23.53
C UNK A 529 7.45 46.06 23.94
N UNK A 530 13.80 44.01 20.35
CA UNK A 530 13.47 45.43 20.18
C UNK A 530 11.96 45.63 20.18
N UNK A 531 11.52 46.75 19.64
CA UNK A 531 10.11 47.10 19.63
C UNK A 531 9.54 47.23 18.22
N UNK A 532 10.18 48.02 17.35
CA UNK A 532 9.58 48.36 16.07
C UNK A 532 9.95 47.38 14.96
N UNK A 533 11.24 47.26 14.65
CA UNK A 533 11.69 46.40 13.57
C UNK A 533 12.09 45.01 14.06
N UNK A 534 11.75 44.66 15.30
CA UNK A 534 12.13 43.39 15.90
C UNK A 534 11.49 42.20 15.20
N UNK A 535 10.38 42.40 14.48
CA UNK A 535 9.82 41.38 13.60
C UNK A 535 10.85 40.91 12.59
N UNK A 536 11.59 41.85 11.99
CA UNK A 536 12.71 41.51 11.13
C UNK A 536 13.77 40.73 11.90
N UNK A 537 13.99 41.09 13.17
CA UNK A 537 14.86 40.30 14.05
C UNK A 537 14.34 38.88 14.18
N UNK A 538 13.03 38.73 14.35
CA UNK A 538 12.42 37.40 14.35
C UNK A 538 12.58 36.73 13.00
N UNK A 539 12.52 37.52 11.92
CA UNK A 539 12.75 37.00 10.58
C UNK A 539 14.19 36.53 10.42
N UNK A 540 15.11 37.07 11.21
CA UNK A 540 16.43 36.45 11.27
C UNK A 540 16.42 35.27 12.24
N UNK A 541 15.77 35.44 13.39
CA UNK A 541 15.94 34.50 14.49
C UNK A 541 15.22 33.18 14.26
N UNK A 542 14.34 33.10 13.26
CA UNK A 542 13.78 31.81 12.86
C UNK A 542 14.87 30.91 12.31
N UNK A 543 15.86 31.48 11.63
CA UNK A 543 17.07 30.78 11.25
C UNK A 543 18.23 31.12 12.20
N UNK A 544 17.91 31.51 13.43
CA UNK A 544 18.84 31.93 14.47
C UNK A 544 19.80 33.03 14.03
N UNK A 545 13.13 42.34 36.00
CA UNK A 545 11.84 42.41 36.67
C UNK A 545 10.89 41.36 36.11
N UNK A 546 9.60 41.71 36.06
CA UNK A 546 8.64 40.84 35.39
C UNK A 546 8.79 40.90 33.87
N UNK A 547 9.51 41.90 33.36
CA UNK A 547 9.87 41.92 31.94
C UNK A 547 10.79 40.77 31.58
N UNK A 548 11.56 40.26 32.54
CA UNK A 548 12.33 39.03 32.31
C UNK A 548 11.41 37.85 32.09
N UNK A 549 10.33 37.75 32.89
CA UNK A 549 9.33 36.72 32.66
C UNK A 549 8.59 36.95 31.35
N UNK A 550 8.42 38.21 30.96
CA UNK A 550 7.80 38.52 29.67
C UNK A 550 8.68 38.07 28.51
N UNK A 551 9.99 38.28 28.62
CA UNK A 551 10.92 37.83 27.59
C UNK A 551 11.02 36.31 27.56
N UNK A 552 10.89 35.67 28.73
CA UNK A 552 10.84 34.21 28.77
C UNK A 552 9.59 33.68 28.08
N UNK A 553 8.44 34.32 28.31
CA UNK A 553 7.23 33.96 27.60
C UNK A 553 7.32 34.26 26.12
N UNK A 554 8.07 35.30 25.75
CA UNK A 554 8.28 35.62 24.34
C UNK A 554 9.13 34.56 23.64
N UNK A 555 10.19 34.10 24.30
CA UNK A 555 10.97 33.00 23.78
C UNK A 555 10.16 31.71 23.75
N UNK A 556 9.23 31.54 24.69
CA UNK A 556 8.32 30.40 24.67
C UNK A 556 7.38 30.47 23.47
N UNK A 557 6.91 31.67 23.15
CA UNK A 557 6.08 31.84 21.96
C UNK A 557 6.88 31.61 20.69
N UNK A 558 8.15 32.00 20.69
CA UNK A 558 9.01 31.76 19.54
C UNK A 558 9.26 30.26 19.37
N UNK A 559 9.44 29.53 20.47
CA UNK A 559 9.62 28.10 20.39
C UNK A 559 8.32 27.40 20.00
N UNK A 560 7.18 27.93 20.41
CA UNK A 560 5.91 27.40 19.95
C UNK A 560 5.72 27.64 18.46
N UNK A 561 6.20 28.78 17.96
CA UNK A 561 6.20 29.02 16.53
C UNK A 561 7.13 28.06 15.80
N UNK A 562 8.25 27.70 16.43
CA UNK A 562 9.13 26.68 15.86
C UNK A 562 8.45 25.32 15.83
N UNK A 563 7.66 25.02 16.86
CA UNK A 563 6.87 23.81 16.87
C UNK A 563 5.82 23.83 15.77
N UNK A 564 5.25 25.01 15.51
CA UNK A 564 4.31 25.15 14.41
C UNK A 564 5.00 24.97 13.07
N UNK A 565 6.25 25.40 12.97
CA UNK A 565 7.03 25.18 11.74
C UNK A 565 7.33 23.70 11.56
N UNK A 566 7.59 23.00 12.66
CA UNK A 566 7.75 21.56 12.60
C UNK A 566 6.46 20.88 12.19
N UNK A 567 5.33 21.39 12.65
CA UNK A 567 4.04 20.86 12.24
C UNK A 567 3.77 21.10 10.76
N UNK A 568 4.21 22.25 10.26
CA UNK A 568 4.04 22.55 8.83
C UNK A 568 4.94 21.65 7.99
N UNK A 569 6.15 21.38 8.46
CA UNK A 569 7.03 20.45 7.76
C UNK A 569 6.47 19.04 7.80
N UNK A 570 5.85 18.65 8.91
CA UNK A 570 5.22 17.34 9.02
C UNK A 570 4.00 17.24 8.10
N UNK A 571 3.25 18.33 7.96
CA UNK A 571 2.11 18.33 7.06
C UNK A 571 2.56 18.29 5.61
N UNK A 572 3.67 18.97 5.30
CA UNK A 572 4.22 18.89 3.94
C UNK A 572 4.73 17.49 3.64
N UNK A 573 5.33 16.84 4.64
CA UNK A 573 5.75 15.45 4.46
C UNK A 573 4.55 14.52 4.31
N UNK A 574 3.46 14.82 5.00
CA UNK A 574 2.23 14.05 4.84
C UNK A 574 1.63 14.26 3.45
N UNK A 575 1.77 15.47 2.91
CA UNK A 575 1.34 15.73 1.54
C UNK A 575 2.22 14.99 0.56
N UNK A 576 3.52 14.88 0.86
CA UNK A 576 4.42 14.08 0.05
C UNK A 576 4.07 12.61 0.12
N UNK A 577 3.55 12.15 1.26
CA UNK A 577 3.06 10.78 1.36
C UNK A 577 1.82 10.57 0.51
N UNK A 578 1.01 11.61 0.33
CA UNK A 578 -0.15 11.54 -0.53
C UNK A 578 0.28 11.60 -1.99
N UNK A 579 5.51 7.47 -13.02
CA UNK A 579 4.31 8.21 -12.65
C UNK A 579 4.55 9.71 -12.76
N UNK A 580 5.20 10.27 -11.73
CA UNK A 580 5.54 11.68 -11.76
C UNK A 580 6.63 11.98 -12.78
N UNK A 581 7.50 11.00 -13.04
CA UNK A 581 8.49 11.15 -14.09
C UNK A 581 7.84 11.23 -15.47
N UNK A 582 6.70 10.55 -15.65
CA UNK A 582 5.94 10.70 -16.88
C UNK A 582 5.38 12.10 -17.04
N UNK A 583 4.91 12.70 -15.93
CA UNK A 583 4.43 14.07 -15.98
C UNK A 583 5.57 15.05 -16.23
N UNK A 584 6.74 14.77 -15.66
CA UNK A 584 7.89 15.63 -15.88
C UNK A 584 8.39 15.55 -17.32
N UNK A 585 8.42 14.34 -17.87
CA UNK A 585 8.80 14.16 -19.27
C UNK A 585 7.76 14.76 -20.20
N UNK A 586 6.48 14.71 -19.82
CA UNK A 586 5.43 15.32 -20.64
C UNK A 586 5.51 16.84 -20.59
N UNK A 587 5.88 17.40 -19.45
CA UNK A 587 6.03 18.84 -19.35
C UNK A 587 7.27 19.32 -20.10
N UNK A 588 8.37 18.56 -20.01
CA UNK A 588 9.56 18.91 -20.78
C UNK A 588 9.31 18.73 -22.28
N UNK A 589 8.51 17.74 -22.66
CA UNK A 589 8.12 17.59 -24.05
C UNK A 589 7.17 18.70 -24.48
N UNK A 590 6.37 19.22 -23.56
CA UNK A 590 5.54 20.37 -23.86
C UNK A 590 6.39 21.61 -24.07
N UNK A 591 7.48 21.73 -23.30
CA UNK A 591 8.43 22.81 -23.52
C UNK A 591 9.13 22.67 -24.86
N UNK A 592 9.51 21.45 -25.22
CA UNK A 592 10.10 21.20 -26.53
C UNK A 592 9.11 21.45 -27.66
N UNK A 593 7.83 21.17 -27.42
CA UNK A 593 6.81 21.44 -28.42
C UNK A 593 6.56 22.93 -28.56
N UNK A 594 6.66 23.67 -27.46
CA UNK A 594 6.58 25.13 -27.54
C UNK A 594 7.77 25.70 -28.28
N UNK A 595 8.95 25.10 -28.09
CA UNK A 595 10.12 25.52 -28.85
C UNK A 595 9.99 25.17 -30.32
N UNK A 596 9.34 24.05 -30.63
CA UNK A 596 9.11 23.68 -32.01
C UNK A 596 8.06 24.58 -32.65
N UNK A 597 7.05 24.98 -31.88
CA UNK A 597 6.07 25.94 -32.37
C UNK A 597 6.69 27.31 -32.57
N UNK A 598 7.67 27.67 -31.72
CA UNK A 598 8.47 28.85 -31.97
C UNK A 598 9.31 28.70 -33.23
N UNK A 599 9.78 27.49 -33.51
CA UNK A 599 10.46 27.22 -34.78
C UNK A 599 9.48 27.10 -35.94
N UNK A 600 8.22 26.78 -35.67
CA UNK A 600 7.22 26.69 -36.73
C UNK A 600 6.55 28.04 -36.96
N THR A 601 -13.35 9.24 -47.74
CA THR A 601 -13.89 8.23 -46.85
C THR A 601 -12.78 7.32 -46.33
N ARG A 602 -11.60 7.43 -46.96
CA ARG A 602 -10.45 6.63 -46.55
C ARG A 602 -10.00 6.98 -45.14
N TYR A 603 -9.96 8.28 -44.83
CA TYR A 603 -9.75 8.75 -43.47
C TYR A 603 -10.79 8.16 -42.52
N GLN A 604 -12.05 8.14 -42.95
CA GLN A 604 -13.12 7.56 -42.14
C GLN A 604 -12.95 6.08 -41.95
N GLN A 605 -12.53 5.36 -43.00
CA GLN A 605 -12.30 3.92 -42.88
C GLN A 605 -11.12 3.60 -41.98
N ILE A 606 -10.11 4.48 -41.97
CA ILE A 606 -9.01 4.35 -41.04
C ILE A 606 -9.51 4.55 -39.60
N MET A 607 -10.39 5.53 -39.39
CA MET A 607 -11.02 5.70 -38.08
C MET A 607 -11.84 4.48 -37.69
N LYS A 608 -12.47 3.83 -38.68
CA LYS A 608 -13.24 2.62 -38.44
C LYS A 608 -12.34 1.48 -37.99
N ARG A 609 -11.21 1.30 -38.66
CA ARG A 609 -10.21 0.30 -38.26
C ARG A 609 -9.76 0.53 -36.83
N LEU A 610 -9.48 1.81 -36.51
CA LEU A 610 -9.13 2.22 -35.15
C LEU A 610 -10.17 1.77 -34.14
N ILE A 611 -11.43 2.19 -34.34
CA ILE A 611 -12.44 1.99 -33.31
C ILE A 611 -12.83 0.52 -33.19
N LYS A 612 -12.76 -0.25 -34.29
CA LYS A 612 -12.99 -1.68 -34.20
C LYS A 612 -11.91 -2.36 -33.37
N ARG A 613 -10.65 -1.96 -33.56
CA ARG A 613 -9.59 -2.47 -32.70
C ARG A 613 -9.78 -2.03 -31.26
N TYR A 614 -10.29 -0.81 -31.04
CA TYR A 614 -10.48 -0.33 -29.69
C TYR A 614 -11.57 -1.10 -28.96
N VAL A 615 -12.69 -1.38 -29.64
CA VAL A 615 -13.76 -2.09 -28.96
C VAL A 615 -13.37 -3.56 -28.76
N LEU A 616 -12.58 -4.14 -29.68
CA LEU A 616 -12.12 -5.51 -29.52
C LEU A 616 -11.18 -5.63 -28.33
N LYS A 617 -10.18 -4.74 -28.26
CA LYS A 617 -9.24 -4.80 -27.17
C LYS A 617 -9.88 -4.38 -25.85
N ALA A 618 -10.89 -3.52 -25.89
CA ALA A 618 -11.58 -3.11 -24.68
C ALA A 618 -12.39 -4.26 -24.10
N GLN A 619 -13.11 -4.98 -24.94
CA GLN A 619 -13.91 -6.07 -24.41
C GLN A 619 -13.02 -7.22 -23.96
N VAL A 620 -11.88 -7.44 -24.61
CA VAL A 620 -11.04 -8.53 -24.09
C VAL A 620 -10.34 -8.09 -22.79
N ASP A 621 -10.04 -6.79 -22.64
CA ASP A 621 -9.40 -6.33 -21.41
C ASP A 621 -10.37 -6.36 -20.24
N LYS A 622 -11.64 -6.03 -20.47
CA LYS A 622 -12.59 -6.21 -19.38
C LYS A 622 -12.89 -7.68 -19.15
N GLU A 623 -12.63 -8.55 -20.13
CA GLU A 623 -12.64 -9.97 -19.85
C GLU A 623 -11.37 -10.47 -19.18
N ASN A 624 -10.36 -9.62 -18.99
CA ASN A 624 -9.19 -10.01 -18.21
C ASN A 624 -9.28 -9.67 -16.73
N ASP A 625 -10.48 -9.50 -16.17
CA ASP A 625 -10.61 -8.95 -14.83
C ASP A 625 -11.18 -9.98 -13.86
N GLU A 626 -11.22 -9.62 -12.58
CA GLU A 626 -11.78 -10.57 -11.63
C GLU A 626 -13.30 -10.50 -11.67
N VAL A 627 -13.94 -11.51 -11.09
CA VAL A 627 -15.35 -11.78 -11.35
C VAL A 627 -16.18 -11.59 -10.09
N ASN A 628 -17.49 -11.77 -10.20
CA ASN A 628 -18.36 -11.51 -9.06
C ASN A 628 -19.31 -12.66 -8.75
N GLU A 629 -20.25 -12.42 -7.85
CA GLU A 629 -21.13 -13.49 -7.40
C GLU A 629 -22.25 -13.77 -8.38
N GLY A 630 -22.63 -12.77 -9.18
CA GLY A 630 -23.81 -12.90 -10.01
C GLY A 630 -23.67 -13.93 -11.09
N GLU A 631 -22.45 -14.14 -11.57
CA GLU A 631 -22.19 -15.21 -12.51
C GLU A 631 -22.42 -16.57 -11.87
N LEU A 632 -22.02 -16.69 -10.61
CA LEU A 632 -22.29 -17.93 -9.87
C LEU A 632 -23.78 -18.09 -9.63
N LYS A 633 -24.49 -16.98 -9.40
CA LYS A 633 -25.95 -17.04 -9.28
C LYS A 633 -26.57 -17.57 -10.57
N GLU A 634 -26.10 -17.07 -11.71
CA GLU A 634 -26.60 -17.52 -13.00
C GLU A 634 -26.27 -18.98 -13.24
N ILE A 635 -25.12 -19.45 -12.76
CA ILE A 635 -24.82 -20.85 -13.02
C ILE A 635 -25.61 -21.75 -12.09
N LYS A 636 -25.96 -21.28 -10.89
CA LYS A 636 -26.86 -22.08 -10.04
C LYS A 636 -28.24 -22.15 -10.64
N GLN A 637 -28.69 -21.03 -11.21
CA GLN A 637 -29.96 -21.01 -11.94
C GLN A 637 -29.93 -21.96 -13.11
N ASP A 638 -28.82 -22.01 -13.85
CA ASP A 638 -28.79 -22.77 -15.08
C ASP A 638 -28.73 -24.27 -14.79
N ILE A 639 -27.98 -24.66 -13.76
CA ILE A 639 -27.95 -26.07 -13.41
C ILE A 639 -29.25 -26.50 -12.77
N SER A 640 -29.91 -25.60 -12.03
CA SER A 640 -31.23 -25.90 -11.49
C SER A 640 -32.24 -26.09 -12.62
N SER A 641 -32.16 -25.25 -13.66
CA SER A 641 -33.06 -25.36 -14.81
C SER A 641 -32.82 -26.65 -15.58
N LEU A 642 -31.57 -27.05 -15.70
CA LEU A 642 -31.28 -28.33 -16.35
C LEU A 642 -31.77 -29.49 -15.50
N ARG A 643 -31.83 -29.30 -14.19
CA ARG A 643 -32.49 -30.32 -13.38
C ARG A 643 -34.00 -30.25 -13.55
N TYR A 644 -34.53 -29.06 -13.84
CA TYR A 644 -35.97 -28.85 -13.92
C TYR A 644 -36.53 -29.47 -15.19
N GLU A 645 -35.80 -29.35 -16.30
CA GLU A 645 -36.23 -29.97 -17.53
C GLU A 645 -36.20 -31.49 -17.46
N LEU A 646 -35.38 -32.04 -16.56
CA LEU A 646 -35.29 -33.49 -16.38
C LEU A 646 -36.60 -34.00 -15.81
N LEU A 647 -37.37 -34.69 -16.65
CA LEU A 647 -38.66 -35.22 -16.25
C LEU A 647 -38.57 -36.73 -16.08
N THR B 42 -32.88 -12.93 -43.60
CA THR B 42 -31.79 -12.66 -42.68
C THR B 42 -32.22 -12.94 -41.24
N ALA B 43 -33.43 -13.47 -41.08
CA ALA B 43 -33.78 -14.05 -39.79
C ALA B 43 -33.04 -15.36 -39.58
N GLU B 44 -32.78 -16.08 -40.65
CA GLU B 44 -31.91 -17.24 -40.56
C GLU B 44 -30.45 -16.83 -40.38
N GLU B 45 -30.07 -15.61 -40.78
CA GLU B 45 -28.80 -15.07 -40.33
C GLU B 45 -28.76 -14.92 -38.82
N GLU B 46 -29.89 -14.60 -38.20
CA GLU B 46 -29.93 -14.57 -36.75
C GLU B 46 -29.98 -15.97 -36.15
N ARG B 47 -30.54 -16.93 -36.90
CA ARG B 47 -30.39 -18.32 -36.52
C ARG B 47 -28.92 -18.73 -36.52
N PHE B 48 -28.16 -18.23 -37.49
CA PHE B 48 -26.73 -18.49 -37.49
C PHE B 48 -26.00 -17.66 -36.45
N LEU B 49 -26.53 -16.49 -36.09
CA LEU B 49 -26.02 -15.76 -34.93
C LEU B 49 -26.14 -16.59 -33.67
N ASP B 50 -27.27 -17.25 -33.49
CA ASP B 50 -27.46 -18.09 -32.31
C ASP B 50 -26.62 -19.36 -32.40
N ALA B 51 -26.63 -20.02 -33.55
CA ALA B 51 -25.86 -21.24 -33.77
C ALA B 51 -24.37 -20.99 -33.95
N ALA B 52 -23.92 -19.74 -33.95
CA ALA B 52 -22.52 -19.39 -34.01
C ALA B 52 -22.01 -18.86 -32.68
N GLU B 53 -22.72 -17.89 -32.10
CA GLU B 53 -22.36 -17.40 -30.78
C GLU B 53 -22.57 -18.45 -29.70
N TYR B 54 -23.40 -19.46 -29.97
CA TYR B 54 -23.70 -20.47 -28.96
C TYR B 54 -23.65 -21.89 -29.48
N GLY B 55 -23.42 -22.11 -30.77
CA GLY B 55 -23.23 -23.46 -31.28
C GLY B 55 -24.43 -24.38 -31.21
N ASN B 56 -25.55 -23.96 -31.79
CA ASN B 56 -26.75 -24.79 -31.83
C ASN B 56 -26.50 -25.94 -32.80
N ILE B 57 -26.18 -27.11 -32.23
CA ILE B 57 -25.60 -28.20 -33.03
C ILE B 57 -26.53 -28.73 -34.12
N PRO B 58 -27.82 -29.04 -33.86
CA PRO B 58 -28.66 -29.46 -35.00
C PRO B 58 -28.95 -28.34 -35.98
N VAL B 59 -28.94 -27.09 -35.52
CA VAL B 59 -29.07 -25.97 -36.43
C VAL B 59 -27.84 -25.85 -37.31
N VAL B 60 -26.66 -26.09 -36.74
CA VAL B 60 -25.42 -26.11 -37.52
C VAL B 60 -25.43 -27.28 -38.50
N ARG B 61 -26.02 -28.40 -38.12
CA ARG B 61 -26.07 -29.54 -39.02
C ARG B 61 -27.03 -29.30 -40.17
N LYS B 62 -28.31 -29.10 -39.86
CA LYS B 62 -29.34 -29.05 -40.90
C LYS B 62 -29.35 -27.73 -41.64
N MET B 63 -29.09 -26.62 -40.96
CA MET B 63 -29.15 -25.33 -41.61
C MET B 63 -27.92 -25.02 -42.45
N LEU B 64 -26.84 -25.80 -42.31
CA LEU B 64 -25.72 -25.71 -43.23
C LEU B 64 -25.79 -26.77 -44.31
N GLU B 65 -26.92 -27.45 -44.45
CA GLU B 65 -27.20 -28.24 -45.63
C GLU B 65 -27.77 -27.42 -46.77
N GLU B 66 -27.99 -26.12 -46.53
CA GLU B 66 -28.41 -25.19 -47.56
C GLU B 66 -27.17 -24.56 -48.20
N SER B 67 -27.36 -23.50 -48.98
CA SER B 67 -26.27 -22.84 -49.70
C SER B 67 -26.28 -21.36 -49.34
N LYS B 68 -25.41 -20.96 -48.41
CA LYS B 68 -25.33 -19.57 -47.97
C LYS B 68 -23.87 -19.18 -47.77
N THR B 69 -23.42 -18.17 -48.51
CA THR B 69 -22.16 -17.50 -48.22
C THR B 69 -22.32 -16.42 -47.17
N LEU B 70 -23.55 -16.18 -46.72
CA LEU B 70 -23.82 -15.28 -45.60
C LEU B 70 -23.18 -15.77 -44.32
N ASN B 71 -22.97 -17.10 -44.23
CA ASN B 71 -22.23 -17.69 -43.12
C ASN B 71 -20.82 -17.13 -43.00
N VAL B 72 -20.20 -16.79 -44.13
CA VAL B 72 -18.78 -16.48 -44.12
C VAL B 72 -18.61 -15.02 -43.70
N ASN B 73 -18.58 -14.80 -42.38
CA ASN B 73 -18.23 -13.54 -41.71
C ASN B 73 -19.11 -12.36 -42.09
N CYS B 74 -20.21 -12.58 -42.79
CA CYS B 74 -21.13 -11.52 -43.20
C CYS B 74 -22.31 -11.40 -42.24
N VAL B 75 -22.13 -11.83 -41.01
CA VAL B 75 -23.27 -12.11 -40.15
C VAL B 75 -23.67 -10.87 -39.34
N ASP B 76 -22.71 -10.15 -38.75
CA ASP B 76 -23.01 -8.79 -38.33
C ASP B 76 -23.00 -7.87 -39.54
N TYR B 77 -23.82 -6.83 -39.48
CA TYR B 77 -23.85 -5.82 -40.54
C TYR B 77 -22.70 -4.83 -40.44
N MET B 78 -21.90 -4.94 -39.38
CA MET B 78 -20.59 -4.31 -39.23
C MET B 78 -19.58 -5.41 -38.89
N GLY B 79 -19.58 -6.46 -39.71
CA GLY B 79 -19.10 -7.81 -39.42
C GLY B 79 -17.81 -8.01 -38.65
N GLN B 80 -17.96 -8.50 -37.43
CA GLN B 80 -16.88 -8.57 -36.45
C GLN B 80 -16.24 -9.95 -36.38
N ASN B 81 -15.74 -10.45 -37.52
CA ASN B 81 -15.05 -11.74 -37.65
C ASN B 81 -15.93 -12.91 -37.18
N ALA B 82 -17.06 -13.08 -37.87
CA ALA B 82 -18.17 -13.88 -37.35
C ALA B 82 -17.91 -15.38 -37.35
N LEU B 83 -17.17 -15.90 -38.35
CA LEU B 83 -16.78 -17.31 -38.32
C LEU B 83 -15.89 -17.60 -37.13
N GLN B 84 -14.98 -16.70 -36.82
CA GLN B 84 -14.13 -16.89 -35.67
C GLN B 84 -14.84 -16.56 -34.37
N LEU B 85 -15.91 -15.75 -34.44
CA LEU B 85 -16.83 -15.65 -33.31
C LEU B 85 -17.51 -16.98 -33.04
N ALA B 86 -17.80 -17.74 -34.10
CA ALA B 86 -18.23 -19.11 -33.89
C ALA B 86 -17.10 -19.98 -33.36
N VAL B 87 -15.85 -19.64 -33.71
CA VAL B 87 -14.73 -20.44 -33.24
C VAL B 87 -14.43 -20.18 -31.76
N GLY B 88 -14.50 -18.92 -31.35
CA GLY B 88 -13.91 -18.44 -30.09
C GLY B 88 -14.51 -19.03 -28.81
N ASN B 89 -15.62 -19.75 -28.89
CA ASN B 89 -16.20 -20.37 -27.72
C ASN B 89 -15.78 -21.84 -27.65
N GLU B 90 -16.26 -22.54 -26.63
CA GLU B 90 -15.94 -23.95 -26.46
C GLU B 90 -16.74 -24.87 -27.34
N HIS B 91 -17.43 -24.39 -28.36
CA HIS B 91 -18.24 -25.26 -29.18
C HIS B 91 -17.35 -25.87 -30.25
N LEU B 92 -16.50 -26.78 -29.79
CA LEU B 92 -15.37 -27.23 -30.59
C LEU B 92 -15.83 -28.15 -31.69
N GLU B 93 -16.86 -28.95 -31.42
CA GLU B 93 -17.44 -29.77 -32.45
C GLU B 93 -18.20 -28.94 -33.47
N VAL B 94 -18.72 -27.79 -33.04
CA VAL B 94 -19.32 -26.86 -33.99
C VAL B 94 -18.25 -26.26 -34.89
N THR B 95 -17.06 -26.00 -34.33
CA THR B 95 -15.94 -25.58 -35.16
C THR B 95 -15.51 -26.68 -36.11
N GLU B 96 -15.59 -27.94 -35.68
CA GLU B 96 -15.25 -29.04 -36.57
C GLU B 96 -16.29 -29.22 -37.67
N LEU B 97 -17.56 -28.94 -37.37
CA LEU B 97 -18.58 -28.92 -38.42
C LEU B 97 -18.33 -27.79 -39.39
N LEU B 98 -17.79 -26.68 -38.92
CA LEU B 98 -17.30 -25.65 -39.84
C LEU B 98 -16.08 -26.15 -40.62
N LEU B 99 -15.26 -27.00 -40.00
CA LEU B 99 -14.10 -27.56 -40.68
C LEU B 99 -14.49 -28.57 -41.74
N LYS B 100 -15.69 -29.15 -41.66
CA LYS B 100 -16.11 -30.12 -42.66
C LYS B 100 -16.44 -29.46 -43.98
N LYS B 101 -16.82 -28.18 -43.96
CA LYS B 101 -17.16 -27.43 -45.17
C LYS B 101 -16.32 -26.16 -45.18
N GLU B 102 -15.27 -26.16 -45.99
CA GLU B 102 -14.29 -25.08 -45.96
C GLU B 102 -14.11 -24.42 -47.31
N ASN B 103 -15.22 -24.05 -47.96
CA ASN B 103 -15.12 -23.30 -49.19
C ASN B 103 -14.58 -21.90 -48.94
N LEU B 104 -15.03 -21.26 -47.87
CA LEU B 104 -14.66 -19.88 -47.58
C LEU B 104 -14.53 -19.70 -46.08
N ALA B 105 -13.37 -19.22 -45.64
CA ALA B 105 -13.11 -18.97 -44.23
C ALA B 105 -11.99 -17.94 -44.12
N ARG B 106 -11.53 -17.70 -42.90
CA ARG B 106 -10.33 -16.91 -42.67
C ARG B 106 -9.35 -17.70 -41.82
N ILE B 107 -8.07 -17.37 -41.96
CA ILE B 107 -7.01 -18.14 -41.31
C ILE B 107 -6.15 -17.22 -40.44
N GLY B 108 -5.61 -16.15 -41.04
CA GLY B 108 -4.70 -15.29 -40.31
C GLY B 108 -5.36 -14.56 -39.16
N ASP B 109 -6.62 -14.17 -39.33
CA ASP B 109 -7.38 -13.60 -38.23
C ASP B 109 -7.64 -14.65 -37.14
N ALA B 110 -7.74 -15.93 -37.52
CA ALA B 110 -7.89 -16.97 -36.52
C ALA B 110 -6.58 -17.26 -35.82
N LEU B 111 -5.46 -17.12 -36.56
CA LEU B 111 -4.12 -17.14 -35.96
C LEU B 111 -3.97 -16.06 -34.91
N LEU B 112 -4.51 -14.87 -35.20
CA LEU B 112 -4.56 -13.81 -34.19
C LEU B 112 -5.41 -14.22 -32.98
N LEU B 113 -6.68 -14.53 -33.23
CA LEU B 113 -7.66 -14.60 -32.14
C LEU B 113 -7.55 -15.89 -31.34
N ALA B 114 -7.74 -17.04 -31.99
CA ALA B 114 -8.14 -18.24 -31.27
C ALA B 114 -6.99 -18.88 -30.50
N ILE B 115 -5.75 -18.63 -30.93
CA ILE B 115 -4.64 -19.35 -30.35
C ILE B 115 -4.24 -18.75 -29.00
N SER B 116 -4.48 -17.45 -28.79
CA SER B 116 -4.07 -16.81 -27.54
C SER B 116 -4.91 -17.27 -26.36
N LYS B 117 -6.20 -17.54 -26.57
CA LYS B 117 -6.97 -18.15 -25.51
C LYS B 117 -6.61 -19.63 -25.39
N GLY B 118 -7.02 -20.23 -24.27
CA GLY B 118 -6.54 -21.53 -23.84
C GLY B 118 -6.94 -22.75 -24.63
N TYR B 119 -7.57 -22.56 -25.78
CA TYR B 119 -8.12 -23.65 -26.59
C TYR B 119 -6.99 -24.40 -27.27
N VAL B 120 -6.56 -25.51 -26.67
CA VAL B 120 -5.52 -26.32 -27.28
C VAL B 120 -6.08 -27.08 -28.47
N ARG B 121 -7.32 -27.53 -28.37
CA ARG B 121 -7.92 -28.33 -29.42
C ARG B 121 -8.19 -27.51 -30.68
N ILE B 122 -8.50 -26.22 -30.52
CA ILE B 122 -8.64 -25.36 -31.69
C ILE B 122 -7.29 -25.16 -32.36
N VAL B 123 -6.21 -25.11 -31.58
CA VAL B 123 -4.87 -25.05 -32.15
C VAL B 123 -4.57 -26.34 -32.91
N GLU B 124 -5.05 -27.47 -32.41
CA GLU B 124 -4.93 -28.73 -33.15
C GLU B 124 -5.73 -28.68 -34.45
N ALA B 125 -6.90 -28.05 -34.41
CA ALA B 125 -7.73 -27.93 -35.60
C ALA B 125 -7.08 -27.02 -36.64
N ILE B 126 -6.44 -25.94 -36.19
CA ILE B 126 -5.68 -25.08 -37.08
C ILE B 126 -4.46 -25.82 -37.62
N LEU B 127 -3.91 -26.74 -36.85
CA LEU B 127 -2.87 -27.56 -37.42
C LEU B 127 -3.39 -28.69 -38.29
N ASN B 128 -4.71 -28.91 -38.33
CA ASN B 128 -5.23 -29.90 -39.27
C ASN B 128 -5.46 -29.31 -40.66
N HIS B 129 -6.45 -28.42 -40.80
CA HIS B 129 -6.83 -27.92 -42.12
C HIS B 129 -6.05 -26.68 -42.59
N PRO B 130 -5.73 -25.68 -41.75
CA PRO B 130 -4.69 -24.72 -42.18
C PRO B 130 -3.27 -25.28 -42.19
N GLY B 131 -3.07 -26.57 -41.88
CA GLY B 131 -1.85 -27.23 -42.29
C GLY B 131 -1.73 -27.34 -43.79
N PHE B 132 -2.87 -27.40 -44.49
CA PHE B 132 -2.86 -27.21 -45.94
C PHE B 132 -2.41 -25.80 -46.30
N ALA B 133 -2.72 -24.82 -45.45
CA ALA B 133 -2.25 -23.45 -45.65
C ALA B 133 -0.82 -23.31 -45.15
N ILE B 166 3.71 -8.36 -37.15
CA ILE B 166 2.63 -9.15 -36.55
C ILE B 166 2.80 -10.62 -36.91
N THR B 167 3.24 -11.43 -35.94
CA THR B 167 3.61 -12.81 -36.15
C THR B 167 2.93 -13.71 -35.13
N PRO B 168 2.40 -14.87 -35.56
CA PRO B 168 1.56 -15.68 -34.67
C PRO B 168 2.31 -16.46 -33.60
N ILE B 169 3.52 -16.91 -33.97
CA ILE B 169 4.31 -17.76 -33.09
C ILE B 169 4.79 -16.96 -31.89
N ILE B 170 5.13 -15.70 -32.11
CA ILE B 170 5.44 -14.78 -31.03
C ILE B 170 4.22 -14.50 -30.15
N LEU B 171 3.03 -14.46 -30.76
CA LEU B 171 1.79 -14.25 -29.99
C LEU B 171 1.54 -15.40 -29.02
N ALA B 172 1.56 -16.63 -29.53
CA ALA B 172 1.40 -17.78 -28.65
C ALA B 172 2.60 -18.01 -27.75
N ALA B 173 3.76 -17.44 -28.09
CA ALA B 173 4.91 -17.51 -27.21
C ALA B 173 4.70 -16.66 -25.97
N HIS B 174 4.43 -15.36 -26.15
CA HIS B 174 4.35 -14.50 -24.99
C HIS B 174 3.04 -14.69 -24.22
N CYS B 175 1.95 -15.03 -24.91
CA CYS B 175 0.72 -15.35 -24.20
C CYS B 175 0.81 -16.72 -23.52
N GLN B 176 1.78 -17.55 -23.94
CA GLN B 176 2.27 -18.69 -23.19
C GLN B 176 1.28 -19.81 -22.89
N LYS B 177 1.08 -20.70 -23.85
CA LYS B 177 0.70 -22.08 -23.57
C LYS B 177 1.82 -23.02 -23.96
N TYR B 178 2.26 -23.84 -23.01
CA TYR B 178 3.47 -24.64 -23.16
C TYR B 178 3.27 -25.79 -24.14
N GLU B 179 2.10 -26.42 -24.12
CA GLU B 179 1.89 -27.48 -25.09
C GLU B 179 1.59 -26.93 -26.47
N VAL B 180 1.18 -25.66 -26.55
CA VAL B 180 1.20 -24.99 -27.85
C VAL B 180 2.64 -24.74 -28.29
N VAL B 181 3.57 -24.57 -27.35
CA VAL B 181 4.98 -24.52 -27.73
C VAL B 181 5.48 -25.89 -28.18
N HIS B 182 4.92 -26.97 -27.62
CA HIS B 182 5.18 -28.30 -28.18
C HIS B 182 4.62 -28.43 -29.60
N MET B 183 3.46 -27.83 -29.85
CA MET B 183 2.93 -27.84 -31.20
C MET B 183 3.73 -26.95 -32.14
N LEU B 184 4.41 -25.94 -31.60
CA LEU B 184 5.38 -25.20 -32.39
C LEU B 184 6.60 -26.07 -32.69
N LEU B 185 6.98 -26.93 -31.73
CA LEU B 185 8.03 -27.91 -31.98
C LEU B 185 7.61 -28.97 -32.98
N MET B 186 6.30 -29.16 -33.18
CA MET B 186 5.86 -29.97 -34.31
C MET B 186 6.20 -29.30 -35.63
N LYS B 187 6.22 -27.97 -35.67
CA LYS B 187 6.82 -27.27 -36.78
C LYS B 187 8.31 -27.06 -36.52
N GLY B 188 8.99 -26.46 -37.48
CA GLY B 188 10.29 -25.89 -37.22
C GLY B 188 10.29 -24.40 -37.49
N ALA B 189 10.28 -23.60 -36.43
CA ALA B 189 10.30 -22.14 -36.54
C ALA B 189 10.74 -21.58 -35.20
N ARG B 190 11.91 -20.98 -35.16
CA ARG B 190 12.40 -20.38 -33.92
C ARG B 190 12.94 -18.97 -34.20
N CYS B 201 19.56 -7.40 -36.56
CA CYS B 201 19.65 -8.19 -37.77
C CYS B 201 19.56 -7.28 -38.99
N GLY B 202 20.40 -6.24 -39.02
CA GLY B 202 20.27 -5.17 -39.97
C GLY B 202 20.63 -5.51 -41.41
N ASP B 203 19.90 -6.48 -41.98
CA ASP B 203 20.09 -6.92 -43.35
C ASP B 203 19.25 -6.07 -44.29
N CYS B 204 19.10 -6.53 -45.52
CA CYS B 204 18.21 -5.86 -46.46
C CYS B 204 16.75 -5.97 -46.02
N MET B 205 16.39 -7.06 -45.34
CA MET B 205 15.01 -7.30 -44.98
C MET B 205 14.51 -6.32 -43.92
N GLU B 206 15.38 -5.91 -42.99
CA GLU B 206 14.97 -4.90 -42.04
C GLU B 206 15.02 -3.49 -42.64
N LYS B 207 15.85 -3.29 -43.66
CA LYS B 207 16.01 -1.94 -44.21
C LYS B 207 14.99 -1.63 -45.30
N GLN B 208 14.52 -2.64 -46.04
CA GLN B 208 13.61 -2.39 -47.16
C GLN B 208 12.22 -1.96 -46.72
N ARG B 209 11.88 -2.09 -45.44
CA ARG B 209 10.74 -1.35 -44.88
C ARG B 209 11.28 0.01 -44.46
N HIS B 210 11.46 0.85 -45.48
CA HIS B 210 12.31 2.03 -45.37
C HIS B 210 11.64 3.13 -44.58
N ASP B 211 12.43 3.79 -43.73
CA ASP B 211 12.27 5.17 -43.29
C ASP B 211 11.01 5.45 -42.48
N SER B 212 10.20 4.44 -42.17
CA SER B 212 8.97 4.63 -41.43
C SER B 212 9.14 4.31 -39.96
N PHE B 213 9.82 3.21 -39.66
CA PHE B 213 10.32 2.77 -38.36
C PHE B 213 9.21 2.39 -37.39
N SER B 214 7.93 2.55 -37.75
CA SER B 214 6.89 1.78 -37.09
C SER B 214 7.02 0.31 -37.42
N HIS B 215 7.59 0.01 -38.60
CA HIS B 215 8.09 -1.34 -38.84
C HIS B 215 9.19 -1.70 -37.86
N SER B 216 10.09 -0.75 -37.56
CA SER B 216 11.11 -1.04 -36.56
C SER B 216 10.50 -1.11 -35.17
N ARG B 217 9.41 -0.37 -34.93
CA ARG B 217 8.67 -0.54 -33.68
C ARG B 217 8.04 -1.92 -33.60
N SER B 218 7.59 -2.46 -34.74
CA SER B 218 7.09 -3.83 -34.75
C SER B 218 8.22 -4.83 -34.58
N ARG B 219 9.43 -4.50 -35.05
CA ARG B 219 10.59 -5.35 -34.79
C ARG B 219 10.94 -5.35 -33.31
N ILE B 220 10.84 -4.17 -32.68
CA ILE B 220 10.97 -4.04 -31.23
C ILE B 220 9.93 -4.90 -30.54
N ASN B 221 8.70 -4.88 -31.04
CA ASN B 221 7.62 -5.70 -30.49
C ASN B 221 7.87 -7.19 -30.71
N ALA B 222 8.57 -7.54 -31.78
CA ALA B 222 8.89 -8.93 -32.03
C ALA B 222 9.95 -9.41 -31.05
N TYR B 223 10.96 -8.60 -30.80
CA TYR B 223 11.92 -8.93 -29.76
C TYR B 223 11.33 -8.76 -28.36
N LYS B 224 10.17 -8.07 -28.23
CA LYS B 224 9.38 -8.15 -27.00
C LYS B 224 8.75 -9.51 -26.85
N GLY B 225 8.49 -10.17 -27.98
CA GLY B 225 8.03 -11.54 -27.94
C GLY B 225 9.03 -12.52 -27.41
N LEU B 226 10.32 -12.14 -27.37
CA LEU B 226 11.36 -12.96 -26.77
C LEU B 226 11.34 -12.99 -25.25
N ALA B 227 10.32 -12.42 -24.60
CA ALA B 227 10.44 -12.18 -23.16
C ALA B 227 10.13 -13.41 -22.32
N SER B 228 10.70 -14.55 -22.69
CA SER B 228 11.05 -15.69 -21.88
C SER B 228 10.02 -16.35 -20.96
N PRO B 229 8.82 -16.75 -21.42
CA PRO B 229 8.13 -17.80 -20.67
C PRO B 229 8.39 -19.18 -21.28
N ALA B 230 8.88 -19.22 -22.51
CA ALA B 230 9.13 -20.49 -23.20
C ALA B 230 10.50 -20.58 -23.81
N TYR B 231 11.28 -19.50 -23.83
CA TYR B 231 12.56 -19.48 -24.51
C TYR B 231 13.62 -20.25 -23.78
N LEU B 232 13.37 -20.61 -22.52
CA LEU B 232 14.20 -21.61 -21.86
C LEU B 232 14.01 -22.97 -22.52
N SER B 233 12.82 -23.24 -23.05
CA SER B 233 12.53 -24.44 -23.81
C SER B 233 12.65 -24.24 -25.32
N LEU B 234 12.39 -23.02 -25.81
CA LEU B 234 12.51 -22.77 -27.25
C LEU B 234 13.95 -22.85 -27.72
N SER B 235 14.88 -22.28 -26.95
CA SER B 235 16.26 -22.67 -27.09
C SER B 235 16.40 -24.13 -26.69
N SER B 236 17.16 -24.89 -27.47
CA SER B 236 17.19 -26.34 -27.29
C SER B 236 17.86 -26.74 -25.99
N GLU B 237 19.08 -26.27 -25.75
CA GLU B 237 19.80 -26.62 -24.53
C GLU B 237 20.58 -25.40 -24.04
N ASP B 238 20.83 -25.42 -22.73
CA ASP B 238 21.60 -24.39 -22.02
C ASP B 238 21.12 -22.95 -22.27
N PRO B 239 19.93 -22.59 -21.78
CA PRO B 239 19.43 -21.24 -22.05
C PRO B 239 20.03 -20.18 -21.17
N VAL B 240 20.86 -20.56 -20.20
CA VAL B 240 21.39 -19.61 -19.23
C VAL B 240 22.37 -18.66 -19.89
N LEU B 241 23.28 -19.20 -20.68
CA LEU B 241 24.25 -18.39 -21.41
C LEU B 241 23.55 -17.52 -22.45
N THR B 242 22.49 -18.06 -23.05
CA THR B 242 21.70 -17.30 -24.00
C THR B 242 21.03 -16.12 -23.33
N ALA B 243 20.49 -16.34 -22.13
CA ALA B 243 19.85 -15.26 -21.40
C ALA B 243 20.88 -14.25 -20.91
N LEU B 244 22.10 -14.70 -20.61
CA LEU B 244 23.19 -13.77 -20.27
C LEU B 244 23.51 -12.83 -21.41
N GLU B 245 23.74 -13.39 -22.60
CA GLU B 245 24.10 -12.58 -23.75
C GLU B 245 22.93 -11.70 -24.19
N LEU B 246 21.70 -12.21 -24.09
CA LEU B 246 20.54 -11.41 -24.40
C LEU B 246 20.36 -10.29 -23.40
N SER B 247 20.65 -10.53 -22.12
CA SER B 247 20.55 -9.48 -21.11
C SER B 247 21.58 -8.40 -21.33
N ASN B 248 22.78 -8.77 -21.79
CA ASN B 248 23.77 -7.77 -22.14
C ASN B 248 23.35 -6.98 -23.38
N GLU B 249 22.69 -7.65 -24.33
CA GLU B 249 22.08 -6.94 -25.44
C GLU B 249 20.94 -6.04 -25.00
N LEU B 250 20.26 -6.41 -23.92
CA LEU B 250 19.23 -5.55 -23.37
C LEU B 250 19.81 -4.34 -22.68
N ALA B 251 20.99 -4.51 -22.07
CA ALA B 251 21.72 -3.35 -21.57
C ALA B 251 22.11 -2.43 -22.73
N LYS B 252 22.47 -3.03 -23.87
CA LYS B 252 22.73 -2.24 -25.07
C LYS B 252 21.46 -1.53 -25.54
N LEU B 253 20.32 -2.22 -25.50
CA LEU B 253 19.05 -1.61 -25.89
C LEU B 253 18.61 -0.55 -24.91
N ALA B 254 19.01 -0.68 -23.64
CA ALA B 254 18.77 0.38 -22.67
C ALA B 254 19.68 1.56 -22.91
N ASN B 255 20.86 1.31 -23.48
CA ASN B 255 21.71 2.40 -23.91
C ASN B 255 21.15 3.08 -25.15
N ILE B 256 20.38 2.35 -25.95
CA ILE B 256 19.66 2.94 -27.07
C ILE B 256 18.44 3.67 -26.53
N GLU B 257 18.23 4.90 -26.99
CA GLU B 257 17.23 5.78 -26.40
C GLU B 257 15.89 5.70 -27.09
N LYS B 258 15.54 4.57 -27.71
CA LYS B 258 14.25 4.44 -28.36
C LYS B 258 13.13 4.29 -27.33
N GLU B 259 13.14 3.19 -26.60
CA GLU B 259 12.08 2.88 -25.64
C GLU B 259 12.75 2.13 -24.49
N PHE B 260 12.93 2.83 -23.36
CA PHE B 260 13.68 2.26 -22.25
C PHE B 260 12.88 1.20 -21.52
N LYS B 261 11.62 1.52 -21.17
CA LYS B 261 10.86 0.76 -20.20
C LYS B 261 10.55 -0.65 -20.66
N ASN B 262 10.31 -0.82 -21.96
CA ASN B 262 10.08 -2.15 -22.50
C ASN B 262 11.35 -2.99 -22.44
N ASP B 263 12.50 -2.35 -22.67
CA ASP B 263 13.78 -3.04 -22.52
C ASP B 263 14.02 -3.41 -21.06
N TYR B 264 13.57 -2.57 -20.12
CA TYR B 264 13.63 -2.93 -18.71
C TYR B 264 12.71 -4.10 -18.39
N ARG B 265 11.56 -4.17 -19.06
CA ARG B 265 10.66 -5.30 -18.87
C ARG B 265 11.29 -6.60 -19.38
N LYS B 266 11.96 -6.52 -20.52
CA LYS B 266 12.68 -7.69 -21.04
C LYS B 266 13.81 -8.10 -20.12
N LEU B 267 14.51 -7.09 -19.56
CA LEU B 267 15.53 -7.33 -18.54
C LEU B 267 14.96 -8.05 -17.34
N SER B 268 13.78 -7.61 -16.88
CA SER B 268 13.12 -8.26 -15.76
C SER B 268 12.78 -9.70 -16.08
N MET B 269 12.30 -9.96 -17.30
CA MET B 269 11.93 -11.32 -17.67
C MET B 269 13.14 -12.24 -17.74
N GLN B 270 14.26 -11.75 -18.26
CA GLN B 270 15.42 -12.62 -18.36
C GLN B 270 16.11 -12.80 -17.01
N CYS B 271 16.17 -11.75 -16.19
CA CYS B 271 16.67 -11.91 -14.83
C CYS B 271 15.78 -12.84 -14.03
N LYS B 272 14.49 -12.86 -14.32
CA LYS B 272 13.64 -13.84 -13.67
C LYS B 272 13.79 -15.24 -14.25
N ASP B 273 14.37 -15.30 -15.45
CA ASP B 273 14.78 -16.60 -16.06
C ASP B 273 15.91 -17.14 -15.16
N PHE B 274 16.81 -16.24 -14.72
CA PHE B 274 17.92 -16.61 -13.85
C PHE B 274 17.44 -16.94 -12.45
N VAL B 275 16.45 -16.19 -11.95
CA VAL B 275 15.85 -16.46 -10.64
C VAL B 275 15.18 -17.82 -10.64
N VAL B 276 14.49 -18.16 -11.74
CA VAL B 276 13.93 -19.49 -11.93
C VAL B 276 15.03 -20.54 -11.90
N GLY B 277 16.09 -20.31 -12.68
CA GLY B 277 17.20 -21.26 -12.79
C GLY B 277 17.94 -21.48 -11.49
N VAL B 278 17.89 -20.53 -10.57
CA VAL B 278 18.46 -20.75 -9.24
C VAL B 278 17.63 -21.75 -8.47
N LEU B 279 16.31 -21.64 -8.55
CA LEU B 279 15.45 -22.16 -7.49
C LEU B 279 15.02 -23.60 -7.70
N ASP B 280 15.89 -24.42 -8.27
CA ASP B 280 15.79 -25.86 -8.06
C ASP B 280 16.95 -26.33 -7.21
N LEU B 281 17.19 -25.63 -6.11
CA LEU B 281 18.33 -25.88 -5.24
C LEU B 281 18.18 -27.20 -4.50
N CYS B 282 18.25 -28.31 -5.22
CA CYS B 282 18.05 -29.64 -4.66
C CYS B 282 19.33 -30.46 -4.71
N ARG B 283 19.90 -30.63 -5.90
CA ARG B 283 21.24 -31.17 -6.07
C ARG B 283 22.13 -30.03 -6.56
N ASP B 284 23.00 -29.56 -5.68
CA ASP B 284 23.90 -28.47 -6.04
C ASP B 284 24.95 -28.91 -7.04
N SER B 285 25.20 -30.22 -7.15
CA SER B 285 26.06 -30.76 -8.20
C SER B 285 25.52 -30.42 -9.58
N GLU B 286 24.20 -30.51 -9.76
CA GLU B 286 23.57 -30.20 -11.04
C GLU B 286 23.73 -28.73 -11.39
N GLU B 287 23.77 -27.86 -10.38
CA GLU B 287 23.86 -26.43 -10.61
C GLU B 287 25.30 -25.95 -10.74
N VAL B 288 26.26 -26.67 -10.14
CA VAL B 288 27.66 -26.40 -10.44
C VAL B 288 27.99 -26.91 -11.84
N GLU B 289 27.32 -27.97 -12.29
CA GLU B 289 27.35 -28.29 -13.72
C GLU B 289 26.75 -27.16 -14.54
N ALA B 290 25.64 -26.58 -14.07
CA ALA B 290 25.07 -25.43 -14.75
C ALA B 290 25.98 -24.21 -14.64
N ILE B 291 26.25 -23.76 -13.42
CA ILE B 291 27.15 -22.63 -13.20
C ILE B 291 28.54 -23.23 -13.00
N LEU B 292 29.26 -23.42 -14.12
CA LEU B 292 30.61 -23.96 -14.05
C LEU B 292 31.56 -22.98 -13.35
N ASN B 293 31.33 -21.68 -13.53
CA ASN B 293 31.97 -20.65 -12.74
C ASN B 293 30.99 -19.51 -12.54
N GLY B 294 30.99 -18.93 -11.34
CA GLY B 294 30.06 -17.86 -11.01
C GLY B 294 30.36 -16.53 -11.65
N ASP B 295 31.48 -16.43 -12.37
CA ASP B 295 31.82 -15.19 -13.08
C ASP B 295 30.87 -14.90 -14.22
N LEU B 296 30.10 -15.91 -14.65
CA LEU B 296 28.97 -15.70 -15.56
C LEU B 296 27.99 -14.68 -14.97
N GLU B 297 27.80 -14.70 -13.65
CA GLU B 297 26.99 -13.69 -12.99
C GLU B 297 27.60 -12.30 -13.11
N SER B 298 28.93 -12.21 -13.11
CA SER B 298 29.56 -10.93 -13.43
C SER B 298 29.37 -10.57 -14.90
N ALA B 299 29.19 -11.59 -15.75
CA ALA B 299 28.72 -11.36 -17.11
C ALA B 299 27.31 -10.79 -17.12
N GLU B 300 26.54 -11.05 -16.07
CA GLU B 300 25.33 -10.25 -15.82
C GLU B 300 25.69 -8.79 -15.62
N PRO B 301 26.69 -8.53 -14.78
CA PRO B 301 26.88 -7.26 -14.09
C PRO B 301 25.57 -6.81 -13.44
N LEU B 302 25.10 -7.63 -12.49
CA LEU B 302 23.84 -7.40 -11.81
C LEU B 302 23.95 -7.95 -10.39
N GLU B 303 22.80 -8.10 -9.72
CA GLU B 303 22.77 -8.56 -8.35
C GLU B 303 22.62 -10.08 -8.21
N VAL B 304 22.18 -10.75 -9.28
CA VAL B 304 22.19 -12.20 -9.51
C VAL B 304 21.20 -13.00 -8.67
N HIS B 305 20.57 -12.36 -7.68
CA HIS B 305 19.58 -12.96 -6.77
C HIS B 305 20.09 -14.26 -6.15
N ARG B 306 21.30 -14.18 -5.58
CA ARG B 306 22.01 -15.36 -5.10
C ARG B 306 21.31 -15.92 -3.87
N HIS B 307 20.50 -16.95 -4.07
CA HIS B 307 19.80 -17.58 -2.95
C HIS B 307 20.74 -18.44 -2.13
N LYS B 308 21.43 -19.38 -2.78
CA LYS B 308 22.34 -20.26 -2.08
C LYS B 308 23.77 -19.76 -2.17
N ALA B 309 24.59 -20.20 -1.23
CA ALA B 309 26.01 -19.87 -1.13
C ALA B 309 26.81 -21.13 -0.86
N SER B 310 26.56 -22.17 -1.67
CA SER B 310 27.06 -23.51 -1.39
C SER B 310 28.58 -23.58 -1.51
N LEU B 311 29.13 -23.11 -2.62
CA LEU B 311 30.58 -23.10 -2.77
C LEU B 311 31.25 -22.05 -1.90
N SER B 312 30.48 -21.08 -1.39
CA SER B 312 31.02 -20.02 -0.54
C SER B 312 31.49 -20.52 0.81
N ARG B 313 31.14 -21.75 1.18
CA ARG B 313 31.84 -22.41 2.28
C ARG B 313 33.33 -22.53 1.97
N VAL B 314 33.65 -23.09 0.81
CA VAL B 314 35.05 -23.17 0.40
C VAL B 314 35.55 -21.82 -0.09
N LYS B 315 34.67 -21.03 -0.70
CA LYS B 315 35.11 -19.77 -1.28
C LYS B 315 35.18 -18.65 -0.25
N LEU B 316 34.03 -18.25 0.29
CA LEU B 316 33.96 -17.07 1.13
C LEU B 316 34.40 -17.37 2.55
N UNK B 391 35.96 -20.14 2.49
CA UNK B 391 37.25 -20.26 3.16
C UNK B 391 38.28 -19.31 2.58
N UNK B 392 38.50 -19.45 1.26
CA UNK B 392 39.64 -18.81 0.60
C UNK B 392 39.56 -17.29 0.64
N UNK B 393 38.37 -16.74 0.35
CA UNK B 393 38.15 -15.31 0.48
C UNK B 393 38.30 -14.84 1.92
N UNK B 394 37.95 -15.70 2.89
CA UNK B 394 38.25 -15.42 4.28
C UNK B 394 39.76 -15.23 4.47
N UNK B 395 40.55 -16.12 3.86
CA UNK B 395 42.00 -15.93 3.80
C UNK B 395 42.34 -14.61 3.13
N UNK B 396 41.66 -14.31 2.02
CA UNK B 396 41.85 -13.02 1.36
C UNK B 396 41.39 -11.88 2.25
N UNK B 397 40.31 -12.10 3.02
CA UNK B 397 39.87 -11.10 3.99
C UNK B 397 40.91 -10.89 5.06
N UNK B 398 41.62 -11.97 5.43
CA UNK B 398 42.74 -11.84 6.36
C UNK B 398 43.81 -10.94 5.78
N UNK B 399 44.09 -11.10 4.48
CA UNK B 399 45.01 -10.22 3.79
C UNK B 399 44.49 -8.79 3.81
N UNK B 400 43.18 -8.63 3.62
CA UNK B 400 42.55 -7.33 3.72
C UNK B 400 42.69 -6.76 5.12
N UNK B 401 42.57 -7.64 6.13
CA UNK B 401 42.79 -7.23 7.51
C UNK B 401 44.22 -6.74 7.71
N UNK B 402 45.18 -7.42 7.08
CA UNK B 402 46.57 -6.97 7.13
C UNK B 402 46.71 -5.61 6.48
N UNK B 403 46.00 -5.40 5.36
CA UNK B 403 45.97 -4.10 4.72
C UNK B 403 45.37 -3.06 5.65
N UNK B 404 44.29 -3.43 6.36
CA UNK B 404 43.71 -2.56 7.36
C UNK B 404 44.69 -2.28 8.48
N UNK B 405 45.45 -3.31 8.87
CA UNK B 405 46.50 -3.13 9.87
C UNK B 405 47.57 -2.18 9.37
N UNK B 406 47.89 -2.25 8.08
CA UNK B 406 48.85 -1.32 7.50
C UNK B 406 48.32 0.10 7.54
N UNK B 407 47.01 0.26 7.33
CA UNK B 407 46.37 1.57 7.48
C UNK B 407 46.45 2.02 8.93
N UNK B 408 46.28 1.07 9.87
CA UNK B 408 46.48 1.38 11.28
C UNK B 408 47.93 1.74 11.56
N UNK B 409 48.86 1.09 10.83
CA UNK B 409 50.25 1.49 10.91
C UNK B 409 50.44 2.91 10.38
N UNK B 410 49.71 3.24 9.31
CA UNK B 410 49.71 4.61 8.81
C UNK B 410 49.06 5.56 9.82
N UNK B 411 48.15 5.04 10.65
CA UNK B 411 47.58 5.84 11.70
C UNK B 411 48.54 6.07 12.86
N UNK B 412 49.60 5.27 12.96
CA UNK B 412 50.42 5.26 14.16
C UNK B 412 51.51 6.34 14.15
N UNK B 413 51.39 7.37 13.33
CA UNK B 413 52.46 8.37 13.22
C UNK B 413 52.49 9.35 14.38
N UNK B 414 51.51 9.32 15.28
CA UNK B 414 51.49 10.25 16.41
C UNK B 414 52.51 9.85 17.46
N UNK B 415 61.59 5.02 11.46
CA UNK B 415 60.36 5.21 12.21
C UNK B 415 59.30 5.88 11.34
N UNK B 416 59.29 7.21 11.36
CA UNK B 416 58.42 7.96 10.46
C UNK B 416 58.88 7.81 9.02
N UNK B 417 60.20 7.72 8.81
CA UNK B 417 60.71 7.33 7.50
C UNK B 417 60.32 5.90 7.18
N UNK B 418 60.32 5.03 8.18
CA UNK B 418 59.85 3.66 7.97
C UNK B 418 58.34 3.62 7.77
N UNK B 419 57.61 4.54 8.39
CA UNK B 419 56.17 4.64 8.15
C UNK B 419 55.89 5.08 6.71
N UNK B 420 56.65 6.06 6.22
CA UNK B 420 56.56 6.45 4.82
C UNK B 420 57.01 5.34 3.89
N UNK B 421 57.95 4.50 4.34
CA UNK B 421 58.36 3.35 3.56
C UNK B 421 57.25 2.32 3.43
N UNK B 422 56.53 2.05 4.53
CA UNK B 422 55.40 1.13 4.46
C UNK B 422 54.27 1.70 3.62
N UNK B 423 54.09 3.03 3.67
CA UNK B 423 53.11 3.69 2.83
C UNK B 423 53.47 3.58 1.35
N UNK B 424 54.74 3.80 1.01
CA UNK B 424 55.19 3.65 -0.37
C UNK B 424 55.13 2.19 -0.81
N UNK B 425 55.29 1.25 0.12
CA UNK B 425 55.13 -0.16 -0.19
C UNK B 425 53.69 -0.48 -0.57
N UNK B 426 52.74 0.05 0.20
CA UNK B 426 51.33 -0.14 -0.13
C UNK B 426 50.96 0.55 -1.45
N UNK B 427 51.57 1.71 -1.70
CA UNK B 427 51.30 2.44 -2.95
C UNK B 427 51.85 1.69 -4.16
N UNK B 428 53.06 1.13 -4.04
CA UNK B 428 53.63 0.34 -5.13
C UNK B 428 52.86 -0.98 -5.30
N UNK B 429 52.31 -1.53 -4.22
CA UNK B 429 51.46 -2.70 -4.33
C UNK B 429 50.19 -2.39 -5.10
N UNK B 430 49.58 -1.23 -4.83
CA UNK B 430 48.39 -0.83 -5.59
C UNK B 430 48.73 -0.54 -7.05
N UNK B 431 49.90 0.06 -7.30
CA UNK B 431 50.31 0.34 -8.67
C UNK B 431 50.60 -0.93 -9.45
N UNK B 432 51.17 -1.94 -8.78
CA UNK B 432 51.38 -3.23 -9.44
C UNK B 432 50.06 -3.97 -9.62
N UNK B 433 49.11 -3.77 -8.71
CA UNK B 433 47.81 -4.41 -8.85
C UNK B 433 46.98 -3.78 -9.97
N UNK B 434 47.23 -2.51 -10.27
CA UNK B 434 46.49 -1.80 -11.32
C UNK B 434 46.98 -2.10 -12.74
N UNK B 435 47.81 -3.14 -12.94
CA UNK B 435 48.36 -3.43 -14.26
C UNK B 435 47.35 -4.07 -15.21
N UNK B 436 46.25 -4.59 -14.69
CA UNK B 436 45.26 -5.22 -15.54
C UNK B 436 44.32 -4.18 -16.14
N UNK B 437 34.85 -0.31 -10.28
CA UNK B 437 36.16 0.06 -9.79
C UNK B 437 36.17 1.47 -9.23
N UNK B 438 35.03 1.87 -8.65
CA UNK B 438 34.92 3.22 -8.09
C UNK B 438 35.77 3.36 -6.84
N UNK B 439 35.65 2.43 -5.90
CA UNK B 439 36.52 2.44 -4.74
C UNK B 439 37.95 2.09 -5.12
N UNK B 440 38.14 1.33 -6.20
CA UNK B 440 39.48 1.10 -6.72
C UNK B 440 40.08 2.39 -7.27
N UNK B 441 39.25 3.21 -7.92
CA UNK B 441 39.71 4.52 -8.36
C UNK B 441 40.01 5.43 -7.18
N UNK B 442 39.23 5.30 -6.10
CA UNK B 442 39.51 6.04 -4.87
C UNK B 442 40.84 5.61 -4.26
N UNK B 443 41.13 4.31 -4.30
CA UNK B 443 42.39 3.80 -3.78
C UNK B 443 43.56 4.26 -4.64
N UNK B 444 43.37 4.31 -5.96
CA UNK B 444 44.41 4.80 -6.85
C UNK B 444 44.66 6.28 -6.63
N UNK B 445 43.61 7.06 -6.40
CA UNK B 445 43.77 8.47 -6.09
C UNK B 445 44.44 8.67 -4.73
N UNK B 446 44.15 7.79 -3.76
CA UNK B 446 44.80 7.85 -2.47
C UNK B 446 46.28 7.53 -2.59
N UNK B 447 46.62 6.54 -3.43
CA UNK B 447 48.02 6.22 -3.68
C UNK B 447 48.73 7.36 -4.40
N UNK B 448 48.01 8.05 -5.29
CA UNK B 448 48.58 9.21 -5.97
C UNK B 448 48.84 10.35 -5.00
N UNK B 449 47.90 10.58 -4.07
CA UNK B 449 48.10 11.61 -3.06
C UNK B 449 49.24 11.26 -2.11
N UNK B 450 49.37 9.98 -1.78
CA UNK B 450 50.48 9.53 -0.94
C UNK B 450 51.82 9.69 -1.67
N UNK B 451 51.84 9.40 -2.97
CA UNK B 451 53.07 9.55 -3.74
C UNK B 451 53.45 11.03 -3.89
N UNK B 452 52.45 11.90 -4.06
CA UNK B 452 52.72 13.32 -4.14
C UNK B 452 53.22 13.87 -2.81
N UNK B 453 52.65 13.39 -1.70
CA UNK B 453 53.12 13.81 -0.38
C UNK B 453 54.54 13.32 -0.11
N UNK B 454 54.84 12.09 -0.54
CA UNK B 454 56.19 11.55 -0.37
C UNK B 454 57.19 12.30 -1.23
N UNK B 455 56.79 12.70 -2.44
CA UNK B 455 57.69 13.46 -3.30
C UNK B 455 57.92 14.86 -2.75
N UNK B 456 56.89 15.47 -2.17
CA UNK B 456 57.04 16.78 -1.57
C UNK B 456 57.91 16.71 -0.31
N UNK B 457 57.75 15.66 0.49
CA UNK B 457 58.61 15.47 1.65
C UNK B 457 60.05 15.18 1.24
N UNK B 458 60.25 14.46 0.14
CA UNK B 458 61.60 14.20 -0.34
C UNK B 458 62.25 15.46 -0.87
N UNK B 459 61.47 16.32 -1.53
CA UNK B 459 62.00 17.61 -1.98
C UNK B 459 62.33 18.51 -0.79
N UNK B 460 61.51 18.46 0.26
CA UNK B 460 61.81 19.22 1.47
C UNK B 460 63.05 18.70 2.17
N UNK B 461 63.24 17.39 2.18
CA UNK B 461 64.44 16.81 2.78
C UNK B 461 65.69 17.09 1.96
N UNK B 462 65.54 17.16 0.63
CA UNK B 462 66.67 17.49 -0.23
C UNK B 462 67.05 18.97 -0.08
N UNK B 463 66.05 19.84 0.06
CA UNK B 463 66.34 21.25 0.30
C UNK B 463 66.88 21.47 1.71
N UNK B 464 66.49 20.63 2.66
CA UNK B 464 66.98 20.77 4.03
C UNK B 464 68.42 20.26 4.15
N UNK B 465 68.71 19.10 3.56
CA UNK B 465 70.04 18.51 3.60
C UNK B 465 70.93 18.97 2.45
N UNK B 466 70.61 20.12 1.84
CA UNK B 466 71.41 20.61 0.72
C UNK B 466 72.75 21.16 1.21
N UNK B 467 72.71 22.17 2.06
CA UNK B 467 73.93 22.77 2.57
C UNK B 467 74.52 21.92 3.69
N UNK B 468 75.74 22.28 4.09
CA UNK B 468 76.42 21.57 5.15
C UNK B 468 77.34 22.52 5.92
N UNK B 469 58.34 27.38 2.52
CA UNK B 469 56.89 27.35 2.38
C UNK B 469 56.44 26.03 1.77
N UNK B 470 57.39 25.30 1.17
CA UNK B 470 57.05 24.03 0.54
C UNK B 470 56.78 22.92 1.54
N UNK B 471 57.31 23.03 2.76
CA UNK B 471 57.04 22.05 3.79
C UNK B 471 55.58 22.07 4.23
N UNK B 472 54.96 23.26 4.18
CA UNK B 472 53.52 23.36 4.43
C UNK B 472 52.73 22.63 3.36
N UNK B 473 53.17 22.73 2.10
CA UNK B 473 52.53 21.99 1.03
C UNK B 473 52.73 20.49 1.18
N UNK B 474 53.91 20.09 1.68
CA UNK B 474 54.17 18.68 1.95
C UNK B 474 53.26 18.14 3.04
N UNK B 475 53.10 18.90 4.12
CA UNK B 475 52.20 18.49 5.20
C UNK B 475 50.74 18.49 4.75
N UNK B 476 50.37 19.42 3.87
CA UNK B 476 49.01 19.46 3.36
C UNK B 476 48.71 18.26 2.47
N UNK B 477 49.65 17.90 1.61
CA UNK B 477 49.49 16.69 0.80
C UNK B 477 49.47 15.44 1.67
N UNK B 478 50.24 15.44 2.77
CA UNK B 478 50.22 14.33 3.71
C UNK B 478 48.86 14.21 4.39
N UNK B 479 48.27 15.33 4.79
CA UNK B 479 46.96 15.29 5.44
C UNK B 479 45.87 14.90 4.46
N UNK B 480 45.98 15.35 3.20
CA UNK B 480 45.02 14.96 2.18
C UNK B 480 45.11 13.47 1.87
N UNK B 481 46.33 12.94 1.79
CA UNK B 481 46.49 11.50 1.60
C UNK B 481 46.03 10.72 2.83
N UNK B 482 46.16 11.29 4.02
CA UNK B 482 45.66 10.63 5.23
C UNK B 482 44.15 10.54 5.23
N UNK B 483 43.49 11.63 4.82
CA UNK B 483 42.03 11.62 4.71
C UNK B 483 41.58 10.65 3.61
N UNK B 484 42.32 10.61 2.50
CA UNK B 484 41.99 9.69 1.42
C UNK B 484 42.19 8.23 1.83
N UNK B 485 43.20 7.96 2.66
CA UNK B 485 43.41 6.60 3.14
C UNK B 485 42.36 6.21 4.16
N UNK B 486 41.91 7.16 4.98
CA UNK B 486 40.78 6.90 5.87
C UNK B 486 39.52 6.59 5.08
N UNK B 487 39.32 7.31 3.97
CA UNK B 487 38.17 7.05 3.09
C UNK B 487 38.30 5.68 2.43
N UNK B 488 39.51 5.30 2.02
CA UNK B 488 39.70 3.98 1.42
C UNK B 488 39.52 2.86 2.43
N UNK B 489 39.91 3.10 3.69
CA UNK B 489 39.68 2.12 4.74
C UNK B 489 38.20 1.98 5.04
N UNK B 490 37.45 3.08 4.95
CA UNK B 490 36.00 2.98 5.03
C UNK B 490 35.41 2.31 3.81
N UNK B 491 36.10 2.36 2.67
CA UNK B 491 35.59 1.86 1.40
C UNK B 491 35.81 0.36 1.22
N UNK B 492 36.02 -0.40 2.30
CA UNK B 492 36.18 -1.85 2.17
C UNK B 492 35.44 -2.59 3.28
N UNK B 493 34.32 -2.04 3.76
CA UNK B 493 33.67 -2.62 4.94
C UNK B 493 32.79 -3.81 4.59
N UNK B 494 31.72 -3.57 3.83
CA UNK B 494 30.63 -4.53 3.58
C UNK B 494 30.13 -5.17 4.87
N UNK B 495 29.87 -4.32 5.87
CA UNK B 495 29.63 -4.77 7.24
C UNK B 495 28.16 -5.09 7.45
N UNK B 496 27.87 -6.37 7.66
CA UNK B 496 26.56 -6.92 8.03
C UNK B 496 25.46 -6.60 7.01
N UNK B 497 25.87 -6.37 5.75
CA UNK B 497 24.99 -5.95 4.64
C UNK B 497 24.16 -4.72 5.02
N UNK B 498 24.82 -3.73 5.59
CA UNK B 498 24.14 -2.57 6.15
C UNK B 498 24.49 -1.25 5.49
N UNK B 499 25.54 -1.19 4.69
CA UNK B 499 26.03 0.07 4.11
C UNK B 499 25.56 0.26 2.68
N UNK B 500 24.35 -0.18 2.36
CA UNK B 500 23.94 -0.23 0.96
C UNK B 500 23.45 1.13 0.45
N UNK B 501 22.37 1.65 1.04
CA UNK B 501 21.53 2.62 0.36
C UNK B 501 22.09 4.04 0.35
N UNK B 502 23.19 4.30 1.06
CA UNK B 502 23.72 5.65 1.10
C UNK B 502 24.35 6.08 -0.21
N UNK B 503 24.71 5.14 -1.08
CA UNK B 503 25.35 5.47 -2.34
C UNK B 503 24.36 6.04 -3.34
N UNK B 504 23.20 5.40 -3.50
CA UNK B 504 22.16 5.93 -4.38
C UNK B 504 21.59 7.24 -3.83
N UNK B 505 21.49 7.33 -2.51
CA UNK B 505 21.12 8.59 -1.87
C UNK B 505 22.15 9.67 -2.16
N UNK B 506 23.44 9.31 -2.16
CA UNK B 506 24.48 10.27 -2.48
C UNK B 506 24.43 10.69 -3.95
N UNK B 507 24.04 9.79 -4.84
CA UNK B 507 23.94 10.14 -6.26
C UNK B 507 22.78 11.10 -6.53
N UNK B 508 21.61 10.77 -5.98
CA UNK B 508 20.47 11.68 -6.11
C UNK B 508 20.72 13.00 -5.40
N UNK B 509 21.43 12.97 -4.27
CA UNK B 509 21.81 14.19 -3.58
C UNK B 509 22.85 14.96 -4.37
N UNK B 510 23.68 14.29 -5.15
CA UNK B 510 24.63 14.98 -6.02
C UNK B 510 23.91 15.72 -7.13
N UNK B 511 22.85 15.11 -7.68
CA UNK B 511 22.04 15.79 -8.69
C UNK B 511 21.32 17.00 -8.10
N UNK B 512 20.66 16.81 -6.96
CA UNK B 512 19.94 17.90 -6.31
C UNK B 512 20.90 18.98 -5.83
N UNK B 513 22.10 18.61 -5.39
CA UNK B 513 23.08 19.58 -4.94
C UNK B 513 23.72 20.30 -6.12
N UNK B 514 23.74 19.66 -7.30
CA UNK B 514 24.17 20.36 -8.49
C UNK B 514 23.20 21.47 -8.86
N UNK B 515 21.90 21.16 -8.81
CA UNK B 515 20.89 22.20 -9.06
C UNK B 515 20.95 23.29 -8.00
N UNK B 516 21.10 22.90 -6.73
CA UNK B 516 21.20 23.85 -5.63
C UNK B 516 22.47 24.67 -5.71
N UNK B 517 23.56 24.10 -6.20
CA UNK B 517 24.80 24.82 -6.33
C UNK B 517 24.75 25.80 -7.50
N UNK B 518 24.02 25.45 -8.56
CA UNK B 518 23.77 26.42 -9.63
C UNK B 518 23.00 27.62 -9.11
N UNK B 519 21.94 27.37 -8.34
CA UNK B 519 21.17 28.46 -7.75
C UNK B 519 22.00 29.25 -6.75
N UNK B 520 22.87 28.57 -5.99
CA UNK B 520 23.68 29.25 -4.98
C UNK B 520 24.76 30.09 -5.63
N UNK B 521 25.33 29.62 -6.74
CA UNK B 521 26.30 30.42 -7.48
C UNK B 521 25.64 31.64 -8.10
N UNK B 522 24.40 31.48 -8.57
CA UNK B 522 23.65 32.63 -9.07
C UNK B 522 23.39 33.66 -7.98
N UNK B 523 22.97 33.20 -6.79
CA UNK B 523 22.71 34.11 -5.69
C UNK B 523 23.98 34.76 -5.18
N UNK B 524 25.10 34.03 -5.21
CA UNK B 524 26.37 34.59 -4.75
C UNK B 524 26.90 35.62 -5.72
N UNK B 525 26.78 35.36 -7.02
CA UNK B 525 27.17 36.34 -8.02
C UNK B 525 26.29 37.58 -7.96
N UNK B 526 25.02 37.41 -7.59
CA UNK B 526 24.19 38.58 -7.27
C UNK B 526 24.70 39.28 -6.02
N UNK B 527 25.17 38.52 -5.04
CA UNK B 527 25.68 39.04 -3.79
C UNK B 527 27.09 39.62 -3.89
N UNK B 528 27.70 39.58 -5.08
CA UNK B 528 29.02 40.16 -5.27
C UNK B 528 29.05 41.67 -5.09
N UNK B 529 27.91 42.35 -5.18
CA UNK B 529 27.85 43.79 -4.98
C UNK B 529 28.08 44.14 -3.51
N UNK B 530 30.36 40.19 2.55
CA UNK B 530 31.46 40.75 1.77
C UNK B 530 31.11 40.81 0.29
N UNK B 531 32.13 40.90 -0.56
CA UNK B 531 31.93 41.03 -2.00
C UNK B 531 32.52 39.87 -2.78
N UNK B 532 33.79 39.53 -2.55
CA UNK B 532 34.49 38.59 -3.42
C UNK B 532 34.35 37.15 -2.94
N UNK B 533 34.84 36.86 -1.74
CA UNK B 533 34.83 35.49 -1.22
C UNK B 533 33.62 35.22 -0.33
N UNK B 534 32.61 36.11 -0.37
CA UNK B 534 31.43 35.99 0.47
C UNK B 534 30.58 34.77 0.15
N UNK B 535 30.73 34.22 -1.08
CA UNK B 535 30.14 32.93 -1.42
C UNK B 535 30.59 31.84 -0.46
N UNK B 536 31.90 31.83 -0.16
CA UNK B 536 32.43 30.94 0.88
C UNK B 536 31.79 31.23 2.23
N UNK B 537 31.53 32.52 2.51
CA UNK B 537 30.77 32.90 3.71
C UNK B 537 29.39 32.28 3.68
N UNK B 538 28.73 32.32 2.52
CA UNK B 538 27.45 31.63 2.36
C UNK B 538 27.63 30.13 2.51
N UNK B 539 28.77 29.60 2.04
CA UNK B 539 29.08 28.19 2.22
C UNK B 539 29.27 27.83 3.69
N UNK B 540 29.63 28.82 4.51
CA UNK B 540 29.55 28.60 5.94
C UNK B 540 28.13 28.83 6.45
N UNK B 541 27.48 29.89 5.96
CA UNK B 541 26.25 30.37 6.58
C UNK B 541 25.05 29.49 6.28
N UNK B 542 25.17 28.56 5.32
CA UNK B 542 24.13 27.55 5.13
C UNK B 542 24.04 26.65 6.35
N UNK B 543 25.19 26.38 6.99
CA UNK B 543 25.21 25.73 8.29
C UNK B 543 25.43 26.74 9.41
N UNK B 544 25.03 27.99 9.18
CA UNK B 544 25.18 29.13 10.10
C UNK B 544 26.62 29.32 10.58
N UNK B 545 21.21 52.81 4.82
CA UNK B 545 20.51 53.39 3.68
C UNK B 545 19.60 52.35 3.02
N UNK B 546 19.47 52.45 1.69
CA UNK B 546 18.77 51.41 0.94
C UNK B 546 19.59 50.13 0.84
N UNK B 547 20.89 50.22 1.14
CA UNK B 547 21.71 49.02 1.25
C UNK B 547 21.27 48.14 2.41
N UNK B 548 20.66 48.74 3.44
CA UNK B 548 20.06 47.94 4.50
C UNK B 548 18.89 47.12 3.97
N UNK B 549 18.06 47.74 3.11
CA UNK B 549 17.00 46.99 2.45
C UNK B 549 17.56 45.95 1.49
N UNK B 550 18.71 46.25 0.89
CA UNK B 550 19.36 45.28 0.01
C UNK B 550 19.87 44.08 0.80
N UNK B 551 20.43 44.31 1.98
CA UNK B 551 20.88 43.22 2.84
C UNK B 551 19.72 42.43 3.39
N UNK B 552 18.59 43.11 3.64
CA UNK B 552 17.38 42.40 4.05
C UNK B 552 16.86 41.50 2.94
N UNK B 553 16.87 42.00 1.70
CA UNK B 553 16.50 41.17 0.56
C UNK B 553 17.49 40.04 0.33
N UNK B 554 18.77 40.27 0.66
CA UNK B 554 19.77 39.23 0.54
C UNK B 554 19.55 38.12 1.56
N UNK B 555 19.22 38.49 2.79
CA UNK B 555 18.85 37.49 3.79
C UNK B 555 17.55 36.79 3.41
N UNK B 556 16.65 37.49 2.74
CA UNK B 556 15.43 36.87 2.24
C UNK B 556 15.74 35.85 1.15
N UNK B 557 16.70 36.17 0.28
CA UNK B 557 17.13 35.21 -0.73
C UNK B 557 17.83 34.01 -0.10
N UNK B 558 18.58 34.25 0.97
CA UNK B 558 19.23 33.15 1.69
C UNK B 558 18.20 32.25 2.36
N UNK B 559 17.14 32.85 2.91
CA UNK B 559 16.08 32.05 3.51
C UNK B 559 15.27 31.32 2.45
N UNK B 560 15.10 31.92 1.27
CA UNK B 560 14.46 31.22 0.17
C UNK B 560 15.31 30.06 -0.31
N UNK B 561 16.63 30.22 -0.28
CA UNK B 561 17.52 29.10 -0.57
C UNK B 561 17.42 28.01 0.49
N UNK B 562 17.20 28.40 1.74
CA UNK B 562 16.96 27.42 2.80
C UNK B 562 15.65 26.68 2.58
N UNK B 563 14.64 27.41 2.09
CA UNK B 563 13.39 26.78 1.71
C UNK B 563 13.58 25.81 0.55
N UNK B 564 14.46 26.17 -0.38
CA UNK B 564 14.78 25.27 -1.48
C UNK B 564 15.52 24.03 -0.98
N UNK B 565 16.36 24.20 0.05
CA UNK B 565 17.03 23.06 0.65
C UNK B 565 16.02 22.16 1.36
N UNK B 566 15.02 22.76 1.99
CA UNK B 566 13.95 21.98 2.59
C UNK B 566 13.15 21.24 1.52
N UNK B 567 12.96 21.88 0.37
CA UNK B 567 12.28 21.22 -0.75
C UNK B 567 13.10 20.06 -1.29
N UNK B 568 14.42 20.22 -1.31
CA UNK B 568 15.30 19.14 -1.77
C UNK B 568 15.29 17.98 -0.80
N UNK B 569 15.25 18.28 0.51
CA UNK B 569 15.14 17.22 1.51
C UNK B 569 13.79 16.52 1.42
N UNK B 570 12.74 17.28 1.12
CA UNK B 570 11.42 16.68 0.95
C UNK B 570 11.37 15.81 -0.29
N UNK B 571 12.05 16.23 -1.35
CA UNK B 571 12.09 15.42 -2.57
C UNK B 571 12.92 14.17 -2.36
N UNK B 572 13.99 14.26 -1.57
CA UNK B 572 14.78 13.08 -1.24
C UNK B 572 13.97 12.12 -0.36
N UNK B 573 13.16 12.66 0.54
CA UNK B 573 12.27 11.83 1.34
C UNK B 573 11.19 11.18 0.48
N UNK B 574 10.71 11.90 -0.53
CA UNK B 574 9.76 11.33 -1.48
C UNK B 574 10.39 10.23 -2.31
N UNK B 575 11.67 10.39 -2.65
CA UNK B 575 12.40 9.33 -3.33
C UNK B 575 12.59 8.12 -2.42
N UNK B 576 12.79 8.37 -1.13
CA UNK B 576 12.85 7.29 -0.15
C UNK B 576 11.51 6.58 -0.02
N UNK B 577 10.41 7.33 -0.20
CA UNK B 577 9.09 6.71 -0.22
C UNK B 577 8.91 5.83 -1.45
N UNK B 578 9.56 6.19 -2.55
CA UNK B 578 9.52 5.37 -3.76
C UNK B 578 10.42 4.16 -3.60
N UNK B 579 14.22 -7.30 0.92
CA UNK B 579 14.22 -6.63 -0.38
C UNK B 579 15.56 -5.96 -0.64
N UNK B 580 15.74 -4.78 -0.04
CA UNK B 580 17.02 -4.08 -0.17
C UNK B 580 18.12 -4.77 0.62
N UNK B 581 17.76 -5.48 1.69
CA UNK B 581 18.73 -6.29 2.42
C UNK B 581 19.23 -7.44 1.57
N UNK B 582 18.38 -7.97 0.68
CA UNK B 582 18.83 -8.98 -0.26
C UNK B 582 19.84 -8.41 -1.24
N UNK B 583 19.63 -7.18 -1.70
CA UNK B 583 20.60 -6.54 -2.58
C UNK B 583 21.89 -6.22 -1.85
N UNK B 584 21.80 -5.84 -0.58
CA UNK B 584 22.99 -5.57 0.21
C UNK B 584 23.79 -6.84 0.47
N UNK B 585 23.09 -7.93 0.79
CA UNK B 585 23.75 -9.21 0.99
C UNK B 585 24.34 -9.74 -0.32
N UNK B 586 23.67 -9.47 -1.45
CA UNK B 586 24.19 -9.90 -2.74
C UNK B 586 25.43 -9.08 -3.12
N UNK B 587 25.44 -7.80 -2.77
CA UNK B 587 26.61 -6.98 -3.06
C UNK B 587 27.79 -7.35 -2.16
N UNK B 588 27.51 -7.64 -0.88
CA UNK B 588 28.56 -8.09 0.01
C UNK B 588 29.06 -9.48 -0.39
N UNK B 589 28.17 -10.32 -0.90
CA UNK B 589 28.59 -11.61 -1.43
C UNK B 589 29.37 -11.44 -2.73
N UNK B 590 29.07 -10.41 -3.50
CA UNK B 590 29.87 -10.12 -4.69
C UNK B 590 31.25 -9.63 -4.29
N UNK B 591 31.35 -8.89 -3.20
CA UNK B 591 32.65 -8.51 -2.67
C UNK B 591 33.43 -9.72 -2.17
N UNK B 592 32.74 -10.63 -1.49
CA UNK B 592 33.38 -11.87 -1.06
C UNK B 592 33.78 -12.74 -2.24
N UNK B 593 33.00 -12.71 -3.32
CA UNK B 593 33.36 -13.47 -4.51
C UNK B 593 34.54 -12.84 -5.22
N UNK B 594 34.64 -11.50 -5.19
CA UNK B 594 35.82 -10.84 -5.73
C UNK B 594 37.06 -11.16 -4.90
N UNK B 595 36.88 -11.28 -3.58
CA UNK B 595 37.99 -11.68 -2.72
C UNK B 595 38.38 -13.13 -2.97
N UNK B 596 37.39 -13.97 -3.27
CA UNK B 596 37.69 -15.38 -3.59
C UNK B 596 38.37 -15.49 -4.94
N UNK B 597 37.98 -14.65 -5.89
CA UNK B 597 38.64 -14.61 -7.19
C UNK B 597 40.06 -14.06 -7.06
N UNK B 598 40.26 -13.14 -6.12
CA UNK B 598 41.62 -12.73 -5.77
C UNK B 598 42.39 -13.87 -5.14
N UNK B 599 41.71 -14.72 -4.36
CA UNK B 599 42.33 -15.92 -3.83
C UNK B 599 42.47 -17.01 -4.88
N UNK B 600 41.66 -16.98 -5.93
CA UNK B 600 41.74 -17.96 -7.01
C UNK B 600 42.72 -17.49 -8.09
N THR B 601 25.98 -36.81 -22.63
CA THR B 601 24.54 -36.57 -22.69
C THR B 601 23.94 -36.56 -21.29
N ARG B 602 24.73 -37.02 -20.31
CA ARG B 602 24.28 -37.04 -18.92
C ARG B 602 24.04 -35.64 -18.40
N TYR B 603 24.95 -34.71 -18.71
CA TYR B 603 24.74 -33.29 -18.45
C TYR B 603 23.46 -32.80 -19.10
N GLN B 604 23.21 -33.22 -20.34
CA GLN B 604 22.00 -32.84 -21.05
C GLN B 604 20.76 -33.42 -20.39
N GLN B 605 20.83 -34.67 -19.95
CA GLN B 605 19.70 -35.31 -19.27
C GLN B 605 19.41 -34.65 -17.93
N ILE B 606 20.46 -34.18 -17.26
CA ILE B 606 20.27 -33.40 -16.04
C ILE B 606 19.57 -32.08 -16.34
N MET B 607 19.96 -31.43 -17.44
CA MET B 607 19.24 -30.23 -17.88
C MET B 607 17.79 -30.54 -18.21
N LYS B 608 17.54 -31.73 -18.77
CA LYS B 608 16.18 -32.15 -19.08
C LYS B 608 15.35 -32.32 -17.81
N ARG B 609 15.92 -32.97 -16.79
CA ARG B 609 15.26 -33.10 -15.49
C ARG B 609 14.92 -31.73 -14.91
N LEU B 610 15.88 -30.80 -14.99
CA LEU B 610 15.67 -29.42 -14.59
C LEU B 610 14.47 -28.80 -15.28
N ILE B 611 14.47 -28.80 -16.62
CA ILE B 611 13.46 -28.03 -17.34
C ILE B 611 12.09 -28.68 -17.25
N LYS B 612 12.03 -30.02 -17.11
CA LYS B 612 10.74 -30.66 -16.88
C LYS B 612 10.17 -30.26 -15.52
N ARG B 613 11.02 -30.20 -14.49
CA ARG B 613 10.55 -29.69 -13.21
C ARG B 613 10.15 -28.23 -13.30
N TYR B 614 10.86 -27.44 -14.12
CA TYR B 614 10.52 -26.03 -14.24
C TYR B 614 9.18 -25.82 -14.92
N VAL B 615 8.90 -26.58 -15.99
CA VAL B 615 7.62 -26.38 -16.67
C VAL B 615 6.48 -26.94 -15.82
N LEU B 616 6.73 -28.01 -15.05
CA LEU B 616 5.70 -28.55 -14.16
C LEU B 616 5.35 -27.56 -13.07
N LYS B 617 6.38 -27.03 -12.39
CA LYS B 617 6.13 -26.09 -11.32
C LYS B 617 5.60 -24.76 -11.85
N ALA B 618 5.98 -24.39 -13.08
CA ALA B 618 5.48 -23.15 -13.65
C ALA B 618 4.00 -23.25 -13.98
N GLN B 619 3.58 -24.37 -14.57
CA GLN B 619 2.17 -24.48 -14.90
C GLN B 619 1.32 -24.66 -13.65
N VAL B 620 1.86 -25.29 -12.60
CA VAL B 620 1.01 -25.37 -11.40
C VAL B 620 0.98 -24.01 -10.68
N ASP B 621 2.06 -23.22 -10.76
CA ASP B 621 2.06 -21.91 -10.13
C ASP B 621 1.13 -20.94 -10.84
N LYS B 622 1.08 -21.01 -12.17
CA LYS B 622 0.08 -20.19 -12.84
C LYS B 622 -1.32 -20.73 -12.64
N GLU B 623 -1.46 -22.01 -12.28
CA GLU B 623 -2.76 -22.50 -11.81
C GLU B 623 -3.04 -22.13 -10.36
N ASN B 624 -2.10 -21.51 -9.64
CA ASN B 624 -2.39 -21.01 -8.30
C ASN B 624 -2.86 -19.55 -8.27
N ASP B 625 -3.41 -19.03 -9.36
CA ASP B 625 -3.66 -17.59 -9.45
C ASP B 625 -5.15 -17.29 -9.52
N GLU B 626 -5.49 -16.00 -9.47
CA GLU B 626 -6.91 -15.69 -9.57
C GLU B 626 -7.35 -15.72 -11.03
N VAL B 627 -8.67 -15.76 -11.22
CA VAL B 627 -9.24 -16.15 -12.50
C VAL B 627 -9.98 -14.98 -13.15
N ASN B 628 -10.52 -15.21 -14.34
CA ASN B 628 -11.17 -14.12 -15.06
C ASN B 628 -12.57 -14.46 -15.55
N GLU B 629 -13.13 -13.58 -16.38
CA GLU B 629 -14.51 -13.76 -16.80
C GLU B 629 -14.63 -14.78 -17.92
N GLY B 630 -13.58 -14.98 -18.70
CA GLY B 630 -13.69 -15.78 -19.90
C GLY B 630 -13.95 -17.24 -19.61
N GLU B 631 -13.47 -17.72 -18.48
CA GLU B 631 -13.78 -19.08 -18.05
C GLU B 631 -15.27 -19.20 -17.74
N LEU B 632 -15.84 -18.17 -17.14
CA LEU B 632 -17.27 -18.17 -16.91
C LEU B 632 -18.04 -18.08 -18.21
N LYS B 633 -17.51 -17.34 -19.19
CA LYS B 633 -18.11 -17.31 -20.52
C LYS B 633 -18.13 -18.70 -21.14
N GLU B 634 -17.01 -19.42 -21.02
CA GLU B 634 -16.91 -20.77 -21.55
C GLU B 634 -17.87 -21.71 -20.84
N ILE B 635 -18.09 -21.50 -19.54
CA ILE B 635 -18.98 -22.43 -18.86
C ILE B 635 -20.43 -22.11 -19.18
N LYS B 636 -20.76 -20.84 -19.48
CA LYS B 636 -22.11 -20.53 -19.93
C LYS B 636 -22.35 -21.13 -21.31
N GLN B 637 -21.32 -21.07 -22.16
CA GLN B 637 -21.39 -21.71 -23.47
C GLN B 637 -21.58 -23.21 -23.33
N ASP B 638 -20.88 -23.83 -22.39
CA ASP B 638 -20.90 -25.29 -22.31
C ASP B 638 -22.22 -25.78 -21.75
N ILE B 639 -22.78 -25.08 -20.77
CA ILE B 639 -24.08 -25.49 -20.25
C ILE B 639 -25.18 -25.19 -21.25
N SER B 640 -25.03 -24.11 -22.03
CA SER B 640 -25.98 -23.84 -23.09
C SER B 640 -25.93 -24.93 -24.16
N SER B 641 -24.73 -25.41 -24.49
CA SER B 641 -24.58 -26.47 -25.49
C SER B 641 -25.16 -27.78 -24.99
N LEU B 642 -25.00 -28.06 -23.70
CA LEU B 642 -25.60 -29.25 -23.14
C LEU B 642 -27.11 -29.12 -23.11
N ARG B 643 -27.63 -27.90 -23.02
CA ARG B 643 -29.07 -27.74 -23.20
C ARG B 643 -29.44 -27.89 -24.68
N TYR B 644 -28.53 -27.54 -25.57
CA TYR B 644 -28.81 -27.55 -27.01
C TYR B 644 -28.88 -28.97 -27.54
N GLU B 645 -28.00 -29.85 -27.06
CA GLU B 645 -28.05 -31.24 -27.46
C GLU B 645 -29.30 -31.94 -26.95
N LEU B 646 -29.90 -31.42 -25.87
CA LEU B 646 -31.12 -32.00 -25.31
C LEU B 646 -32.26 -31.81 -26.30
N LEU B 647 -32.67 -32.89 -26.94
CA LEU B 647 -33.73 -32.84 -27.93
C LEU B 647 -35.00 -33.47 -27.35
N THR C 42 -0.57 -44.98 -33.55
CA THR C 42 -0.42 -44.01 -32.48
C THR C 42 -1.49 -42.93 -32.56
N ALA C 43 -2.41 -43.09 -33.51
CA ALA C 43 -3.62 -42.28 -33.47
C ALA C 43 -4.52 -42.74 -32.35
N GLU C 44 -4.49 -44.03 -32.04
CA GLU C 44 -5.17 -44.51 -30.85
C GLU C 44 -4.44 -44.12 -29.58
N GLU C 45 -3.13 -43.83 -29.66
CA GLU C 45 -2.48 -43.14 -28.56
C GLU C 45 -3.07 -41.76 -28.34
N GLU C 46 -3.51 -41.09 -29.40
CA GLU C 46 -4.19 -39.82 -29.24
C GLU C 46 -5.63 -40.02 -28.77
N ARG C 47 -6.23 -41.17 -29.10
CA ARG C 47 -7.49 -41.54 -28.48
C ARG C 47 -7.31 -41.71 -26.98
N PHE C 48 -6.19 -42.28 -26.56
CA PHE C 48 -5.91 -42.37 -25.14
C PHE C 48 -5.49 -41.03 -24.55
N LEU C 49 -4.90 -40.14 -25.35
CA LEU C 49 -4.70 -38.76 -24.92
C LEU C 49 -6.02 -38.09 -24.59
N ASP C 50 -7.02 -38.31 -25.42
CA ASP C 50 -8.33 -37.72 -25.15
C ASP C 50 -9.02 -38.41 -23.99
N ALA C 51 -9.00 -39.74 -23.97
CA ALA C 51 -9.61 -40.52 -22.90
C ALA C 51 -8.82 -40.52 -21.61
N ALA C 52 -7.66 -39.87 -21.59
CA ALA C 52 -6.88 -39.71 -20.38
C ALA C 52 -6.91 -38.29 -19.86
N GLU C 53 -6.66 -37.31 -20.73
CA GLU C 53 -6.78 -35.91 -20.34
C GLU C 53 -8.22 -35.52 -20.06
N TYR C 54 -9.19 -36.28 -20.56
CA TYR C 54 -10.58 -35.93 -20.39
C TYR C 54 -11.46 -37.10 -19.99
N GLY C 55 -10.94 -38.33 -19.90
CA GLY C 55 -11.72 -39.44 -19.37
C GLY C 55 -12.89 -39.88 -20.21
N ASN C 56 -12.66 -40.19 -21.48
CA ASN C 56 -13.72 -40.68 -22.36
C ASN C 56 -14.10 -42.09 -21.92
N ILE C 57 -15.20 -42.18 -21.17
CA ILE C 57 -15.49 -43.41 -20.42
C ILE C 57 -15.72 -44.64 -21.29
N PRO C 58 -16.53 -44.61 -22.36
CA PRO C 58 -16.60 -45.82 -23.20
C PRO C 58 -15.33 -46.11 -23.97
N VAL C 59 -14.54 -45.08 -24.27
CA VAL C 59 -13.24 -45.29 -24.88
C VAL C 59 -12.30 -45.97 -23.89
N VAL C 60 -12.37 -45.57 -22.62
CA VAL C 60 -11.58 -46.21 -21.58
C VAL C 60 -12.05 -47.65 -21.37
N ARG C 61 -13.34 -47.90 -21.53
CA ARG C 61 -13.85 -49.26 -21.35
C ARG C 61 -13.43 -50.16 -22.51
N LYS C 62 -13.85 -49.82 -23.72
CA LYS C 62 -13.65 -50.71 -24.85
C LYS C 62 -12.24 -50.69 -25.39
N MET C 63 -11.59 -49.53 -25.39
CA MET C 63 -10.25 -49.44 -25.94
C MET C 63 -9.18 -49.98 -25.00
N LEU C 64 -9.50 -50.21 -23.73
CA LEU C 64 -8.60 -50.93 -22.85
C LEU C 64 -8.96 -52.41 -22.74
N GLU C 65 -9.81 -52.91 -23.63
CA GLU C 65 -9.99 -54.33 -23.81
C GLU C 65 -8.97 -54.91 -24.79
N GLU C 66 -8.11 -54.06 -25.35
CA GLU C 66 -7.00 -54.48 -26.19
C GLU C 66 -5.77 -54.69 -25.31
N SER C 67 -4.60 -54.83 -25.94
CA SER C 67 -3.35 -55.08 -25.22
C SER C 67 -2.33 -54.02 -25.63
N LYS C 68 -2.17 -52.98 -24.80
CA LYS C 68 -1.22 -51.91 -25.08
C LYS C 68 -0.51 -51.50 -23.80
N THR C 69 0.82 -51.62 -23.80
CA THR C 69 1.65 -51.00 -22.78
C THR C 69 1.95 -49.55 -23.10
N LEU C 70 1.51 -49.07 -24.26
CA LEU C 70 1.61 -47.66 -24.62
C LEU C 70 0.80 -46.78 -23.67
N ASN C 71 -0.24 -47.36 -23.06
CA ASN C 71 -0.99 -46.69 -22.01
C ASN C 71 -0.12 -46.28 -20.84
N VAL C 72 0.90 -47.06 -20.53
CA VAL C 72 1.65 -46.85 -19.30
C VAL C 72 2.67 -45.76 -19.52
N ASN C 73 2.23 -44.50 -19.36
CA ASN C 73 3.02 -43.28 -19.31
C ASN C 73 3.88 -43.03 -20.56
N CYS C 74 3.65 -43.77 -21.64
CA CYS C 74 4.38 -43.61 -22.89
C CYS C 74 3.62 -42.76 -23.88
N VAL C 75 2.73 -41.90 -23.39
CA VAL C 75 1.71 -41.33 -24.25
C VAL C 75 2.18 -40.02 -24.89
N ASP C 76 2.80 -39.13 -24.13
CA ASP C 76 3.58 -38.09 -24.75
C ASP C 76 4.92 -38.67 -25.21
N TYR C 77 5.46 -38.11 -26.29
CA TYR C 77 6.76 -38.52 -26.79
C TYR C 77 7.90 -37.89 -26.00
N MET C 78 7.59 -37.01 -25.05
CA MET C 78 8.45 -36.53 -23.99
C MET C 78 7.77 -36.76 -22.65
N GLY C 79 7.30 -38.01 -22.45
CA GLY C 79 6.24 -38.42 -21.54
C GLY C 79 6.14 -37.83 -20.15
N GLN C 80 5.11 -37.03 -19.95
CA GLN C 80 4.97 -36.19 -18.78
C GLN C 80 4.03 -36.82 -17.74
N ASN C 81 4.35 -38.03 -17.29
CA ASN C 81 3.60 -38.79 -16.26
C ASN C 81 2.14 -39.00 -16.66
N ALA C 82 1.94 -39.70 -17.78
CA ALA C 82 0.67 -39.69 -18.49
C ALA C 82 -0.44 -40.45 -17.79
N LEU C 83 -0.13 -41.54 -17.09
CA LEU C 83 -1.14 -42.22 -16.29
C LEU C 83 -1.65 -41.33 -15.17
N GLN C 84 -0.76 -40.58 -14.55
CA GLN C 84 -1.18 -39.66 -13.51
C GLN C 84 -1.79 -38.39 -14.08
N LEU C 85 -1.47 -38.06 -15.35
CA LEU C 85 -2.25 -37.06 -16.06
C LEU C 85 -3.69 -37.52 -16.26
N ALA C 86 -3.88 -38.83 -16.46
CA ALA C 86 -5.24 -39.36 -16.41
C ALA C 86 -5.81 -39.31 -15.00
N VAL C 87 -4.95 -39.40 -13.99
CA VAL C 87 -5.44 -39.38 -12.61
C VAL C 87 -5.83 -37.96 -12.19
N GLY C 88 -5.04 -36.97 -12.59
CA GLY C 88 -5.07 -35.62 -11.99
C GLY C 88 -6.35 -34.84 -12.18
N ASN C 89 -7.27 -35.30 -13.01
CA ASN C 89 -8.55 -34.62 -13.18
C ASN C 89 -9.61 -35.30 -12.33
N GLU C 90 -10.84 -34.78 -12.41
CA GLU C 90 -11.95 -35.34 -11.64
C GLU C 90 -12.54 -36.58 -12.25
N HIS C 91 -11.90 -37.23 -13.20
CA HIS C 91 -12.47 -38.41 -13.83
C HIS C 91 -12.14 -39.62 -12.96
N LEU C 92 -12.81 -39.67 -11.81
CA LEU C 92 -12.39 -40.55 -10.74
C LEU C 92 -12.76 -41.97 -11.05
N GLU C 93 -13.89 -42.16 -11.73
CA GLU C 93 -14.26 -43.49 -12.17
C GLU C 93 -13.36 -43.96 -13.31
N VAL C 94 -12.81 -43.02 -14.09
CA VAL C 94 -11.81 -43.39 -15.08
C VAL C 94 -10.52 -43.84 -14.39
N THR C 95 -10.18 -43.19 -13.28
CA THR C 95 -9.06 -43.66 -12.47
C THR C 95 -9.34 -45.03 -11.86
N GLU C 96 -10.59 -45.29 -11.50
CA GLU C 96 -10.93 -46.61 -10.98
C GLU C 96 -10.89 -47.68 -12.06
N LEU C 97 -11.25 -47.31 -13.30
CA LEU C 97 -11.08 -48.23 -14.42
C LEU C 97 -9.60 -48.50 -14.68
N LEU C 98 -8.75 -47.50 -14.45
CA LEU C 98 -7.32 -47.77 -14.43
C LEU C 98 -6.93 -48.66 -13.25
N LEU C 99 -7.63 -48.54 -12.13
CA LEU C 99 -7.36 -49.38 -10.98
C LEU C 99 -7.80 -50.82 -11.19
N LYS C 100 -8.71 -51.06 -12.12
CA LYS C 100 -9.15 -52.43 -12.37
C LYS C 100 -8.09 -53.25 -13.09
N LYS C 101 -7.20 -52.59 -13.83
CA LYS C 101 -6.12 -53.26 -14.57
C LYS C 101 -4.81 -52.61 -14.17
N GLU C 102 -4.05 -53.28 -13.30
CA GLU C 102 -2.86 -52.67 -12.71
C GLU C 102 -1.62 -53.50 -12.96
N ASN C 103 -1.39 -53.91 -14.20
CA ASN C 103 -0.15 -54.59 -14.54
C ASN C 103 1.04 -53.65 -14.42
N LEU C 104 0.88 -52.41 -14.87
CA LEU C 104 1.99 -51.45 -14.91
C LEU C 104 1.45 -50.06 -14.60
N ALA C 105 2.01 -49.41 -13.60
CA ALA C 105 1.62 -48.06 -13.22
C ALA C 105 2.78 -47.42 -12.46
N ARG C 106 2.55 -46.23 -11.92
CA ARG C 106 3.49 -45.60 -11.01
C ARG C 106 2.76 -45.25 -9.71
N ILE C 107 3.54 -45.17 -8.63
CA ILE C 107 2.98 -44.96 -7.30
C ILE C 107 3.58 -43.74 -6.65
N GLY C 108 4.92 -43.69 -6.55
CA GLY C 108 5.57 -42.60 -5.85
C GLY C 108 5.38 -41.26 -6.52
N ASP C 109 5.33 -41.24 -7.85
CA ASP C 109 5.01 -40.02 -8.56
C ASP C 109 3.54 -39.62 -8.33
N ALA C 110 2.66 -40.60 -8.09
CA ALA C 110 1.29 -40.28 -7.75
C ALA C 110 1.17 -39.77 -6.32
N LEU C 111 2.01 -40.32 -5.43
CA LEU C 111 2.17 -39.78 -4.08
C LEU C 111 2.59 -38.32 -4.11
N LEU C 112 3.50 -37.97 -5.03
CA LEU C 112 3.85 -36.58 -5.24
C LEU C 112 2.65 -35.76 -5.73
N LEU C 113 2.08 -36.16 -6.87
CA LEU C 113 1.16 -35.28 -7.60
C LEU C 113 -0.22 -35.24 -6.97
N ALA C 114 -0.89 -36.40 -6.91
CA ALA C 114 -2.35 -36.40 -6.80
C ALA C 114 -2.84 -36.02 -5.42
N ILE C 115 -2.01 -36.24 -4.40
CA ILE C 115 -2.49 -36.06 -3.03
C ILE C 115 -2.54 -34.59 -2.64
N SER C 116 -1.66 -33.76 -3.23
CA SER C 116 -1.61 -32.35 -2.85
C SER C 116 -2.84 -31.59 -3.32
N LYS C 117 -3.39 -31.94 -4.48
CA LYS C 117 -4.67 -31.36 -4.86
C LYS C 117 -5.79 -31.99 -4.04
N GLY C 118 -6.95 -31.34 -4.08
CA GLY C 118 -8.06 -31.60 -3.17
C GLY C 118 -8.79 -32.92 -3.28
N TYR C 119 -8.30 -33.83 -4.12
CA TYR C 119 -8.97 -35.09 -4.41
C TYR C 119 -8.86 -36.03 -3.23
N VAL C 120 -9.89 -36.06 -2.39
CA VAL C 120 -9.90 -36.97 -1.25
C VAL C 120 -10.12 -38.40 -1.72
N ARG C 121 -10.96 -38.57 -2.74
CA ARG C 121 -11.30 -39.91 -3.22
C ARG C 121 -10.12 -40.57 -3.92
N ILE C 122 -9.27 -39.80 -4.58
CA ILE C 122 -8.06 -40.37 -5.15
C ILE C 122 -7.11 -40.80 -4.05
N VAL C 123 -7.08 -40.08 -2.93
CA VAL C 123 -6.30 -40.51 -1.78
C VAL C 123 -6.86 -41.81 -1.22
N GLU C 124 -8.19 -41.97 -1.24
CA GLU C 124 -8.80 -43.24 -0.85
C GLU C 124 -8.42 -44.35 -1.82
N ALA C 125 -8.32 -44.04 -3.11
CA ALA C 125 -7.92 -45.02 -4.11
C ALA C 125 -6.47 -45.44 -3.92
N ILE C 126 -5.60 -44.49 -3.59
CA ILE C 126 -4.20 -44.80 -3.27
C ILE C 126 -4.13 -45.61 -1.99
N LEU C 127 -5.06 -45.40 -1.08
CA LEU C 127 -5.09 -46.27 0.08
C LEU C 127 -5.76 -47.60 -0.21
N ASN C 128 -6.36 -47.79 -1.38
CA ASN C 128 -6.89 -49.11 -1.71
C ASN C 128 -5.82 -50.02 -2.32
N HIS C 129 -5.37 -49.72 -3.54
CA HIS C 129 -4.46 -50.60 -4.24
C HIS C 129 -2.97 -50.37 -3.98
N PRO C 130 -2.46 -49.13 -3.84
CA PRO C 130 -1.13 -48.99 -3.23
C PRO C 130 -1.08 -49.25 -1.73
N GLY C 131 -2.20 -49.63 -1.10
CA GLY C 131 -2.13 -50.27 0.19
C GLY C 131 -1.44 -51.62 0.11
N PHE C 132 -1.55 -52.29 -1.04
CA PHE C 132 -0.69 -53.43 -1.32
C PHE C 132 0.78 -53.02 -1.38
N ALA C 133 1.06 -51.81 -1.85
CA ALA C 133 2.41 -51.28 -1.85
C ALA C 133 2.77 -50.73 -0.47
N ILE C 166 12.48 -36.15 0.39
CA ILE C 166 11.20 -36.06 -0.29
C ILE C 166 10.26 -37.10 0.27
N THR C 167 9.29 -36.67 1.08
CA THR C 167 8.40 -37.55 1.82
C THR C 167 6.94 -37.14 1.62
N PRO C 168 6.04 -38.11 1.41
CA PRO C 168 4.67 -37.77 1.00
C PRO C 168 3.78 -37.23 2.12
N ILE C 169 4.01 -37.75 3.33
CA ILE C 169 3.16 -37.39 4.46
C ILE C 169 3.39 -35.94 4.85
N ILE C 170 4.63 -35.49 4.76
CA ILE C 170 4.96 -34.08 4.93
C ILE C 170 4.34 -33.22 3.83
N LEU C 171 4.26 -33.74 2.59
CA LEU C 171 3.64 -33.02 1.49
C LEU C 171 2.16 -32.76 1.76
N ALA C 172 1.42 -33.82 2.08
CA ALA C 172 0.01 -33.66 2.41
C ALA C 172 -0.19 -32.96 3.75
N ALA C 173 0.82 -32.93 4.61
CA ALA C 173 0.73 -32.18 5.84
C ALA C 173 0.74 -30.69 5.57
N HIS C 174 1.79 -30.20 4.89
CA HIS C 174 1.90 -28.76 4.74
C HIS C 174 0.92 -28.23 3.68
N CYS C 175 0.61 -29.02 2.65
CA CYS C 175 -0.42 -28.61 1.71
C CYS C 175 -1.81 -28.71 2.32
N GLN C 176 -1.95 -29.46 3.41
CA GLN C 176 -3.06 -29.38 4.34
C GLN C 176 -4.45 -29.71 3.80
N LYS C 177 -4.78 -31.00 3.74
CA LYS C 177 -6.15 -31.46 3.84
C LYS C 177 -6.34 -32.26 5.14
N TYR C 178 -7.31 -31.83 5.94
CA TYR C 178 -7.47 -32.35 7.31
C TYR C 178 -8.00 -33.77 7.31
N GLU C 179 -8.91 -34.10 6.41
CA GLU C 179 -9.36 -35.48 6.39
C GLU C 179 -8.35 -36.40 5.73
N VAL C 180 -7.44 -35.85 4.95
CA VAL C 180 -6.26 -36.62 4.57
C VAL C 180 -5.35 -36.84 5.77
N VAL C 181 -5.34 -35.92 6.73
CA VAL C 181 -4.64 -36.17 7.99
C VAL C 181 -5.35 -37.24 8.81
N HIS C 182 -6.69 -37.33 8.71
CA HIS C 182 -7.40 -38.47 9.27
C HIS C 182 -7.02 -39.77 8.56
N MET C 183 -6.80 -39.71 7.25
CA MET C 183 -6.34 -40.90 6.54
C MET C 183 -4.90 -41.24 6.89
N LEU C 184 -4.11 -40.25 7.30
CA LEU C 184 -2.80 -40.53 7.87
C LEU C 184 -2.94 -41.19 9.23
N LEU C 185 -3.97 -40.80 9.99
CA LEU C 185 -4.27 -41.48 11.25
C LEU C 185 -4.79 -42.89 11.03
N MET C 186 -5.30 -43.19 9.83
CA MET C 186 -5.55 -44.58 9.49
C MET C 186 -4.26 -45.38 9.41
N LYS C 187 -3.17 -44.74 9.01
CA LYS C 187 -1.85 -45.32 9.19
C LYS C 187 -1.30 -44.96 10.56
N GLY C 188 -0.11 -45.47 10.87
CA GLY C 188 0.66 -44.91 11.96
C GLY C 188 1.99 -44.39 11.45
N ALA C 189 2.11 -43.07 11.36
CA ALA C 189 3.35 -42.43 10.92
C ALA C 189 3.30 -40.98 11.36
N ARG C 190 4.17 -40.61 12.29
CA ARG C 190 4.23 -39.23 12.75
C ARG C 190 5.67 -38.74 12.78
N CYS C 201 18.40 -34.74 15.09
CA CYS C 201 18.38 -36.19 15.22
C CYS C 201 19.68 -36.78 14.68
N GLY C 202 20.81 -36.26 15.14
CA GLY C 202 22.10 -36.54 14.54
C GLY C 202 22.63 -37.95 14.77
N ASP C 203 21.89 -38.93 14.29
CA ASP C 203 22.25 -40.34 14.41
C ASP C 203 23.11 -40.73 13.21
N CYS C 204 23.28 -42.05 13.02
CA CYS C 204 23.98 -42.53 11.83
C CYS C 204 23.17 -42.25 10.56
N MET C 205 21.84 -42.22 10.67
CA MET C 205 21.00 -42.07 9.49
C MET C 205 21.12 -40.68 8.89
N GLU C 206 21.29 -39.65 9.72
CA GLU C 206 21.51 -38.32 9.17
C GLU C 206 22.94 -38.12 8.70
N LYS C 207 23.89 -38.89 9.25
CA LYS C 207 25.28 -38.67 8.91
C LYS C 207 25.71 -39.47 7.69
N GLN C 208 25.11 -40.63 7.44
CA GLN C 208 25.53 -41.50 6.34
C GLN C 208 25.19 -40.95 4.97
N ARG C 209 24.36 -39.91 4.89
CA ARG C 209 24.28 -39.09 3.68
C ARG C 209 25.37 -38.03 3.83
N HIS C 210 26.60 -38.47 3.58
CA HIS C 210 27.78 -37.76 4.03
C HIS C 210 28.07 -36.53 3.19
N ASP C 211 28.45 -35.44 3.86
CA ASP C 211 29.30 -34.38 3.34
C ASP C 211 28.70 -33.57 2.20
N SER C 212 27.47 -33.84 1.80
CA SER C 212 26.83 -33.14 0.70
C SER C 212 25.93 -32.02 1.19
N PHE C 213 25.12 -32.30 2.20
CA PHE C 213 24.31 -31.40 3.00
C PHE C 213 23.15 -30.78 2.23
N SER C 214 23.02 -31.04 0.92
CA SER C 214 21.73 -30.89 0.28
C SER C 214 20.75 -31.91 0.81
N HIS C 215 21.26 -33.06 1.25
CA HIS C 215 20.48 -33.94 2.10
C HIS C 215 20.09 -33.25 3.40
N SER C 216 21.00 -32.49 3.99
CA SER C 216 20.64 -31.74 5.19
C SER C 216 19.70 -30.60 4.84
N ARG C 217 19.81 -30.05 3.64
CA ARG C 217 18.83 -29.08 3.17
C ARG C 217 17.45 -29.72 3.04
N SER C 218 17.42 -30.98 2.60
CA SER C 218 16.15 -31.70 2.55
C SER C 218 15.64 -32.03 3.95
N ARG C 219 16.54 -32.24 4.90
CA ARG C 219 16.14 -32.42 6.29
C ARG C 219 15.55 -31.13 6.85
N ILE C 220 16.16 -29.99 6.48
CA ILE C 220 15.60 -28.68 6.79
C ILE C 220 14.22 -28.54 6.18
N ASN C 221 14.05 -28.99 4.94
CA ASN C 221 12.76 -28.95 4.27
C ASN C 221 11.75 -29.89 4.92
N ALA C 222 12.23 -30.97 5.52
CA ALA C 222 11.33 -31.89 6.22
C ALA C 222 10.84 -31.27 7.51
N TYR C 223 11.73 -30.61 8.25
CA TYR C 223 11.27 -29.86 9.41
C TYR C 223 10.54 -28.58 9.02
N LYS C 224 10.63 -28.15 7.74
CA LYS C 224 9.71 -27.14 7.21
C LYS C 224 8.32 -27.73 7.05
N GLY C 225 8.24 -29.04 6.85
CA GLY C 225 6.96 -29.70 6.82
C GLY C 225 6.25 -29.72 8.16
N LEU C 226 6.98 -29.46 9.26
CA LEU C 226 6.39 -29.34 10.58
C LEU C 226 5.63 -28.05 10.80
N ALA C 227 5.42 -27.21 9.77
CA ALA C 227 4.97 -25.85 10.02
C ALA C 227 3.46 -25.75 10.23
N SER C 228 2.92 -26.64 11.07
CA SER C 228 1.71 -26.51 11.87
C SER C 228 0.39 -26.07 11.23
N PRO C 229 -0.11 -26.71 10.17
CA PRO C 229 -1.57 -26.62 9.96
C PRO C 229 -2.30 -27.82 10.53
N ALA C 230 -1.57 -28.90 10.81
CA ALA C 230 -2.16 -30.12 11.33
C ALA C 230 -1.47 -30.66 12.57
N TYR C 231 -0.33 -30.11 12.96
CA TYR C 231 0.46 -30.65 14.05
C TYR C 231 -0.17 -30.39 15.40
N LEU C 232 -1.14 -29.49 15.46
CA LEU C 232 -1.98 -29.41 16.65
C LEU C 232 -2.82 -30.67 16.79
N SER C 233 -3.19 -31.29 15.67
CA SER C 233 -3.88 -32.56 15.66
C SER C 233 -2.96 -33.75 15.47
N LEU C 234 -1.83 -33.58 14.78
CA LEU C 234 -0.89 -34.68 14.59
C LEU C 234 -0.24 -35.09 15.90
N SER C 235 0.16 -34.12 16.71
CA SER C 235 0.40 -34.40 18.12
C SER C 235 -0.93 -34.77 18.75
N SER C 236 -0.91 -35.82 19.60
CA SER C 236 -2.15 -36.40 20.08
C SER C 236 -2.87 -35.47 21.03
N GLU C 237 -2.19 -35.00 22.07
CA GLU C 237 -2.81 -34.09 23.04
C GLU C 237 -1.82 -33.03 23.47
N ASP C 238 -2.36 -31.91 23.92
CA ASP C 238 -1.62 -30.75 24.42
C ASP C 238 -0.51 -30.25 23.50
N PRO C 239 -0.85 -29.68 22.35
CA PRO C 239 0.20 -29.24 21.41
C PRO C 239 0.82 -27.92 21.79
N VAL C 240 0.33 -27.27 22.84
CA VAL C 240 0.81 -25.94 23.18
C VAL C 240 2.23 -25.99 23.71
N LEU C 241 2.48 -26.94 24.62
CA LEU C 241 3.83 -27.12 25.16
C LEU C 241 4.79 -27.59 24.08
N THR C 242 4.28 -28.41 23.16
CA THR C 242 5.09 -28.87 22.04
C THR C 242 5.49 -27.72 21.15
N ALA C 243 4.55 -26.81 20.89
CA ALA C 243 4.84 -25.64 20.07
C ALA C 243 5.77 -24.68 20.80
N LEU C 244 5.69 -24.62 22.13
CA LEU C 244 6.63 -23.83 22.92
C LEU C 244 8.06 -24.33 22.76
N GLU C 245 8.26 -25.63 22.97
CA GLU C 245 9.59 -26.22 22.88
C GLU C 245 10.11 -26.17 21.45
N LEU C 246 9.23 -26.37 20.48
CA LEU C 246 9.63 -26.26 19.08
C LEU C 246 9.99 -24.84 18.71
N SER C 247 9.28 -23.85 19.26
CA SER C 247 9.60 -22.45 19.00
C SER C 247 10.94 -22.07 19.60
N ASN C 248 11.26 -22.62 20.77
CA ASN C 248 12.58 -22.39 21.34
C ASN C 248 13.66 -23.06 20.51
N GLU C 249 13.35 -24.25 19.96
CA GLU C 249 14.27 -24.87 19.00
C GLU C 249 14.38 -24.05 17.72
N LEU C 250 13.34 -23.33 17.36
CA LEU C 250 13.40 -22.45 16.21
C LEU C 250 14.24 -21.22 16.49
N ALA C 251 14.21 -20.75 17.74
CA ALA C 251 15.16 -19.72 18.14
C ALA C 251 16.59 -20.23 18.05
N LYS C 252 16.79 -21.51 18.40
CA LYS C 252 18.09 -22.14 18.21
C LYS C 252 18.47 -22.22 16.74
N LEU C 253 17.50 -22.57 15.89
CA LEU C 253 17.74 -22.63 14.45
C LEU C 253 17.97 -21.25 13.85
N ALA C 254 17.39 -20.22 14.46
CA ALA C 254 17.68 -18.85 14.06
C ALA C 254 19.07 -18.45 14.52
N ASN C 255 19.54 -19.03 15.62
CA ASN C 255 20.92 -18.83 16.02
C ASN C 255 21.87 -19.56 15.08
N ILE C 256 21.42 -20.64 14.47
CA ILE C 256 22.18 -21.33 13.45
C ILE C 256 22.09 -20.52 12.16
N GLU C 257 23.24 -20.30 11.51
CA GLU C 257 23.31 -19.38 10.39
C GLU C 257 23.14 -20.05 9.04
N LYS C 258 22.40 -21.16 8.98
CA LYS C 258 22.16 -21.82 7.71
C LYS C 258 21.18 -21.04 6.85
N GLU C 259 19.93 -20.97 7.32
CA GLU C 259 18.85 -20.33 6.56
C GLU C 259 17.92 -19.69 7.59
N PHE C 260 18.00 -18.36 7.72
CA PHE C 260 17.26 -17.67 8.77
C PHE C 260 15.78 -17.60 8.45
N LYS C 261 15.45 -17.17 7.22
CA LYS C 261 14.10 -16.73 6.90
C LYS C 261 13.08 -17.87 6.95
N ASN C 262 13.49 -19.07 6.59
CA ASN C 262 12.59 -20.21 6.71
C ASN C 262 12.33 -20.55 8.16
N ASP C 263 13.35 -20.40 9.01
CA ASP C 263 13.15 -20.58 10.44
C ASP C 263 12.23 -19.50 11.01
N TYR C 264 12.30 -18.28 10.47
CA TYR C 264 11.35 -17.25 10.86
C TYR C 264 9.94 -17.59 10.40
N ARG C 265 9.81 -18.22 9.23
CA ARG C 265 8.50 -18.67 8.77
C ARG C 265 7.92 -19.74 9.67
N LYS C 266 8.77 -20.68 10.11
CA LYS C 266 8.32 -21.70 11.06
C LYS C 266 7.93 -21.07 12.40
N LEU C 267 8.71 -20.07 12.83
CA LEU C 267 8.38 -19.28 14.02
C LEU C 267 7.02 -18.62 13.88
N SER C 268 6.74 -18.04 12.72
CA SER C 268 5.46 -17.42 12.46
C SER C 268 4.34 -18.43 12.53
N MET C 269 4.55 -19.62 11.98
CA MET C 269 3.50 -20.63 11.99
C MET C 269 3.20 -21.14 13.40
N GLN C 270 4.24 -21.30 14.22
CA GLN C 270 3.98 -21.80 15.57
C GLN C 270 3.42 -20.71 16.48
N CYS C 271 3.90 -19.48 16.33
CA CYS C 271 3.28 -18.37 17.06
C CYS C 271 1.84 -18.17 16.63
N LYS C 272 1.52 -18.47 15.37
CA LYS C 272 0.13 -18.42 14.98
C LYS C 272 -0.67 -19.62 15.47
N ASP C 273 0.06 -20.69 15.84
CA ASP C 273 -0.55 -21.85 16.53
C ASP C 273 -1.03 -21.32 17.90
N PHE C 274 -0.22 -20.46 18.53
CA PHE C 274 -0.56 -19.87 19.82
C PHE C 274 -1.67 -18.84 19.69
N VAL C 275 -1.64 -18.05 18.60
CA VAL C 275 -2.70 -17.09 18.32
C VAL C 275 -4.03 -17.79 18.11
N VAL C 276 -4.00 -18.92 17.40
CA VAL C 276 -5.17 -19.78 17.25
C VAL C 276 -5.65 -20.26 18.61
N GLY C 277 -4.74 -20.79 19.42
CA GLY C 277 -5.06 -21.32 20.72
C GLY C 277 -5.61 -20.30 21.70
N VAL C 278 -5.30 -19.03 21.50
CA VAL C 278 -5.93 -17.98 22.30
C VAL C 278 -7.41 -17.84 21.94
N LEU C 279 -7.72 -17.89 20.66
CA LEU C 279 -8.94 -17.27 20.17
C LEU C 279 -10.15 -18.18 20.18
N ASP C 280 -10.25 -19.07 21.17
CA ASP C 280 -11.54 -19.62 21.54
C ASP C 280 -11.93 -19.10 22.90
N LEU C 281 -11.82 -17.78 23.08
CA LEU C 281 -12.04 -17.13 24.37
C LEU C 281 -13.52 -17.15 24.75
N CYS C 282 -14.04 -18.35 25.04
CA CYS C 282 -15.46 -18.54 25.34
C CYS C 282 -15.66 -18.97 26.80
N ARG C 283 -15.02 -20.06 27.19
CA ARG C 283 -14.92 -20.45 28.60
C ARG C 283 -13.46 -20.27 29.00
N ASP C 284 -13.20 -19.25 29.82
CA ASP C 284 -11.84 -18.99 30.27
C ASP C 284 -11.35 -20.05 31.24
N SER C 285 -12.28 -20.80 31.86
CA SER C 285 -11.91 -21.95 32.67
C SER C 285 -11.15 -22.98 31.85
N GLU C 286 -11.60 -23.21 30.61
CA GLU C 286 -10.94 -24.17 29.73
C GLU C 286 -9.53 -23.72 29.38
N GLU C 287 -9.31 -22.42 29.30
CA GLU C 287 -8.00 -21.91 28.91
C GLU C 287 -7.07 -21.72 30.10
N VAL C 288 -7.60 -21.55 31.30
CA VAL C 288 -6.77 -21.62 32.50
C VAL C 288 -6.39 -23.08 32.76
N GLU C 289 -7.25 -24.03 32.38
CA GLU C 289 -6.82 -25.42 32.29
C GLU C 289 -5.71 -25.58 31.25
N ALA C 290 -5.85 -24.91 30.11
CA ALA C 290 -4.79 -24.92 29.10
C ALA C 290 -3.55 -24.19 29.61
N ILE C 291 -3.68 -22.90 29.92
CA ILE C 291 -2.57 -22.12 30.44
C ILE C 291 -2.68 -22.22 31.97
N LEU C 292 -2.05 -23.24 32.52
CA LEU C 292 -2.04 -23.42 33.97
C LEU C 292 -1.28 -22.31 34.67
N ASN C 293 -0.22 -21.82 34.03
CA ASN C 293 0.45 -20.59 34.43
C ASN C 293 0.93 -19.87 33.18
N GLY C 294 0.83 -18.55 33.19
CA GLY C 294 1.20 -17.74 32.04
C GLY C 294 2.69 -17.61 31.82
N ASP C 295 3.52 -18.14 32.72
CA ASP C 295 4.96 -18.13 32.56
C ASP C 295 5.42 -18.99 31.40
N LEU C 296 4.55 -19.89 30.92
CA LEU C 296 4.78 -20.59 29.66
C LEU C 296 4.97 -19.61 28.52
N GLU C 297 4.26 -18.47 28.56
CA GLU C 297 4.48 -17.41 27.58
C GLU C 297 5.86 -16.80 27.71
N SER C 298 6.40 -16.73 28.93
CA SER C 298 7.80 -16.33 29.08
C SER C 298 8.72 -17.43 28.56
N ALA C 299 8.25 -18.68 28.57
CA ALA C 299 8.94 -19.74 27.87
C ALA C 299 8.93 -19.50 26.36
N GLU C 300 7.94 -18.74 25.87
CA GLU C 300 8.06 -18.16 24.53
C GLU C 300 9.25 -17.24 24.45
N PRO C 301 9.40 -16.36 25.44
CA PRO C 301 10.15 -15.11 25.34
C PRO C 301 9.76 -14.35 24.07
N LEU C 302 8.49 -13.97 24.02
CA LEU C 302 7.90 -13.29 22.86
C LEU C 302 6.81 -12.34 23.35
N GLU C 303 5.97 -11.88 22.42
CA GLU C 303 4.92 -10.92 22.73
C GLU C 303 3.60 -11.58 23.09
N VAL C 304 3.41 -12.85 22.72
CA VAL C 304 2.36 -13.78 23.14
C VAL C 304 0.97 -13.49 22.58
N HIS C 305 0.80 -12.33 21.94
CA HIS C 305 -0.47 -11.88 21.34
C HIS C 305 -1.64 -11.98 22.32
N ARG C 306 -1.44 -11.43 23.51
CA ARG C 306 -2.39 -11.60 24.61
C ARG C 306 -3.66 -10.82 24.31
N HIS C 307 -4.68 -11.55 23.84
CA HIS C 307 -5.97 -10.92 23.54
C HIS C 307 -6.74 -10.63 24.82
N LYS C 308 -6.95 -11.64 25.65
CA LYS C 308 -7.68 -11.45 26.88
C LYS C 308 -6.74 -11.24 28.06
N ALA C 309 -7.28 -10.63 29.11
CA ALA C 309 -6.57 -10.35 30.36
C ALA C 309 -7.44 -10.73 31.54
N SER C 310 -7.96 -11.96 31.49
CA SER C 310 -9.02 -12.38 32.42
C SER C 310 -8.50 -12.48 33.85
N LEU C 311 -7.38 -13.18 34.05
CA LEU C 311 -6.82 -13.27 35.40
C LEU C 311 -6.16 -11.97 35.83
N SER C 312 -5.88 -11.07 34.89
CA SER C 312 -5.26 -9.78 35.20
C SER C 312 -6.16 -8.86 36.00
N ARG C 313 -7.45 -9.17 36.12
CA ARG C 313 -8.27 -8.53 37.13
C ARG C 313 -7.72 -8.82 38.52
N VAL C 314 -7.49 -10.10 38.82
CA VAL C 314 -6.88 -10.46 40.09
C VAL C 314 -5.38 -10.19 40.07
N LYS C 315 -4.75 -10.33 38.91
CA LYS C 315 -3.30 -10.19 38.86
C LYS C 315 -2.88 -8.73 38.73
N LEU C 316 -3.21 -8.10 37.61
CA LEU C 316 -2.68 -6.76 37.32
C LEU C 316 -3.46 -5.69 38.04
N UNK C 391 -5.14 -7.10 40.34
CA UNK C 391 -5.12 -6.56 41.68
C UNK C 391 -3.72 -6.54 42.27
N UNK C 392 -3.12 -7.74 42.32
CA UNK C 392 -1.89 -7.97 43.10
C UNK C 392 -0.72 -7.16 42.56
N UNK C 393 -0.54 -7.17 41.23
CA UNK C 393 0.47 -6.33 40.61
C UNK C 393 0.21 -4.85 40.83
N UNK C 394 -1.07 -4.46 40.90
CA UNK C 394 -1.42 -3.11 41.32
C UNK C 394 -0.84 -2.81 42.69
N UNK C 395 -0.99 -3.77 43.62
CA UNK C 395 -0.32 -3.68 44.91
C UNK C 395 1.20 -3.59 44.73
N UNK C 396 1.74 -4.41 43.84
CA UNK C 396 3.16 -4.32 43.51
C UNK C 396 3.49 -2.98 42.86
N UNK C 397 2.57 -2.46 42.04
CA UNK C 397 2.76 -1.14 41.46
C UNK C 397 2.77 -0.08 42.54
N UNK C 398 1.96 -0.28 43.59
CA UNK C 398 1.99 0.61 44.74
C UNK C 398 3.38 0.59 45.39
N UNK C 399 3.97 -0.61 45.50
CA UNK C 399 5.33 -0.73 45.99
C UNK C 399 6.29 0.01 45.06
N UNK C 400 6.07 -0.12 43.75
CA UNK C 400 6.85 0.62 42.77
C UNK C 400 6.67 2.12 42.95
N UNK C 401 5.44 2.53 43.26
CA UNK C 401 5.18 3.94 43.56
C UNK C 401 5.96 4.40 44.77
N UNK C 402 6.05 3.53 45.79
CA UNK C 402 6.86 3.84 46.97
C UNK C 402 8.32 3.97 46.58
N UNK C 403 8.78 3.10 45.67
CA UNK C 403 10.14 3.20 45.15
C UNK C 403 10.32 4.51 44.41
N UNK C 404 9.31 4.91 43.62
CA UNK C 404 9.34 6.20 42.96
C UNK C 404 9.35 7.33 43.97
N UNK C 405 8.58 7.16 45.06
CA UNK C 405 8.60 8.14 46.14
C UNK C 405 9.97 8.23 46.77
N UNK C 406 10.66 7.07 46.89
CA UNK C 406 12.02 7.07 47.42
C UNK C 406 12.95 7.83 46.49
N UNK C 407 12.74 7.68 45.18
CA UNK C 407 13.51 8.47 44.22
C UNK C 407 13.19 9.94 44.36
N UNK C 408 11.92 10.26 44.64
CA UNK C 408 11.55 11.64 44.95
C UNK C 408 12.21 12.09 46.24
N UNK C 409 12.35 11.17 47.20
CA UNK C 409 13.11 11.47 48.40
C UNK C 409 14.57 11.74 48.06
N UNK C 410 15.11 10.96 47.11
CA UNK C 410 16.45 11.23 46.60
C UNK C 410 16.51 12.56 45.86
N UNK C 411 15.38 12.99 45.30
CA UNK C 411 15.33 14.29 44.66
C UNK C 411 15.27 15.43 45.67
N UNK C 412 14.93 15.14 46.93
CA UNK C 412 14.64 16.19 47.89
C UNK C 412 15.88 16.76 48.58
N UNK C 413 17.07 16.57 48.02
CA UNK C 413 18.28 17.01 48.70
C UNK C 413 18.53 18.51 48.61
N UNK C 414 17.74 19.24 47.84
CA UNK C 414 17.94 20.68 47.71
C UNK C 414 17.45 21.41 48.95
N UNK C 415 19.55 14.03 58.05
CA UNK C 415 18.93 14.75 56.94
C UNK C 415 19.53 14.30 55.62
N UNK C 416 20.59 15.00 55.20
CA UNK C 416 21.33 14.57 54.02
C UNK C 416 22.06 13.26 54.28
N UNK C 417 22.55 13.08 55.51
CA UNK C 417 23.04 11.77 55.90
C UNK C 417 21.91 10.75 55.94
N UNK C 418 20.71 11.18 56.36
CA UNK C 418 19.56 10.30 56.30
C UNK C 418 19.11 10.06 54.87
N UNK C 419 19.30 11.04 53.98
CA UNK C 419 19.00 10.84 52.57
C UNK C 419 19.96 9.82 51.95
N UNK C 420 21.24 9.91 52.29
CA UNK C 420 22.20 8.91 51.86
C UNK C 420 21.92 7.55 52.49
N UNK C 421 21.34 7.54 53.70
CA UNK C 421 20.94 6.29 54.33
C UNK C 421 19.79 5.63 53.58
N UNK C 422 18.79 6.43 53.17
CA UNK C 422 17.69 5.87 52.36
C UNK C 422 18.19 5.40 51.00
N UNK C 423 19.16 6.12 50.44
CA UNK C 423 19.76 5.70 49.17
C UNK C 423 20.52 4.38 49.31
N UNK C 424 21.29 4.23 50.40
CA UNK C 424 21.98 2.97 50.66
C UNK C 424 21.01 1.85 50.98
N UNK C 425 19.86 2.19 51.57
CA UNK C 425 18.81 1.19 51.81
C UNK C 425 18.25 0.68 50.49
N UNK C 426 17.97 1.58 49.54
CA UNK C 426 17.50 1.16 48.23
C UNK C 426 18.57 0.37 47.48
N UNK C 427 19.84 0.74 47.65
CA UNK C 427 20.93 0.03 46.98
C UNK C 427 21.10 -1.37 47.55
N UNK C 428 21.01 -1.52 48.87
CA UNK C 428 21.08 -2.84 49.48
C UNK C 428 19.86 -3.68 49.15
N UNK C 429 18.70 -3.03 48.97
CA UNK C 429 17.51 -3.76 48.51
C UNK C 429 17.70 -4.29 47.10
N UNK C 430 18.30 -3.49 46.21
CA UNK C 430 18.58 -3.97 44.86
C UNK C 430 19.64 -5.07 44.86
N UNK C 431 20.64 -4.95 45.74
CA UNK C 431 21.67 -5.98 45.84
C UNK C 431 21.12 -7.29 46.38
N UNK C 432 20.18 -7.21 47.32
CA UNK C 432 19.52 -8.42 47.81
C UNK C 432 18.57 -8.99 46.77
N UNK C 433 17.96 -8.12 45.95
CA UNK C 433 17.08 -8.61 44.91
C UNK C 433 17.84 -9.28 43.77
N UNK C 434 19.10 -8.89 43.56
CA UNK C 434 19.91 -9.46 42.50
C UNK C 434 20.53 -10.81 42.84
N UNK C 435 20.07 -11.49 43.89
CA UNK C 435 20.67 -12.75 44.31
C UNK C 435 20.27 -13.92 43.41
N UNK C 436 19.21 -13.78 42.62
CA UNK C 436 18.77 -14.85 41.74
C UNK C 436 19.60 -14.86 40.45
N UNK C 437 16.64 -8.10 31.26
CA UNK C 437 17.14 -7.45 32.47
C UNK C 437 18.02 -6.27 32.11
N UNK C 438 17.67 -5.59 31.01
CA UNK C 438 18.44 -4.43 30.57
C UNK C 438 18.25 -3.25 31.52
N UNK C 439 17.00 -2.91 31.83
CA UNK C 439 16.73 -1.89 32.83
C UNK C 439 17.13 -2.35 34.22
N UNK C 440 17.11 -3.66 34.47
CA UNK C 440 17.64 -4.20 35.72
C UNK C 440 19.15 -4.01 35.81
N UNK C 441 19.85 -4.17 34.67
CA UNK C 441 21.28 -3.88 34.64
C UNK C 441 21.53 -2.39 34.82
N UNK C 442 20.64 -1.55 34.29
CA UNK C 442 20.74 -0.11 34.51
C UNK C 442 20.54 0.24 35.98
N UNK C 443 19.61 -0.45 36.65
CA UNK C 443 19.39 -0.22 38.08
C UNK C 443 20.57 -0.70 38.91
N UNK C 444 21.18 -1.82 38.50
CA UNK C 444 22.37 -2.31 39.20
C UNK C 444 23.54 -1.36 39.01
N UNK C 445 23.69 -0.80 37.81
CA UNK C 445 24.74 0.20 37.58
C UNK C 445 24.46 1.48 38.36
N UNK C 446 23.20 1.85 38.49
CA UNK C 446 22.84 3.02 39.30
C UNK C 446 23.14 2.79 40.77
N UNK C 447 22.87 1.58 41.26
CA UNK C 447 23.21 1.23 42.63
C UNK C 447 24.72 1.21 42.84
N UNK C 448 25.47 0.78 41.82
CA UNK C 448 26.92 0.79 41.89
C UNK C 448 27.46 2.21 41.92
N UNK C 449 26.87 3.11 41.13
CA UNK C 449 27.28 4.51 41.14
C UNK C 449 26.93 5.16 42.47
N UNK C 450 25.78 4.81 43.04
CA UNK C 450 25.40 5.33 44.34
C UNK C 450 26.33 4.83 45.44
N UNK C 451 26.74 3.56 45.36
CA UNK C 451 27.65 3.00 46.34
C UNK C 451 29.04 3.62 46.22
N UNK C 452 29.49 3.90 44.99
CA UNK C 452 30.77 4.56 44.80
C UNK C 452 30.74 5.99 45.30
N UNK C 453 29.62 6.69 45.08
CA UNK C 453 29.48 8.05 45.59
C UNK C 453 29.43 8.07 47.12
N UNK C 454 28.75 7.09 47.72
CA UNK C 454 28.70 6.99 49.17
C UNK C 454 30.07 6.66 49.75
N UNK C 455 30.83 5.80 49.07
CA UNK C 455 32.17 5.48 49.55
C UNK C 455 33.10 6.67 49.42
N UNK C 456 32.96 7.45 48.34
CA UNK C 456 33.79 8.64 48.18
C UNK C 456 33.43 9.71 49.21
N UNK C 457 32.14 9.86 49.51
CA UNK C 457 31.71 10.79 50.54
C UNK C 457 32.16 10.33 51.93
N UNK C 458 32.19 9.02 52.17
CA UNK C 458 32.67 8.50 53.45
C UNK C 458 34.17 8.70 53.59
N UNK C 459 34.91 8.56 52.50
CA UNK C 459 36.34 8.83 52.52
C UNK C 459 36.61 10.32 52.74
N UNK C 460 35.78 11.18 52.15
CA UNK C 460 35.91 12.61 52.37
C UNK C 460 35.57 12.99 53.80
N UNK C 461 34.58 12.33 54.39
CA UNK C 461 34.23 12.60 55.79
C UNK C 461 35.29 12.06 56.74
N UNK C 462 35.93 10.94 56.39
CA UNK C 462 37.01 10.40 57.22
C UNK C 462 38.24 11.28 57.14
N UNK C 463 38.54 11.82 55.95
CA UNK C 463 39.66 12.75 55.83
C UNK C 463 39.35 14.09 56.48
N UNK C 464 38.07 14.48 56.53
CA UNK C 464 37.68 15.73 57.15
C UNK C 464 37.71 15.62 58.67
N UNK C 465 37.16 14.54 59.21
CA UNK C 465 37.13 14.31 60.65
C UNK C 465 38.35 13.57 61.17
N UNK C 466 39.47 13.61 60.42
CA UNK C 466 40.67 12.92 60.85
C UNK C 466 41.34 13.66 62.02
N UNK C 467 41.73 14.90 61.80
CA UNK C 467 42.39 15.68 62.84
C UNK C 467 41.36 16.22 63.82
N UNK C 468 41.87 16.78 64.91
CA UNK C 468 41.02 17.36 65.94
C UNK C 468 41.73 18.53 66.63
N UNK C 469 40.79 17.56 46.77
CA UNK C 469 40.34 17.39 45.40
C UNK C 469 39.42 16.18 45.27
N UNK C 470 39.43 15.32 46.31
CA UNK C 470 38.61 14.12 46.28
C UNK C 470 37.14 14.41 46.52
N UNK C 471 36.83 15.54 47.17
CA UNK C 471 35.43 15.91 47.38
C UNK C 471 34.75 16.27 46.07
N UNK C 472 35.52 16.82 45.11
CA UNK C 472 34.98 17.05 43.77
C UNK C 472 34.65 15.73 43.09
N UNK C 473 35.48 14.71 43.28
CA UNK C 473 35.19 13.39 42.73
C UNK C 473 33.98 12.77 43.42
N UNK C 474 33.81 13.03 44.71
CA UNK C 474 32.63 12.55 45.44
C UNK C 474 31.36 13.19 44.91
N UNK C 475 31.39 14.51 44.69
CA UNK C 475 30.24 15.21 44.14
C UNK C 475 29.96 14.79 42.69
N UNK C 476 31.01 14.48 41.93
CA UNK C 476 30.82 14.03 40.56
C UNK C 476 30.18 12.65 40.51
N UNK C 477 30.62 11.74 41.38
CA UNK C 477 29.98 10.43 41.47
C UNK C 477 28.55 10.55 41.98
N UNK C 478 28.29 11.52 42.86
CA UNK C 478 26.93 11.76 43.33
C UNK C 478 26.04 12.26 42.20
N UNK C 479 26.55 13.15 41.36
CA UNK C 479 25.76 13.66 40.24
C UNK C 479 25.54 12.58 39.18
N UNK C 480 26.54 11.73 38.96
CA UNK C 480 26.41 10.63 38.02
C UNK C 480 25.37 9.62 38.50
N UNK C 481 25.39 9.31 39.80
CA UNK C 481 24.39 8.42 40.37
C UNK C 481 23.01 9.06 40.37
N UNK C 482 22.93 10.39 40.50
CA UNK C 482 21.65 11.08 40.41
C UNK C 482 21.06 11.01 39.02
N UNK C 483 21.91 11.19 38.00
CA UNK C 483 21.46 11.04 36.62
C UNK C 483 21.06 9.60 36.33
N UNK C 484 21.82 8.63 36.86
CA UNK C 484 21.48 7.23 36.67
C UNK C 484 20.18 6.86 37.37
N UNK C 485 19.90 7.46 38.53
CA UNK C 485 18.65 7.19 39.22
C UNK C 485 17.48 7.85 38.51
N UNK C 486 17.69 9.02 37.91
CA UNK C 486 16.66 9.62 37.08
C UNK C 486 16.38 8.75 35.86
N UNK C 487 17.42 8.16 35.28
CA UNK C 487 17.24 7.24 34.16
C UNK C 487 16.50 5.98 34.60
N UNK C 488 16.80 5.46 35.78
CA UNK C 488 16.11 4.28 36.28
C UNK C 488 14.64 4.59 36.61
N UNK C 489 14.36 5.79 37.09
CA UNK C 489 12.98 6.20 37.33
C UNK C 489 12.22 6.35 36.02
N UNK C 490 12.90 6.81 34.97
CA UNK C 490 12.27 6.80 33.65
C UNK C 490 12.13 5.38 33.12
N UNK C 491 12.96 4.45 33.58
CA UNK C 491 12.99 3.08 33.07
C UNK C 491 11.95 2.17 33.71
N UNK C 492 10.89 2.72 34.30
CA UNK C 492 9.83 1.89 34.87
C UNK C 492 8.45 2.45 34.58
N UNK C 493 8.27 3.11 33.43
CA UNK C 493 7.02 3.81 33.18
C UNK C 493 5.93 2.88 32.67
N UNK C 494 6.12 2.33 31.46
CA UNK C 494 5.09 1.59 30.70
C UNK C 494 3.78 2.38 30.62
N UNK C 495 3.90 3.66 30.27
CA UNK C 495 2.79 4.61 30.40
C UNK C 495 1.93 4.58 29.14
N UNK C 496 0.69 4.11 29.30
CA UNK C 496 -0.36 4.11 28.28
C UNK C 496 0.01 3.37 27.01
N UNK C 497 0.94 2.42 27.12
CA UNK C 497 1.51 1.65 26.00
C UNK C 497 2.03 2.57 24.90
N UNK C 498 2.79 3.59 25.30
CA UNK C 498 3.21 4.64 24.39
C UNK C 498 4.72 4.76 24.21
N UNK C 499 5.51 4.11 25.06
CA UNK C 499 6.97 4.27 25.05
C UNK C 499 7.66 3.11 24.33
N UNK C 500 7.05 2.59 23.28
CA UNK C 500 7.54 1.35 22.69
C UNK C 500 8.71 1.58 21.74
N UNK C 501 8.47 2.32 20.66
CA UNK C 501 9.31 2.21 19.47
C UNK C 501 10.64 2.93 19.55
N UNK C 502 10.88 3.69 20.62
CA UNK C 502 12.14 4.44 20.71
C UNK C 502 13.34 3.54 20.97
N UNK C 503 13.10 2.32 21.46
CA UNK C 503 14.22 1.42 21.77
C UNK C 503 14.82 0.83 20.50
N UNK C 504 13.99 0.33 19.59
CA UNK C 504 14.49 -0.19 18.33
C UNK C 504 15.07 0.92 17.47
N UNK C 505 14.48 2.12 17.55
CA UNK C 505 15.05 3.30 16.92
C UNK C 505 16.41 3.61 17.50
N UNK C 506 16.57 3.46 18.82
CA UNK C 506 17.85 3.70 19.46
C UNK C 506 18.89 2.65 19.06
N UNK C 507 18.46 1.42 18.83
CA UNK C 507 19.39 0.37 18.42
C UNK C 507 19.90 0.59 17.00
N UNK C 508 18.97 0.88 16.07
CA UNK C 508 19.37 1.18 14.70
C UNK C 508 20.18 2.48 14.64
N UNK C 509 19.85 3.45 15.49
CA UNK C 509 20.64 4.67 15.58
C UNK C 509 21.99 4.41 16.19
N UNK C 510 22.10 3.40 17.06
CA UNK C 510 23.41 3.04 17.61
C UNK C 510 24.30 2.44 16.53
N UNK C 511 23.71 1.62 15.65
CA UNK C 511 24.46 1.08 14.53
C UNK C 511 24.92 2.18 13.57
N UNK C 512 23.97 3.05 13.18
CA UNK C 512 24.29 4.15 12.27
C UNK C 512 25.27 5.14 12.90
N UNK C 513 25.15 5.36 14.21
CA UNK C 513 26.06 6.25 14.90
C UNK C 513 27.42 5.63 15.10
N UNK C 514 27.50 4.29 15.14
CA UNK C 514 28.79 3.63 15.16
C UNK C 514 29.52 3.84 13.84
N UNK C 515 28.81 3.69 12.72
CA UNK C 515 29.42 3.98 11.42
C UNK C 515 29.81 5.45 11.31
N UNK C 516 28.92 6.35 11.75
CA UNK C 516 29.19 7.78 11.71
C UNK C 516 30.33 8.16 12.64
N UNK C 517 30.47 7.48 13.78
CA UNK C 517 31.56 7.76 14.70
C UNK C 517 32.88 7.25 14.18
N UNK C 518 32.88 6.14 13.43
CA UNK C 518 34.08 5.70 12.74
C UNK C 518 34.54 6.73 11.73
N UNK C 519 33.59 7.24 10.92
CA UNK C 519 33.92 8.28 9.96
C UNK C 519 34.37 9.58 10.65
N UNK C 520 33.75 9.90 11.78
CA UNK C 520 34.09 11.13 12.49
C UNK C 520 35.45 11.03 13.15
N UNK C 521 35.80 9.85 13.66
CA UNK C 521 37.12 9.64 14.22
C UNK C 521 38.18 9.70 13.13
N UNK C 522 37.86 9.19 11.94
CA UNK C 522 38.77 9.32 10.80
C UNK C 522 38.99 10.77 10.41
N UNK C 523 37.91 11.55 10.33
CA UNK C 523 38.02 12.96 9.98
C UNK C 523 38.72 13.76 11.05
N UNK C 524 38.53 13.40 12.32
CA UNK C 524 39.18 14.11 13.41
C UNK C 524 40.68 13.82 13.46
N UNK C 525 41.05 12.54 13.22
CA UNK C 525 42.46 12.19 13.13
C UNK C 525 43.13 12.86 11.94
N UNK C 526 42.38 13.06 10.85
CA UNK C 526 42.89 13.89 9.77
C UNK C 526 43.02 15.34 10.21
N UNK C 527 42.08 15.81 11.04
CA UNK C 527 42.08 17.17 11.54
C UNK C 527 43.07 17.41 12.68
N UNK C 528 43.83 16.38 13.07
CA UNK C 528 44.83 16.55 14.11
C UNK C 528 45.98 17.47 13.71
N UNK C 529 46.18 17.69 12.41
CA UNK C 529 47.22 18.60 11.94
C UNK C 529 46.88 20.06 12.28
N UNK C 530 41.54 23.33 16.55
CA UNK C 530 42.74 22.98 17.29
C UNK C 530 43.39 21.72 16.72
N UNK C 531 44.23 21.07 17.52
CA UNK C 531 44.96 19.88 17.08
C UNK C 531 44.59 18.63 17.87
N UNK C 532 44.65 18.69 19.20
CA UNK C 532 44.55 17.49 20.01
C UNK C 532 43.10 17.17 20.40
N UNK C 533 42.46 18.07 21.13
CA UNK C 533 41.10 17.83 21.62
C UNK C 533 40.04 18.42 20.70
N UNK C 534 40.43 18.81 19.48
CA UNK C 534 39.52 19.45 18.53
C UNK C 534 38.41 18.53 18.06
N UNK C 535 38.61 17.20 18.18
CA UNK C 535 37.53 16.23 17.97
C UNK C 535 36.35 16.53 18.88
N UNK C 536 36.64 16.83 20.15
CA UNK C 536 35.61 17.27 21.08
C UNK C 536 34.96 18.56 20.60
N UNK C 537 35.78 19.46 20.00
CA UNK C 537 35.24 20.66 19.36
C UNK C 537 34.29 20.28 18.24
N UNK C 538 34.66 19.28 17.43
CA UNK C 538 33.74 18.76 16.42
C UNK C 538 32.52 18.15 17.08
N UNK C 539 32.71 17.50 18.23
CA UNK C 539 31.59 16.95 18.98
C UNK C 539 30.67 18.04 19.49
N UNK C 540 31.17 19.26 19.66
CA UNK C 540 30.28 20.38 19.87
C UNK C 540 29.74 20.89 18.54
N UNK C 541 30.61 21.00 17.53
CA UNK C 541 30.28 21.74 16.32
C UNK C 541 29.30 21.00 15.42
N UNK C 542 29.06 19.70 15.67
CA UNK C 542 27.98 19.01 14.98
C UNK C 542 26.63 19.60 15.36
N UNK C 543 26.50 20.04 16.60
CA UNK C 543 25.36 20.84 17.03
C UNK C 543 25.70 22.33 17.09
N UNK C 544 26.69 22.74 16.30
CA UNK C 544 27.21 24.11 16.23
C UNK C 544 27.63 24.67 17.59
N UNK C 545 47.48 31.44 4.42
CA UNK C 545 48.27 30.74 3.41
C UNK C 545 47.44 29.62 2.77
N UNK C 546 48.11 28.52 2.42
CA UNK C 546 47.39 27.33 1.97
C UNK C 546 46.70 26.62 3.12
N UNK C 547 47.07 26.95 4.36
CA UNK C 547 46.32 26.46 5.52
C UNK C 547 44.91 27.01 5.55
N UNK C 548 44.69 28.18 4.95
CA UNK C 548 43.32 28.67 4.79
C UNK C 548 42.52 27.77 3.86
N UNK C 549 43.14 27.32 2.76
CA UNK C 549 42.50 26.34 1.89
C UNK C 549 42.32 25.01 2.60
N UNK C 550 43.25 24.65 3.49
CA UNK C 550 43.11 23.44 4.27
C UNK C 550 41.93 23.52 5.24
N UNK C 551 41.75 24.68 5.88
CA UNK C 551 40.60 24.87 6.76
C UNK C 551 39.31 24.91 5.99
N UNK C 552 39.34 25.45 4.76
CA UNK C 552 38.16 25.41 3.90
C UNK C 552 37.80 23.98 3.51
N UNK C 553 38.80 23.16 3.19
CA UNK C 553 38.55 21.76 2.92
C UNK C 553 38.10 21.02 4.18
N UNK C 554 38.56 21.45 5.34
CA UNK C 554 38.12 20.84 6.60
C UNK C 554 36.65 21.15 6.88
N UNK C 555 36.25 22.39 6.64
CA UNK C 555 34.83 22.74 6.76
C UNK C 555 34.00 22.03 5.70
N UNK C 556 34.59 21.79 4.52
CA UNK C 556 33.92 21.00 3.49
C UNK C 556 33.72 19.55 3.94
N UNK C 557 34.72 18.99 4.61
CA UNK C 557 34.59 17.64 5.15
C UNK C 557 33.56 17.60 6.28
N UNK C 558 33.49 18.67 7.08
CA UNK C 558 32.48 18.74 8.12
C UNK C 558 31.08 18.83 7.53
N UNK C 559 30.93 19.59 6.45
CA UNK C 559 29.64 19.67 5.79
C UNK C 559 29.29 18.37 5.08
N UNK C 560 30.29 17.66 4.57
CA UNK C 560 30.03 16.33 4.01
C UNK C 560 29.61 15.35 5.09
N UNK C 561 30.18 15.49 6.29
CA UNK C 561 29.72 14.70 7.42
C UNK C 561 28.30 15.06 7.82
N UNK C 562 27.94 16.33 7.69
CA UNK C 562 26.55 16.74 7.93
C UNK C 562 25.62 16.14 6.89
N UNK C 563 26.10 16.06 5.64
CA UNK C 563 25.34 15.38 4.60
C UNK C 563 25.18 13.90 4.90
N UNK C 564 26.22 13.30 5.48
CA UNK C 564 26.14 11.90 5.89
C UNK C 564 25.16 11.73 7.04
N UNK C 565 25.08 12.73 7.93
CA UNK C 565 24.09 12.69 9.01
C UNK C 565 22.68 12.82 8.45
N UNK C 566 22.52 13.64 7.41
CA UNK C 566 21.24 13.73 6.73
C UNK C 566 20.89 12.41 6.05
N UNK C 567 21.88 11.73 5.50
CA UNK C 567 21.66 10.43 4.89
C UNK C 567 21.28 9.39 5.94
N UNK C 568 21.86 9.48 7.13
CA UNK C 568 21.52 8.57 8.21
C UNK C 568 20.11 8.82 8.71
N UNK C 569 19.71 10.09 8.78
CA UNK C 569 18.34 10.42 9.15
C UNK C 569 17.35 9.96 8.09
N UNK C 570 17.74 10.06 6.81
CA UNK C 570 16.89 9.57 5.73
C UNK C 570 16.77 8.06 5.76
N UNK C 571 17.86 7.37 6.12
CA UNK C 571 17.80 5.92 6.22
C UNK C 571 16.98 5.47 7.42
N UNK C 572 17.04 6.24 8.51
CA UNK C 572 16.19 5.95 9.66
C UNK C 572 14.72 6.19 9.34
N UNK C 573 14.45 7.23 8.54
CA UNK C 573 13.08 7.46 8.08
C UNK C 573 12.61 6.38 7.14
N UNK C 574 13.53 5.85 6.31
CA UNK C 574 13.19 4.73 5.44
C UNK C 574 12.92 3.47 6.26
N UNK C 575 13.65 3.29 7.36
CA UNK C 575 13.37 2.18 8.26
C UNK C 575 12.03 2.36 8.95
N UNK C 576 11.67 3.60 9.27
CA UNK C 576 10.34 3.90 9.80
C UNK C 576 9.26 3.63 8.77
N UNK C 577 9.57 3.82 7.48
CA UNK C 577 8.62 3.44 6.44
C UNK C 577 8.46 1.94 6.35
N UNK C 578 9.50 1.19 6.68
CA UNK C 578 9.41 -0.26 6.70
C UNK C 578 8.66 -0.71 7.96
N UNK C 579 -1.45 -2.52 15.74
CA UNK C 579 -0.29 -3.31 15.33
C UNK C 579 0.84 -3.15 16.35
N UNK C 580 1.56 -2.03 16.25
CA UNK C 580 2.62 -1.75 17.20
C UNK C 580 2.06 -1.39 18.57
N UNK C 581 0.84 -0.85 18.61
CA UNK C 581 0.18 -0.60 19.87
C UNK C 581 -0.18 -1.90 20.57
N UNK C 582 -0.46 -2.96 19.81
CA UNK C 582 -0.67 -4.27 20.40
C UNK C 582 0.61 -4.80 21.03
N UNK C 583 1.75 -4.58 20.38
CA UNK C 583 3.03 -5.00 20.95
C UNK C 583 3.37 -4.17 22.19
N UNK C 584 3.03 -2.89 22.17
CA UNK C 584 3.28 -2.03 23.34
C UNK C 584 2.40 -2.43 24.51
N UNK C 585 1.12 -2.72 24.24
CA UNK C 585 0.22 -3.19 25.28
C UNK C 585 0.63 -4.56 25.79
N UNK C 586 1.16 -5.41 24.91
CA UNK C 586 1.63 -6.73 25.35
C UNK C 586 2.89 -6.62 26.18
N UNK C 587 3.76 -5.66 25.87
CA UNK C 587 4.96 -5.47 26.67
C UNK C 587 4.62 -4.85 28.02
N UNK C 588 3.69 -3.89 28.05
CA UNK C 588 3.23 -3.33 29.32
C UNK C 588 2.49 -4.37 30.15
N UNK C 589 1.75 -5.26 29.50
CA UNK C 589 1.11 -6.36 30.20
C UNK C 589 2.15 -7.37 30.69
N UNK C 590 3.25 -7.53 29.96
CA UNK C 590 4.33 -8.37 30.44
C UNK C 590 5.00 -7.76 31.66
N UNK C 591 5.10 -6.43 31.69
CA UNK C 591 5.61 -5.74 32.87
C UNK C 591 4.65 -5.91 34.05
N UNK C 592 3.35 -5.81 33.78
CA UNK C 592 2.36 -6.04 34.83
C UNK C 592 2.37 -7.49 35.30
N UNK C 593 2.65 -8.42 34.40
CA UNK C 593 2.74 -9.83 34.78
C UNK C 593 3.99 -10.10 35.59
N UNK C 594 5.08 -9.39 35.29
CA UNK C 594 6.29 -9.49 36.10
C UNK C 594 6.04 -8.90 37.49
N UNK C 595 5.26 -7.83 37.56
CA UNK C 595 4.90 -7.26 38.86
C UNK C 595 3.98 -8.20 39.62
N UNK C 596 3.11 -8.91 38.91
CA UNK C 596 2.23 -9.89 39.57
C UNK C 596 3.03 -11.09 40.04
N UNK C 597 4.03 -11.50 39.27
CA UNK C 597 4.92 -12.58 39.68
C UNK C 597 5.78 -12.15 40.87
N UNK C 598 6.14 -10.87 40.93
CA UNK C 598 6.77 -10.32 42.12
C UNK C 598 5.80 -10.34 43.29
N UNK C 599 4.51 -10.12 43.03
CA UNK C 599 3.50 -10.25 44.07
C UNK C 599 3.17 -11.71 44.37
N UNK C 600 3.43 -12.61 43.44
CA UNK C 600 3.19 -14.04 43.66
C UNK C 600 4.42 -14.70 44.26
N THR C 601 -9.84 -37.46 32.27
CA THR C 601 -10.11 -37.42 30.84
C THR C 601 -10.97 -36.23 30.49
N ARG C 602 -11.55 -35.60 31.51
CA ARG C 602 -12.39 -34.43 31.30
C ARG C 602 -11.60 -33.26 30.73
N TYR C 603 -10.39 -33.05 31.25
CA TYR C 603 -9.44 -32.11 30.66
C TYR C 603 -9.17 -32.45 29.20
N GLN C 604 -8.99 -33.73 28.91
CA GLN C 604 -8.76 -34.19 27.54
C GLN C 604 -9.97 -33.95 26.66
N GLN C 605 -11.17 -34.20 27.18
CA GLN C 605 -12.40 -33.96 26.41
C GLN C 605 -12.61 -32.49 26.15
N ILE C 606 -12.20 -31.63 27.08
CA ILE C 606 -12.23 -30.20 26.86
C ILE C 606 -11.26 -29.81 25.75
N MET C 607 -10.07 -30.41 25.74
CA MET C 607 -9.13 -30.21 24.64
C MET C 607 -9.72 -30.69 23.32
N LYS C 608 -10.49 -31.78 23.36
CA LYS C 608 -11.14 -32.28 22.17
C LYS C 608 -12.17 -31.30 21.63
N ARG C 609 -13.00 -30.74 22.52
CA ARG C 609 -13.95 -29.70 22.15
C ARG C 609 -13.25 -28.52 21.49
N LEU C 610 -12.14 -28.10 22.09
CA LEU C 610 -11.28 -27.05 21.54
C LEU C 610 -10.87 -27.37 20.11
N ILE C 611 -10.21 -28.51 19.91
CA ILE C 611 -9.59 -28.78 18.62
C ILE C 611 -10.64 -29.07 17.54
N LYS C 612 -11.79 -29.61 17.91
CA LYS C 612 -12.87 -29.78 16.94
C LYS C 612 -13.40 -28.43 16.49
N ARG C 613 -13.55 -27.48 17.43
CA ARG C 613 -13.93 -26.14 17.03
C ARG C 613 -12.84 -25.48 16.17
N TYR C 614 -11.57 -25.77 16.46
CA TYR C 614 -10.49 -25.17 15.70
C TYR C 614 -10.45 -25.68 14.27
N VAL C 615 -10.64 -26.99 14.08
CA VAL C 615 -10.59 -27.52 12.72
C VAL C 615 -11.84 -27.10 11.95
N LEU C 616 -12.99 -26.97 12.63
CA LEU C 616 -14.20 -26.50 11.97
C LEU C 616 -14.05 -25.06 11.50
N LYS C 617 -13.60 -24.19 12.40
CA LYS C 617 -13.44 -22.79 12.05
C LYS C 617 -12.31 -22.60 11.06
N ALA C 618 -11.28 -23.45 11.11
CA ALA C 618 -10.17 -23.33 10.18
C ALA C 618 -10.61 -23.71 8.76
N GLN C 619 -11.36 -24.80 8.63
CA GLN C 619 -11.77 -25.17 7.28
C GLN C 619 -12.81 -24.20 6.73
N VAL C 620 -13.65 -23.61 7.58
CA VAL C 620 -14.57 -22.63 7.01
C VAL C 620 -13.84 -21.32 6.67
N ASP C 621 -12.80 -20.97 7.42
CA ASP C 621 -12.05 -19.76 7.11
C ASP C 621 -11.24 -19.91 5.84
N LYS C 622 -10.67 -21.08 5.60
CA LYS C 622 -10.02 -21.28 4.31
C LYS C 622 -11.04 -21.42 3.19
N GLU C 623 -12.29 -21.75 3.51
CA GLU C 623 -13.35 -21.63 2.52
C GLU C 623 -13.86 -20.21 2.36
N ASN C 624 -13.38 -19.25 3.16
CA ASN C 624 -13.72 -17.84 2.94
C ASN C 624 -12.73 -17.09 2.06
N ASP C 625 -11.96 -17.77 1.21
CA ASP C 625 -10.85 -17.14 0.52
C ASP C 625 -11.08 -17.08 -0.98
N GLU C 626 -10.19 -16.40 -1.70
CA GLU C 626 -10.37 -16.36 -3.14
C GLU C 626 -9.84 -17.65 -3.77
N VAL C 627 -10.23 -17.87 -5.02
CA VAL C 627 -10.12 -19.18 -5.64
C VAL C 627 -9.12 -19.17 -6.77
N ASN C 628 -8.90 -20.34 -7.40
CA ASN C 628 -7.90 -20.42 -8.45
C ASN C 628 -8.42 -21.05 -9.73
N GLU C 629 -7.51 -21.33 -10.66
CA GLU C 629 -7.91 -21.83 -11.97
C GLU C 629 -8.23 -23.30 -11.95
N GLY C 630 -7.65 -24.05 -11.01
CA GLY C 630 -7.76 -25.50 -11.04
C GLY C 630 -9.17 -25.99 -10.79
N GLU C 631 -9.94 -25.24 -10.03
CA GLU C 631 -11.35 -25.56 -9.84
C GLU C 631 -12.11 -25.41 -11.14
N LEU C 632 -11.77 -24.38 -11.92
CA LEU C 632 -12.37 -24.22 -13.23
C LEU C 632 -11.92 -25.32 -14.17
N LYS C 633 -10.67 -25.77 -14.04
CA LYS C 633 -10.22 -26.92 -14.82
C LYS C 633 -11.04 -28.15 -14.51
N GLU C 634 -11.29 -28.39 -13.22
CA GLU C 634 -12.09 -29.52 -12.79
C GLU C 634 -13.52 -29.41 -13.29
N ILE C 635 -14.05 -28.19 -13.36
CA ILE C 635 -15.43 -28.10 -13.81
C ILE C 635 -15.51 -28.26 -15.32
N LYS C 636 -14.47 -27.87 -16.07
CA LYS C 636 -14.45 -28.15 -17.50
C LYS C 636 -14.35 -29.64 -17.75
N GLN C 637 -13.54 -30.32 -16.94
CA GLN C 637 -13.45 -31.77 -17.00
C GLN C 637 -14.79 -32.42 -16.70
N ASP C 638 -15.50 -31.89 -15.71
CA ASP C 638 -16.72 -32.57 -15.26
C ASP C 638 -17.85 -32.37 -16.27
N ILE C 639 -17.94 -31.18 -16.86
CA ILE C 639 -18.97 -30.98 -17.87
C ILE C 639 -18.62 -31.72 -19.15
N SER C 640 -17.33 -31.84 -19.46
CA SER C 640 -16.92 -32.65 -20.60
C SER C 640 -17.27 -34.11 -20.39
N SER C 641 -17.08 -34.61 -19.16
CA SER C 641 -17.40 -36.00 -18.84
C SER C 641 -18.89 -36.25 -18.91
N LEU C 642 -19.68 -35.28 -18.47
CA LEU C 642 -21.13 -35.40 -18.59
C LEU C 642 -21.56 -35.35 -20.04
N ARG C 643 -20.79 -34.68 -20.89
CA ARG C 643 -21.06 -34.79 -22.32
C ARG C 643 -20.60 -36.15 -22.85
N TYR C 644 -19.56 -36.72 -22.23
CA TYR C 644 -18.98 -37.97 -22.72
C TYR C 644 -19.90 -39.15 -22.43
N GLU C 645 -20.53 -39.15 -21.26
CA GLU C 645 -21.48 -40.21 -20.94
C GLU C 645 -22.72 -40.15 -21.82
N LEU C 646 -23.02 -38.98 -22.38
CA LEU C 646 -24.17 -38.82 -23.25
C LEU C 646 -23.93 -39.61 -24.54
N LEU C 647 -24.64 -40.71 -24.69
CA LEU C 647 -24.48 -41.57 -25.85
C LEU C 647 -25.70 -41.42 -26.76
N THR D 42 -20.25 -51.71 8.19
CA THR D 42 -19.94 -50.28 8.19
C THR D 42 -19.39 -49.85 6.85
N ALA D 43 -19.37 -50.77 5.89
CA ALA D 43 -19.15 -50.35 4.51
C ALA D 43 -20.36 -49.64 3.97
N GLU D 44 -21.55 -50.03 4.44
CA GLU D 44 -22.74 -49.26 4.14
C GLU D 44 -22.79 -47.95 4.90
N GLU D 45 -22.07 -47.84 6.02
CA GLU D 45 -21.82 -46.52 6.59
C GLU D 45 -21.02 -45.64 5.64
N GLU D 46 -20.12 -46.24 4.87
CA GLU D 46 -19.42 -45.48 3.86
C GLU D 46 -20.29 -45.20 2.65
N ARG D 47 -21.26 -46.09 2.38
CA ARG D 47 -22.28 -45.77 1.41
C ARG D 47 -23.09 -44.56 1.85
N PHE D 48 -23.36 -44.46 3.15
CA PHE D 48 -24.03 -43.27 3.66
C PHE D 48 -23.09 -42.07 3.73
N LEU D 49 -21.79 -42.30 3.89
CA LEU D 49 -20.81 -41.23 3.72
C LEU D 49 -20.88 -40.63 2.32
N ASP D 50 -21.00 -41.49 1.32
CA ASP D 50 -21.10 -40.99 -0.05
C ASP D 50 -22.46 -40.35 -0.31
N ALA D 51 -23.54 -41.02 0.12
CA ALA D 51 -24.89 -40.50 -0.05
C ALA D 51 -25.24 -39.37 0.88
N ALA D 52 -24.34 -38.98 1.78
CA ALA D 52 -24.52 -37.85 2.65
C ALA D 52 -23.64 -36.68 2.27
N GLU D 53 -22.34 -36.93 2.06
CA GLU D 53 -21.44 -35.89 1.58
C GLU D 53 -21.76 -35.49 0.15
N TYR D 54 -22.46 -36.33 -0.60
CA TYR D 54 -22.74 -36.04 -1.99
C TYR D 54 -24.17 -36.31 -2.40
N GLY D 55 -25.02 -36.84 -1.52
CA GLY D 55 -26.44 -36.97 -1.82
C GLY D 55 -26.80 -37.94 -2.93
N ASN D 56 -26.35 -39.19 -2.80
CA ASN D 56 -26.69 -40.21 -3.79
C ASN D 56 -28.15 -40.57 -3.64
N ILE D 57 -28.97 -39.99 -4.53
CA ILE D 57 -30.43 -39.97 -4.31
C ILE D 57 -31.08 -41.36 -4.28
N PRO D 58 -30.81 -42.29 -5.21
CA PRO D 58 -31.41 -43.63 -5.04
C PRO D 58 -30.83 -44.40 -3.87
N VAL D 59 -29.58 -44.12 -3.49
CA VAL D 59 -29.02 -44.71 -2.29
C VAL D 59 -29.72 -44.18 -1.05
N VAL D 60 -30.03 -42.88 -1.06
CA VAL D 60 -30.79 -42.29 0.05
C VAL D 60 -32.21 -42.86 0.08
N ARG D 61 -32.77 -43.15 -1.08
CA ARG D 61 -34.13 -43.70 -1.12
C ARG D 61 -34.14 -45.14 -0.61
N LYS D 62 -33.43 -46.03 -1.30
CA LYS D 62 -33.55 -47.45 -1.02
C LYS D 62 -32.78 -47.86 0.22
N MET D 63 -31.62 -47.25 0.48
CA MET D 63 -30.83 -47.65 1.63
C MET D 63 -31.34 -47.09 2.94
N LEU D 64 -32.26 -46.13 2.90
CA LEU D 64 -32.97 -45.70 4.10
C LEU D 64 -34.32 -46.36 4.23
N GLU D 65 -34.59 -47.40 3.45
CA GLU D 65 -35.71 -48.29 3.70
C GLU D 65 -35.35 -49.39 4.69
N GLU D 66 -34.10 -49.43 5.15
CA GLU D 66 -33.65 -50.33 6.18
C GLU D 66 -33.83 -49.65 7.54
N SER D 67 -33.24 -50.23 8.59
CA SER D 67 -33.36 -49.70 9.96
C SER D 67 -31.96 -49.50 10.51
N LYS D 68 -31.47 -48.25 10.49
CA LYS D 68 -30.14 -47.92 11.00
C LYS D 68 -30.19 -46.60 11.73
N THR D 69 -29.83 -46.63 13.02
CA THR D 69 -29.54 -45.41 13.77
C THR D 69 -28.11 -44.94 13.56
N LEU D 70 -27.32 -45.71 12.81
CA LEU D 70 -25.97 -45.30 12.42
C LEU D 70 -26.01 -44.07 11.54
N ASN D 71 -27.13 -43.85 10.84
CA ASN D 71 -27.35 -42.64 10.07
C ASN D 71 -27.28 -41.40 10.94
N VAL D 72 -27.71 -41.50 12.19
CA VAL D 72 -27.88 -40.30 13.02
C VAL D 72 -26.54 -39.92 13.61
N ASN D 73 -25.76 -39.16 12.83
CA ASN D 73 -24.52 -38.48 13.21
C ASN D 73 -23.43 -39.40 13.74
N CYS D 74 -23.59 -40.72 13.60
CA CYS D 74 -22.61 -41.69 14.05
C CYS D 74 -21.70 -42.14 12.92
N VAL D 75 -21.55 -41.31 11.89
CA VAL D 75 -21.02 -41.78 10.62
C VAL D 75 -19.50 -41.66 10.57
N ASP D 76 -18.94 -40.53 11.00
CA ASP D 76 -17.52 -40.52 11.31
C ASP D 76 -17.31 -41.17 12.68
N TYR D 77 -16.15 -41.81 12.84
CA TYR D 77 -15.79 -42.41 14.12
C TYR D 77 -15.28 -41.39 15.12
N MET D 78 -15.14 -40.14 14.69
CA MET D 78 -14.97 -38.95 15.53
C MET D 78 -16.03 -37.93 15.16
N GLY D 79 -17.29 -38.40 15.13
CA GLY D 79 -18.44 -37.86 14.40
C GLY D 79 -18.66 -36.36 14.34
N GLN D 80 -18.47 -35.82 13.15
CA GLN D 80 -18.41 -34.36 12.93
C GLN D 80 -19.73 -33.82 12.41
N ASN D 81 -20.83 -34.03 13.16
CA ASN D 81 -22.18 -33.56 12.84
C ASN D 81 -22.66 -34.04 11.46
N ALA D 82 -22.75 -35.37 11.33
CA ALA D 82 -22.83 -36.01 10.02
C ALA D 82 -24.17 -35.81 9.31
N LEU D 83 -25.28 -35.75 10.05
CA LEU D 83 -26.57 -35.44 9.43
C LEU D 83 -26.55 -34.04 8.85
N GLN D 84 -25.95 -33.10 9.54
CA GLN D 84 -25.85 -31.75 9.02
C GLN D 84 -24.76 -31.62 7.99
N LEU D 85 -23.77 -32.53 7.99
CA LEU D 85 -22.88 -32.66 6.84
C LEU D 85 -23.66 -33.11 5.60
N ALA D 86 -24.68 -33.94 5.78
CA ALA D 86 -25.59 -34.20 4.68
C ALA D 86 -26.43 -32.98 4.35
N VAL D 87 -26.70 -32.13 5.34
CA VAL D 87 -27.51 -30.95 5.08
C VAL D 87 -26.71 -29.88 4.34
N GLY D 88 -25.45 -29.69 4.73
CA GLY D 88 -24.66 -28.50 4.37
C GLY D 88 -24.39 -28.30 2.90
N ASN D 89 -24.66 -29.27 2.04
CA ASN D 89 -24.47 -29.11 0.61
C ASN D 89 -25.79 -28.75 -0.05
N GLU D 90 -25.76 -28.59 -1.38
CA GLU D 90 -26.95 -28.24 -2.13
C GLU D 90 -27.86 -29.40 -2.40
N HIS D 91 -27.70 -30.54 -1.74
CA HIS D 91 -28.55 -31.69 -2.01
C HIS D 91 -29.83 -31.54 -1.20
N LEU D 92 -30.65 -30.58 -1.64
CA LEU D 92 -31.74 -30.10 -0.81
C LEU D 92 -32.87 -31.10 -0.77
N GLU D 93 -33.07 -31.82 -1.87
CA GLU D 93 -34.05 -32.87 -1.87
C GLU D 93 -33.57 -34.06 -1.06
N VAL D 94 -32.26 -34.25 -0.95
CA VAL D 94 -31.73 -35.27 -0.05
C VAL D 94 -31.99 -34.87 1.41
N THR D 95 -31.88 -33.56 1.69
CA THR D 95 -32.27 -33.08 3.01
C THR D 95 -33.75 -33.26 3.26
N GLU D 96 -34.58 -33.11 2.23
CA GLU D 96 -36.01 -33.34 2.40
C GLU D 96 -36.34 -34.81 2.59
N LEU D 97 -35.57 -35.70 1.96
CA LEU D 97 -35.70 -37.12 2.22
C LEU D 97 -35.29 -37.44 3.65
N LEU D 98 -34.31 -36.72 4.18
CA LEU D 98 -34.04 -36.81 5.62
C LEU D 98 -35.20 -36.23 6.43
N LEU D 99 -35.88 -35.22 5.91
CA LEU D 99 -37.02 -34.64 6.59
C LEU D 99 -38.23 -35.56 6.60
N LYS D 100 -38.28 -36.53 5.67
CA LYS D 100 -39.42 -37.43 5.64
C LYS D 100 -39.36 -38.44 6.79
N LYS D 101 -38.17 -38.72 7.31
CA LYS D 101 -37.99 -39.67 8.40
C LYS D 101 -37.21 -38.96 9.50
N GLU D 102 -37.91 -38.54 10.55
CA GLU D 102 -37.31 -37.70 11.57
C GLU D 102 -37.43 -38.29 12.96
N ASN D 103 -37.07 -39.56 13.11
CA ASN D 103 -37.03 -40.16 14.43
C ASN D 103 -35.92 -39.56 15.28
N LEU D 104 -34.76 -39.32 14.68
CA LEU D 104 -33.60 -38.84 15.41
C LEU D 104 -32.81 -37.90 14.53
N ALA D 105 -32.58 -36.68 15.01
CA ALA D 105 -31.80 -35.68 14.29
C ALA D 105 -31.26 -34.67 15.30
N ARG D 106 -30.64 -33.61 14.80
CA ARG D 106 -30.25 -32.48 15.61
C ARG D 106 -30.84 -31.20 15.03
N ILE D 107 -31.03 -30.21 15.89
CA ILE D 107 -31.71 -28.97 15.50
C ILE D 107 -30.82 -27.77 15.79
N GLY D 108 -30.38 -27.64 17.05
CA GLY D 108 -29.62 -26.45 17.45
C GLY D 108 -28.28 -26.36 16.74
N ASP D 109 -27.63 -27.50 16.50
CA ASP D 109 -26.42 -27.51 15.70
C ASP D 109 -26.71 -27.15 14.24
N ALA D 110 -27.92 -27.45 13.76
CA ALA D 110 -28.28 -27.04 12.42
C ALA D 110 -28.61 -25.56 12.37
N LEU D 111 -29.19 -25.03 13.46
CA LEU D 111 -29.36 -23.60 13.65
C LEU D 111 -28.02 -22.87 13.59
N LEU D 112 -27.00 -23.46 14.20
CA LEU D 112 -25.64 -22.94 14.06
C LEU D 112 -25.16 -22.98 12.61
N LEU D 113 -25.12 -24.18 12.03
CA LEU D 113 -24.38 -24.38 10.78
C LEU D 113 -25.13 -23.86 9.56
N ALA D 114 -26.32 -24.40 9.29
CA ALA D 114 -26.86 -24.35 7.95
C ALA D 114 -27.40 -22.98 7.59
N ILE D 115 -27.78 -22.18 8.58
CA ILE D 115 -28.47 -20.93 8.28
C ILE D 115 -27.47 -19.85 7.85
N SER D 116 -26.23 -19.91 8.32
CA SER D 116 -25.26 -18.87 8.00
C SER D 116 -24.84 -18.93 6.54
N LYS D 117 -24.75 -20.12 5.95
CA LYS D 117 -24.53 -20.18 4.52
C LYS D 117 -25.82 -19.83 3.78
N GLY D 118 -25.67 -19.56 2.48
CA GLY D 118 -26.70 -18.94 1.67
C GLY D 118 -27.97 -19.72 1.37
N TYR D 119 -28.12 -20.89 1.98
CA TYR D 119 -29.22 -21.80 1.69
C TYR D 119 -30.52 -21.25 2.27
N VAL D 120 -31.31 -20.57 1.42
CA VAL D 120 -32.59 -20.05 1.88
C VAL D 120 -33.59 -21.18 2.04
N ARG D 121 -33.52 -22.17 1.15
CA ARG D 121 -34.49 -23.27 1.16
C ARG D 121 -34.29 -24.17 2.36
N ILE D 122 -33.05 -24.33 2.83
CA ILE D 122 -32.82 -25.08 4.05
C ILE D 122 -33.37 -24.33 5.25
N VAL D 123 -33.32 -22.99 5.22
CA VAL D 123 -33.96 -22.20 6.26
C VAL D 123 -35.47 -22.39 6.22
N GLU D 124 -36.03 -22.52 5.02
CA GLU D 124 -37.45 -22.85 4.89
C GLU D 124 -37.76 -24.24 5.45
N ALA D 125 -36.84 -25.18 5.25
CA ALA D 125 -37.01 -26.53 5.77
C ALA D 125 -36.95 -26.55 7.30
N ILE D 126 -36.05 -25.76 7.87
CA ILE D 126 -35.98 -25.60 9.32
C ILE D 126 -37.23 -24.90 9.84
N LEU D 127 -37.81 -24.03 9.03
CA LEU D 127 -39.09 -23.48 9.44
C LEU D 127 -40.25 -24.42 9.19
N ASN D 128 -40.04 -25.54 8.49
CA ASN D 128 -41.13 -26.51 8.36
C ASN D 128 -41.19 -27.46 9.56
N HIS D 129 -40.20 -28.35 9.69
CA HIS D 129 -40.27 -29.39 10.72
C HIS D 129 -39.70 -29.00 12.09
N PRO D 130 -38.59 -28.24 12.20
CA PRO D 130 -38.32 -27.61 13.51
C PRO D 130 -39.24 -26.44 13.85
N GLY D 131 -40.23 -26.12 13.02
CA GLY D 131 -41.35 -25.33 13.49
C GLY D 131 -42.17 -26.07 14.53
N PHE D 132 -42.18 -27.40 14.47
CA PHE D 132 -42.67 -28.20 15.58
C PHE D 132 -41.82 -28.01 16.81
N ALA D 133 -40.51 -27.78 16.63
CA ALA D 133 -39.62 -27.48 17.74
C ALA D 133 -39.73 -26.01 18.13
N ILE D 166 -25.07 -17.63 22.91
CA ILE D 166 -25.11 -18.20 21.57
C ILE D 166 -26.55 -18.28 21.09
N THR D 167 -26.91 -17.39 20.16
CA THR D 167 -28.29 -17.22 19.71
C THR D 167 -28.35 -17.22 18.19
N PRO D 168 -29.34 -17.92 17.60
CA PRO D 168 -29.35 -18.14 16.15
C PRO D 168 -29.75 -16.92 15.32
N ILE D 169 -30.68 -16.14 15.87
CA ILE D 169 -31.23 -15.00 15.15
C ILE D 169 -30.16 -13.93 14.97
N ILE D 170 -29.33 -13.74 15.99
CA ILE D 170 -28.16 -12.87 15.89
C ILE D 170 -27.15 -13.41 14.87
N LEU D 171 -27.01 -14.73 14.77
CA LEU D 171 -26.10 -15.33 13.79
C LEU D 171 -26.53 -15.01 12.37
N ALA D 172 -27.79 -15.29 12.05
CA ALA D 172 -28.30 -14.95 10.72
C ALA D 172 -28.46 -13.45 10.52
N ALA D 173 -28.51 -12.68 11.60
CA ALA D 173 -28.52 -11.23 11.46
C ALA D 173 -27.18 -10.71 10.98
N HIS D 174 -26.11 -11.02 11.70
CA HIS D 174 -24.83 -10.43 11.34
C HIS D 174 -24.23 -11.09 10.11
N CYS D 175 -24.48 -12.39 9.90
CA CYS D 175 -24.04 -13.01 8.65
C CYS D 175 -24.89 -12.59 7.47
N GLN D 176 -26.08 -12.03 7.74
CA GLN D 176 -26.83 -11.20 6.81
C GLN D 176 -27.32 -11.88 5.52
N LYS D 177 -28.44 -12.59 5.62
CA LYS D 177 -29.33 -12.77 4.47
C LYS D 177 -30.66 -12.06 4.75
N TYR D 178 -31.03 -11.18 3.82
CA TYR D 178 -32.17 -10.26 4.04
C TYR D 178 -33.50 -11.00 3.98
N GLU D 179 -33.64 -11.96 3.10
CA GLU D 179 -34.89 -12.69 3.08
C GLU D 179 -34.97 -13.69 4.21
N VAL D 180 -33.84 -14.07 4.79
CA VAL D 180 -33.86 -14.76 6.07
C VAL D 180 -34.32 -13.81 7.17
N VAL D 181 -34.04 -12.51 7.04
CA VAL D 181 -34.61 -11.54 7.98
C VAL D 181 -36.12 -11.40 7.75
N HIS D 182 -36.59 -11.56 6.51
CA HIS D 182 -38.03 -11.67 6.28
C HIS D 182 -38.60 -12.93 6.94
N MET D 183 -37.85 -14.03 6.92
CA MET D 183 -38.31 -15.22 7.61
C MET D 183 -38.25 -15.06 9.12
N LEU D 184 -37.38 -14.18 9.61
CA LEU D 184 -37.44 -13.79 11.02
C LEU D 184 -38.68 -12.97 11.29
N LEU D 185 -39.08 -12.14 10.33
CA LEU D 185 -40.34 -11.40 10.44
C LEU D 185 -41.55 -12.32 10.36
N MET D 186 -41.39 -13.51 9.79
CA MET D 186 -42.43 -14.53 9.92
C MET D 186 -42.58 -14.96 11.38
N LYS D 187 -41.50 -14.95 12.15
CA LYS D 187 -41.61 -15.06 13.59
C LYS D 187 -41.79 -13.67 14.20
N GLY D 188 -41.95 -13.65 15.52
CA GLY D 188 -41.76 -12.40 16.24
C GLY D 188 -40.65 -12.53 17.25
N ALA D 189 -39.49 -11.94 16.95
CA ALA D 189 -38.34 -11.98 17.85
C ALA D 189 -37.40 -10.87 17.43
N ARG D 190 -37.25 -9.85 18.27
CA ARG D 190 -36.34 -8.76 17.97
C ARG D 190 -35.47 -8.44 19.18
N CYS D 201 -29.01 -4.09 30.26
CA CYS D 201 -30.26 -4.71 30.71
C CYS D 201 -30.03 -5.45 32.03
N GLY D 202 -29.43 -4.75 32.99
CA GLY D 202 -28.93 -5.38 34.21
C GLY D 202 -29.99 -5.88 35.17
N ASP D 203 -30.82 -6.81 34.70
CA ASP D 203 -31.88 -7.42 35.49
C ASP D 203 -31.34 -8.62 36.24
N CYS D 204 -32.24 -9.45 36.78
CA CYS D 204 -31.81 -10.71 37.40
C CYS D 204 -31.25 -11.67 36.36
N MET D 205 -31.74 -11.60 35.12
CA MET D 205 -31.33 -12.56 34.10
C MET D 205 -29.88 -12.38 33.70
N GLU D 206 -29.39 -11.13 33.66
CA GLU D 206 -27.98 -10.92 33.38
C GLU D 206 -27.11 -11.20 34.60
N LYS D 207 -27.65 -11.09 35.80
CA LYS D 207 -26.85 -11.24 37.00
C LYS D 207 -26.75 -12.68 37.46
N GLN D 208 -27.78 -13.50 37.21
CA GLN D 208 -27.80 -14.87 37.71
C GLN D 208 -26.80 -15.78 37.00
N ARG D 209 -26.21 -15.35 35.89
CA ARG D 209 -24.99 -15.97 35.39
C ARG D 209 -23.84 -15.29 36.11
N HIS D 210 -23.66 -15.68 37.36
CA HIS D 210 -22.90 -14.90 38.32
C HIS D 210 -21.40 -15.01 38.08
N ASP D 211 -20.72 -13.87 38.21
CA ASP D 211 -19.32 -13.75 38.60
C ASP D 211 -18.32 -14.35 37.62
N SER D 212 -18.77 -14.85 36.48
CA SER D 212 -17.88 -15.47 35.50
C SER D 212 -17.53 -14.51 34.38
N PHE D 213 -18.52 -13.80 33.87
CA PHE D 213 -18.45 -12.67 32.94
C PHE D 213 -17.97 -13.06 31.55
N SER D 214 -17.61 -14.31 31.31
CA SER D 214 -17.61 -14.83 29.95
C SER D 214 -19.03 -14.92 29.42
N HIS D 215 -20.00 -15.10 30.33
CA HIS D 215 -21.39 -14.84 30.00
C HIS D 215 -21.59 -13.38 29.60
N SER D 216 -20.94 -12.45 30.33
CA SER D 216 -21.04 -11.05 29.93
C SER D 216 -20.28 -10.79 28.65
N ARG D 217 -19.21 -11.55 28.40
CA ARG D 217 -18.55 -11.49 27.11
C ARG D 217 -19.47 -11.97 26.00
N SER D 218 -20.29 -12.99 26.27
CA SER D 218 -21.28 -13.43 25.31
C SER D 218 -22.39 -12.41 25.14
N ARG D 219 -22.71 -11.66 26.20
CA ARG D 219 -23.66 -10.56 26.09
C ARG D 219 -23.09 -9.45 25.22
N ILE D 220 -21.80 -9.17 25.39
CA ILE D 220 -21.08 -8.25 24.51
C ILE D 220 -21.15 -8.74 23.08
N ASN D 221 -20.96 -10.05 22.87
CA ASN D 221 -21.06 -10.64 21.54
C ASN D 221 -22.47 -10.58 20.98
N ALA D 222 -23.47 -10.60 21.85
CA ALA D 222 -24.85 -10.49 21.39
C ALA D 222 -25.14 -9.07 20.93
N TYR D 223 -24.66 -8.08 21.68
CA TYR D 223 -24.77 -6.71 21.20
C TYR D 223 -23.79 -6.42 20.06
N LYS D 224 -22.81 -7.29 19.82
CA LYS D 224 -22.06 -7.28 18.56
C LYS D 224 -22.93 -7.75 17.41
N GLY D 225 -23.91 -8.59 17.71
CA GLY D 225 -24.88 -8.96 16.71
C GLY D 225 -25.76 -7.84 16.25
N LEU D 226 -25.84 -6.75 17.02
CA LEU D 226 -26.59 -5.56 16.63
C LEU D 226 -25.91 -4.74 15.55
N ALA D 227 -24.82 -5.20 14.94
CA ALA D 227 -23.99 -4.31 14.13
C ALA D 227 -24.53 -4.13 12.72
N SER D 228 -25.83 -3.87 12.62
CA SER D 228 -26.53 -3.14 11.56
C SER D 228 -26.33 -3.50 10.09
N PRO D 229 -26.49 -4.76 9.65
CA PRO D 229 -26.81 -4.93 8.23
C PRO D 229 -28.31 -5.06 8.00
N ALA D 230 -29.06 -5.34 9.05
CA ALA D 230 -30.50 -5.53 8.95
C ALA D 230 -31.30 -4.72 9.95
N TYR D 231 -30.65 -4.07 10.91
CA TYR D 231 -31.35 -3.40 11.99
C TYR D 231 -32.00 -2.11 11.53
N LEU D 232 -31.65 -1.63 10.34
CA LEU D 232 -32.44 -0.59 9.72
C LEU D 232 -33.81 -1.11 9.32
N SER D 233 -33.89 -2.41 9.01
CA SER D 233 -35.16 -3.08 8.73
C SER D 233 -35.71 -3.83 9.94
N LEU D 234 -34.84 -4.30 10.85
CA LEU D 234 -35.31 -4.99 12.04
C LEU D 234 -36.06 -4.05 12.98
N SER D 235 -35.53 -2.86 13.18
CA SER D 235 -36.36 -1.78 13.70
C SER D 235 -37.42 -1.46 12.66
N SER D 236 -38.66 -1.26 13.14
CA SER D 236 -39.79 -1.17 12.22
C SER D 236 -39.75 0.11 11.40
N GLU D 237 -39.63 1.27 12.05
CA GLU D 237 -39.59 2.53 11.34
C GLU D 237 -38.60 3.47 12.02
N ASP D 238 -38.09 4.42 11.22
CA ASP D 238 -37.15 5.45 11.64
C ASP D 238 -35.92 4.94 12.40
N PRO D 239 -35.02 4.22 11.73
CA PRO D 239 -33.86 3.66 12.42
C PRO D 239 -32.76 4.67 12.67
N VAL D 240 -32.91 5.90 12.16
CA VAL D 240 -31.84 6.88 12.25
C VAL D 240 -31.67 7.34 13.69
N LEU D 241 -32.77 7.66 14.36
CA LEU D 241 -32.73 8.07 15.76
C LEU D 241 -32.26 6.92 16.65
N THR D 242 -32.64 5.70 16.28
CA THR D 242 -32.20 4.52 17.01
C THR D 242 -30.70 4.36 16.89
N ALA D 243 -30.16 4.56 15.69
CA ALA D 243 -28.73 4.45 15.49
C ALA D 243 -27.98 5.59 16.17
N LEU D 244 -28.61 6.77 16.28
CA LEU D 244 -28.04 7.88 17.05
C LEU D 244 -27.87 7.52 18.51
N GLU D 245 -28.96 7.05 19.12
CA GLU D 245 -28.92 6.71 20.55
C GLU D 245 -28.01 5.52 20.80
N LEU D 246 -28.01 4.54 19.89
CA LEU D 246 -27.12 3.41 20.02
C LEU D 246 -25.66 3.82 19.87
N SER D 247 -25.38 4.77 18.98
CA SER D 247 -24.01 5.26 18.81
C SER D 247 -23.53 6.01 20.04
N ASN D 248 -24.44 6.74 20.69
CA ASN D 248 -24.07 7.40 21.94
C ASN D 248 -23.85 6.36 23.04
N GLU D 249 -24.63 5.28 23.03
CA GLU D 249 -24.36 4.17 23.93
C GLU D 249 -23.05 3.47 23.60
N LEU D 250 -22.64 3.51 22.33
CA LEU D 250 -21.35 2.96 21.96
C LEU D 250 -20.22 3.85 22.41
N ALA D 251 -20.45 5.16 22.43
CA ALA D 251 -19.49 6.05 23.07
C ALA D 251 -19.38 5.75 24.55
N LYS D 252 -20.50 5.42 25.18
CA LYS D 252 -20.48 4.97 26.57
C LYS D 252 -19.70 3.66 26.72
N LEU D 253 -19.90 2.73 25.78
CA LEU D 253 -19.17 1.47 25.82
C LEU D 253 -17.69 1.66 25.52
N ALA D 254 -17.36 2.68 24.74
CA ALA D 254 -15.96 3.03 24.55
C ALA D 254 -15.38 3.68 25.79
N ASN D 255 -16.22 4.35 26.59
CA ASN D 255 -15.77 4.83 27.88
C ASN D 255 -15.59 3.68 28.86
N ILE D 256 -16.33 2.59 28.67
CA ILE D 256 -16.11 1.37 29.44
C ILE D 256 -14.88 0.67 28.91
N GLU D 257 -14.00 0.25 29.83
CA GLU D 257 -12.68 -0.24 29.44
C GLU D 257 -12.63 -1.75 29.27
N LYS D 258 -13.75 -2.39 28.91
CA LYS D 258 -13.74 -3.83 28.70
C LYS D 258 -13.04 -4.20 27.41
N GLU D 259 -13.63 -3.79 26.28
CA GLU D 259 -13.12 -4.14 24.95
C GLU D 259 -13.43 -2.95 24.04
N PHE D 260 -12.39 -2.17 23.73
CA PHE D 260 -12.58 -0.94 22.98
C PHE D 260 -12.89 -1.23 21.52
N LYS D 261 -12.06 -2.07 20.89
CA LYS D 261 -12.01 -2.17 19.43
C LYS D 261 -13.30 -2.71 18.84
N ASN D 262 -13.95 -3.62 19.54
CA ASN D 262 -15.24 -4.12 19.07
C ASN D 262 -16.30 -3.05 19.14
N ASP D 263 -16.24 -2.21 20.18
CA ASP D 263 -17.16 -1.08 20.26
C ASP D 263 -16.87 -0.06 19.16
N TYR D 264 -15.60 0.09 18.77
CA TYR D 264 -15.28 0.92 17.61
C TYR D 264 -15.81 0.32 16.32
N ARG D 265 -15.81 -1.01 16.22
CA ARG D 265 -16.39 -1.68 15.05
C ARG D 265 -17.90 -1.45 14.98
N LYS D 266 -18.57 -1.51 16.12
CA LYS D 266 -20.00 -1.23 16.17
C LYS D 266 -20.27 0.23 15.81
N LEU D 267 -19.40 1.13 16.30
CA LEU D 267 -19.46 2.54 15.93
C LEU D 267 -19.34 2.72 14.42
N SER D 268 -18.40 2.00 13.82
CA SER D 268 -18.21 2.07 12.38
C SER D 268 -19.44 1.59 11.64
N MET D 269 -20.06 0.51 12.13
CA MET D 269 -21.25 -0.02 11.45
C MET D 269 -22.43 0.94 11.55
N GLN D 270 -22.61 1.58 12.69
CA GLN D 270 -23.74 2.49 12.81
C GLN D 270 -23.50 3.81 12.09
N CYS D 271 -22.27 4.32 12.14
CA CYS D 271 -21.95 5.48 11.32
C CYS D 271 -22.06 5.19 9.84
N LYS D 272 -21.81 3.95 9.44
CA LYS D 272 -22.05 3.59 8.07
C LYS D 272 -23.53 3.39 7.76
N ASP D 273 -24.32 3.18 8.82
CA ASP D 273 -25.80 3.18 8.71
C ASP D 273 -26.20 4.60 8.31
N PHE D 274 -25.54 5.62 8.90
CA PHE D 274 -25.79 7.02 8.60
C PHE D 274 -25.28 7.39 7.22
N VAL D 275 -24.12 6.85 6.84
CA VAL D 275 -23.56 7.08 5.51
C VAL D 275 -24.48 6.50 4.44
N VAL D 276 -25.04 5.32 4.70
CA VAL D 276 -26.05 4.72 3.84
C VAL D 276 -27.26 5.64 3.75
N GLY D 277 -27.77 6.09 4.89
CA GLY D 277 -28.94 6.94 4.95
C GLY D 277 -28.79 8.29 4.27
N VAL D 278 -27.55 8.76 4.14
CA VAL D 278 -27.31 9.97 3.35
C VAL D 278 -27.53 9.69 1.87
N LEU D 279 -27.05 8.55 1.38
CA LEU D 279 -26.73 8.41 -0.03
C LEU D 279 -27.89 7.93 -0.88
N ASP D 280 -29.11 8.33 -0.55
CA ASP D 280 -30.18 8.34 -1.53
C ASP D 280 -30.55 9.77 -1.86
N LEU D 281 -29.54 10.59 -2.12
CA LEU D 281 -29.70 12.02 -2.34
C LEU D 281 -30.42 12.30 -3.67
N CYS D 282 -31.70 11.94 -3.75
CA CYS D 282 -32.49 12.06 -4.97
C CYS D 282 -33.60 13.08 -4.81
N ARG D 283 -34.45 12.90 -3.81
CA ARG D 283 -35.41 13.91 -3.38
C ARG D 283 -34.96 14.40 -2.01
N ASP D 284 -34.45 15.62 -1.95
CA ASP D 284 -34.00 16.17 -0.69
C ASP D 284 -35.15 16.49 0.24
N SER D 285 -36.37 16.63 -0.30
CA SER D 285 -37.56 16.75 0.53
C SER D 285 -37.74 15.54 1.43
N GLU D 286 -37.48 14.34 0.90
CA GLU D 286 -37.60 13.11 1.67
C GLU D 286 -36.59 13.07 2.81
N GLU D 287 -35.42 13.67 2.61
CA GLU D 287 -34.38 13.64 3.61
C GLU D 287 -34.48 14.76 4.61
N VAL D 288 -35.11 15.89 4.24
CA VAL D 288 -35.46 16.89 5.23
C VAL D 288 -36.63 16.39 6.07
N GLU D 289 -37.51 15.57 5.50
CA GLU D 289 -38.44 14.79 6.32
C GLU D 289 -37.68 13.85 7.25
N ALA D 290 -36.64 13.20 6.74
CA ALA D 290 -35.80 12.36 7.58
C ALA D 290 -35.03 13.19 8.61
N ILE D 291 -34.19 14.11 8.13
CA ILE D 291 -33.44 14.99 9.02
C ILE D 291 -34.27 16.24 9.17
N LEU D 292 -35.17 16.21 10.17
CA LEU D 292 -36.00 17.37 10.44
C LEU D 292 -35.18 18.56 10.93
N ASN D 293 -34.11 18.29 11.68
CA ASN D 293 -33.10 19.28 11.99
C ASN D 293 -31.74 18.57 12.03
N GLY D 294 -30.72 19.25 11.52
CA GLY D 294 -29.38 18.68 11.46
C GLY D 294 -28.66 18.59 12.78
N ASP D 295 -29.26 19.12 13.85
CA ASP D 295 -28.66 19.03 15.19
C ASP D 295 -28.64 17.60 15.70
N LEU D 296 -29.43 16.71 15.09
CA LEU D 296 -29.31 15.27 15.33
C LEU D 296 -27.89 14.79 15.04
N GLU D 297 -27.24 15.37 14.02
CA GLU D 297 -25.84 15.07 13.76
C GLU D 297 -24.93 15.53 14.89
N SER D 298 -25.28 16.64 15.55
CA SER D 298 -24.56 17.00 16.76
C SER D 298 -24.88 16.03 17.89
N ALA D 299 -26.06 15.40 17.84
CA ALA D 299 -26.34 14.26 18.70
C ALA D 299 -25.41 13.09 18.39
N GLU D 300 -24.91 13.02 17.16
CA GLU D 300 -23.76 12.18 16.88
C GLU D 300 -22.56 12.59 17.71
N PRO D 301 -22.27 13.90 17.73
CA PRO D 301 -20.96 14.46 18.04
C PRO D 301 -19.87 13.74 17.24
N LEU D 302 -19.98 13.86 15.91
CA LEU D 302 -19.08 13.18 14.99
C LEU D 302 -18.91 14.05 13.74
N GLU D 303 -18.38 13.47 12.67
CA GLU D 303 -18.13 14.20 11.44
C GLU D 303 -19.27 14.14 10.45
N VAL D 304 -20.18 13.17 10.61
CA VAL D 304 -21.49 13.03 9.97
C VAL D 304 -21.46 12.66 8.49
N HIS D 305 -20.27 12.69 7.88
CA HIS D 305 -20.06 12.37 6.46
C HIS D 305 -21.01 13.13 5.54
N ARG D 306 -21.08 14.44 5.73
CA ARG D 306 -22.07 15.28 5.07
C ARG D 306 -21.74 15.38 3.59
N HIS D 307 -22.44 14.58 2.78
CA HIS D 307 -22.23 14.61 1.33
C HIS D 307 -22.87 15.84 0.71
N LYS D 308 -24.16 16.04 0.95
CA LYS D 308 -24.86 17.18 0.39
C LYS D 308 -24.94 18.32 1.39
N ALA D 309 -25.14 19.52 0.86
CA ALA D 309 -25.27 20.76 1.63
C ALA D 309 -26.45 21.56 1.10
N SER D 310 -27.60 20.89 0.98
CA SER D 310 -28.74 21.45 0.27
C SER D 310 -29.34 22.65 1.00
N LEU D 311 -29.62 22.50 2.29
CA LEU D 311 -30.14 23.62 3.05
C LEU D 311 -29.08 24.67 3.34
N SER D 312 -27.80 24.32 3.19
CA SER D 312 -26.70 25.26 3.42
C SER D 312 -26.66 26.39 2.41
N ARG D 313 -27.40 26.30 1.31
CA ARG D 313 -27.66 27.47 0.50
C ARG D 313 -28.38 28.54 1.31
N VAL D 314 -29.48 28.15 1.97
CA VAL D 314 -30.17 29.08 2.84
C VAL D 314 -29.44 29.25 4.17
N LYS D 315 -28.77 28.19 4.63
CA LYS D 315 -28.13 28.26 5.94
C LYS D 315 -26.75 28.89 5.87
N LEU D 316 -25.81 28.24 5.20
CA LEU D 316 -24.42 28.67 5.23
C LEU D 316 -24.16 29.82 4.28
N UNK D 391 -26.99 31.05 3.49
CA UNK D 391 -27.19 32.49 3.53
C UNK D 391 -26.99 33.04 4.95
N UNK D 392 -27.76 32.48 5.89
CA UNK D 392 -27.91 33.07 7.23
C UNK D 392 -26.60 33.04 7.99
N UNK D 393 -25.90 31.90 7.97
CA UNK D 393 -24.57 31.82 8.57
C UNK D 393 -23.58 32.74 7.90
N UNK D 394 -23.73 32.97 6.58
CA UNK D 394 -22.97 34.01 5.91
C UNK D 394 -23.20 35.36 6.56
N UNK D 395 -24.47 35.68 6.86
CA UNK D 395 -24.79 36.85 7.66
C UNK D 395 -24.11 36.79 9.02
N UNK D 396 -24.16 35.60 9.66
CA UNK D 396 -23.44 35.41 10.92
C UNK D 396 -21.94 35.53 10.72
N UNK D 397 -21.44 35.06 9.56
CA UNK D 397 -20.03 35.23 9.25
C UNK D 397 -19.68 36.70 9.10
N UNK D 398 -20.63 37.48 8.55
CA UNK D 398 -20.46 38.93 8.49
C UNK D 398 -20.33 39.51 9.88
N UNK D 399 -21.14 39.02 10.82
CA UNK D 399 -21.00 39.41 12.23
C UNK D 399 -19.64 39.02 12.76
N UNK D 400 -19.18 37.81 12.39
CA UNK D 400 -17.85 37.36 12.75
C UNK D 400 -16.79 38.27 12.15
N UNK D 401 -17.02 38.72 10.90
CA UNK D 401 -16.12 39.67 10.28
C UNK D 401 -16.06 40.97 11.05
N UNK D 402 -17.23 41.41 11.56
CA UNK D 402 -17.28 42.60 12.40
C UNK D 402 -16.47 42.38 13.68
N UNK D 403 -16.59 41.16 14.24
CA UNK D 403 -15.78 40.81 15.41
C UNK D 403 -14.31 40.83 15.06
N UNK D 404 -13.96 40.33 13.87
CA UNK D 404 -12.58 40.40 13.39
C UNK D 404 -12.16 41.85 13.21
N UNK D 405 -13.08 42.69 12.71
CA UNK D 405 -12.80 44.12 12.59
C UNK D 405 -12.57 44.74 13.95
N UNK D 406 -13.33 44.28 14.97
CA UNK D 406 -13.12 44.76 16.32
C UNK D 406 -11.75 44.37 16.83
N UNK D 407 -11.30 43.17 16.48
CA UNK D 407 -9.94 42.75 16.80
C UNK D 407 -8.94 43.62 16.08
N UNK D 408 -9.24 43.98 14.83
CA UNK D 408 -8.40 44.94 14.11
C UNK D 408 -8.44 46.29 14.78
N UNK D 409 -9.60 46.66 15.35
CA UNK D 409 -9.67 47.87 16.15
C UNK D 409 -8.80 47.74 17.38
N UNK D 410 -8.77 46.55 17.98
CA UNK D 410 -7.86 46.29 19.09
C UNK D 410 -6.41 46.32 18.63
N UNK D 411 -6.18 46.02 17.34
CA UNK D 411 -4.84 46.13 16.80
C UNK D 411 -4.43 47.58 16.55
N UNK D 412 -5.39 48.51 16.52
CA UNK D 412 -5.10 49.86 16.06
C UNK D 412 -4.56 50.78 17.16
N UNK D 413 -4.03 50.23 18.25
CA UNK D 413 -3.59 51.07 19.35
C UNK D 413 -2.26 51.75 19.11
N UNK D 414 -1.56 51.44 18.02
CA UNK D 414 -0.27 52.06 17.75
C UNK D 414 -0.45 53.49 17.26
N UNK D 415 -10.07 57.65 22.88
CA UNK D 415 -9.18 57.05 21.91
C UNK D 415 -8.68 55.69 22.41
N UNK D 416 -7.56 55.71 23.13
CA UNK D 416 -7.08 54.49 23.77
C UNK D 416 -8.01 54.07 24.90
N UNK D 417 -8.59 55.05 25.60
CA UNK D 417 -9.67 54.75 26.53
C UNK D 417 -10.89 54.24 25.78
N UNK D 418 -11.15 54.78 24.59
CA UNK D 418 -12.24 54.25 23.77
C UNK D 418 -11.89 52.88 23.19
N UNK D 419 -10.61 52.62 22.94
CA UNK D 419 -10.19 51.30 22.52
C UNK D 419 -10.39 50.28 23.63
N UNK D 420 -10.03 50.65 24.86
CA UNK D 420 -10.31 49.80 26.01
C UNK D 420 -11.81 49.64 26.25
N UNK D 421 -12.59 50.67 25.89
CA UNK D 421 -14.05 50.57 26.00
C UNK D 421 -14.61 49.56 25.01
N UNK D 422 -14.10 49.56 23.76
CA UNK D 422 -14.54 48.57 22.78
C UNK D 422 -14.09 47.17 23.18
N UNK D 423 -12.90 47.07 23.79
CA UNK D 423 -12.43 45.79 24.29
C UNK D 423 -13.30 45.26 25.43
N UNK D 424 -13.68 46.13 26.36
CA UNK D 424 -14.58 45.75 27.44
C UNK D 424 -15.97 45.43 26.92
N UNK D 425 -16.38 46.08 25.82
CA UNK D 425 -17.66 45.75 25.18
C UNK D 425 -17.64 44.34 24.61
N UNK D 426 -16.54 43.98 23.93
CA UNK D 426 -16.40 42.62 23.42
C UNK D 426 -16.31 41.60 24.55
N UNK D 427 -15.66 41.98 25.65
CA UNK D 427 -15.54 41.07 26.80
C UNK D 427 -16.89 40.85 27.48
N UNK D 428 -17.67 41.91 27.64
CA UNK D 428 -19.01 41.77 28.20
C UNK D 428 -19.94 41.02 27.26
N UNK D 429 -19.73 41.16 25.94
CA UNK D 429 -20.49 40.37 24.98
C UNK D 429 -20.18 38.89 25.11
N UNK D 430 -18.90 38.55 25.28
CA UNK D 430 -18.53 37.14 25.50
C UNK D 430 -19.07 36.62 26.82
N UNK D 431 -19.06 37.46 27.86
CA UNK D 431 -19.57 37.05 29.16
C UNK D 431 -21.08 36.84 29.13
N UNK D 432 -21.80 37.67 28.37
CA UNK D 432 -23.23 37.47 28.20
C UNK D 432 -23.52 36.26 27.32
N UNK D 433 -22.63 35.97 26.36
CA UNK D 433 -22.82 34.80 25.51
C UNK D 433 -22.54 33.50 26.27
N UNK D 434 -21.70 33.56 27.30
CA UNK D 434 -21.36 32.37 28.08
C UNK D 434 -22.42 31.99 29.13
N UNK D 435 -23.63 32.56 29.06
CA UNK D 435 -24.65 32.28 30.07
C UNK D 435 -25.29 30.91 29.92
N UNK D 436 -25.14 30.27 28.76
CA UNK D 436 -25.74 28.96 28.55
C UNK D 436 -24.85 27.87 29.12
N UNK D 437 -15.96 23.28 22.88
CA UNK D 437 -15.85 24.66 23.34
C UNK D 437 -14.42 24.98 23.74
N UNK D 438 -13.47 24.37 23.04
CA UNK D 438 -12.05 24.59 23.34
C UNK D 438 -11.63 26.00 22.95
N UNK D 439 -11.94 26.40 21.71
CA UNK D 439 -11.68 27.78 21.30
C UNK D 439 -12.59 28.76 22.03
N UNK D 440 -13.78 28.31 22.45
CA UNK D 440 -14.62 29.13 23.30
C UNK D 440 -14.00 29.34 24.66
N UNK D 441 -13.35 28.31 25.20
CA UNK D 441 -12.60 28.44 26.44
C UNK D 441 -11.40 29.36 26.25
N UNK D 442 -10.78 29.31 25.08
CA UNK D 442 -9.69 30.23 24.77
C UNK D 442 -10.18 31.67 24.70
N UNK D 443 -11.38 31.88 24.14
CA UNK D 443 -11.96 33.22 24.08
C UNK D 443 -12.35 33.71 25.45
N UNK D 444 -12.84 32.82 26.31
CA UNK D 444 -13.17 33.20 27.68
C UNK D 444 -11.92 33.56 28.47
N UNK D 445 -10.83 32.81 28.25
CA UNK D 445 -9.56 33.14 28.90
C UNK D 445 -8.99 34.45 28.36
N UNK D 446 -9.20 34.73 27.07
CA UNK D 446 -8.75 36.00 26.50
C UNK D 446 -9.56 37.16 27.08
N UNK D 447 -10.86 36.96 27.27
CA UNK D 447 -11.69 37.98 27.91
C UNK D 447 -11.29 38.18 29.36
N UNK D 448 -10.89 37.10 30.04
CA UNK D 448 -10.42 37.21 31.42
C UNK D 448 -9.11 37.97 31.49
N UNK D 449 -8.20 37.72 30.54
CA UNK D 449 -6.94 38.45 30.49
C UNK D 449 -7.16 39.92 30.17
N UNK D 450 -8.13 40.20 29.29
CA UNK D 450 -8.47 41.58 28.96
C UNK D 450 -9.08 42.29 30.16
N UNK D 451 -9.93 41.60 30.92
CA UNK D 451 -10.54 42.19 32.10
C UNK D 451 -9.50 42.43 33.19
N UNK D 452 -8.54 41.52 33.34
CA UNK D 452 -7.47 41.72 34.31
C UNK D 452 -6.57 42.89 33.92
N UNK D 453 -6.27 43.02 32.62
CA UNK D 453 -5.49 44.15 32.15
C UNK D 453 -6.21 45.46 32.33
N UNK D 454 -7.53 45.47 32.09
CA UNK D 454 -8.32 46.67 32.29
C UNK D 454 -8.42 47.05 33.75
N UNK D 455 -8.51 46.04 34.64
CA UNK D 455 -8.55 46.32 36.07
C UNK D 455 -7.20 46.84 36.56
N UNK D 456 -6.11 46.30 36.03
CA UNK D 456 -4.78 46.79 36.41
C UNK D 456 -4.54 48.20 35.90
N UNK D 457 -5.01 48.50 34.68
CA UNK D 457 -4.90 49.86 34.16
C UNK D 457 -5.79 50.84 34.93
N UNK D 458 -6.96 50.38 35.39
CA UNK D 458 -7.82 51.23 36.21
C UNK D 458 -7.21 51.48 37.57
N UNK D 459 -6.56 50.49 38.15
CA UNK D 459 -5.85 50.69 39.41
C UNK D 459 -4.67 51.64 39.24
N UNK D 460 -3.98 51.54 38.11
CA UNK D 460 -2.88 52.46 37.82
C UNK D 460 -3.38 53.88 37.60
N UNK D 461 -4.54 54.03 36.96
CA UNK D 461 -5.12 55.36 36.77
C UNK D 461 -5.65 55.93 38.07
N UNK D 462 -6.17 55.08 38.97
CA UNK D 462 -6.63 55.55 40.27
C UNK D 462 -5.46 55.97 41.15
N UNK D 463 -4.35 55.22 41.09
CA UNK D 463 -3.16 55.61 41.83
C UNK D 463 -2.50 56.84 41.22
N UNK D 464 -2.66 57.04 39.91
CA UNK D 464 -2.07 58.21 39.26
C UNK D 464 -2.89 59.47 39.55
N UNK D 465 -4.21 59.36 39.45
CA UNK D 465 -5.11 60.49 39.70
C UNK D 465 -5.52 60.60 41.15
N UNK D 466 -4.75 60.01 42.08
CA UNK D 466 -5.11 60.06 43.49
C UNK D 466 -4.85 61.45 44.07
N UNK D 467 -3.61 61.90 44.02
CA UNK D 467 -3.26 63.21 44.55
C UNK D 467 -3.64 64.31 43.57
N UNK D 468 -3.55 65.54 44.05
CA UNK D 468 -3.87 66.70 43.22
C UNK D 468 -3.02 67.90 43.63
N UNK D 469 5.48 50.27 40.04
CA UNK D 469 5.85 48.99 39.45
C UNK D 469 4.62 48.24 38.95
N UNK D 470 3.44 48.69 39.37
CA UNK D 470 2.20 48.05 38.98
C UNK D 470 1.82 48.37 37.54
N UNK D 471 2.30 49.48 37.00
CA UNK D 471 2.03 49.82 35.60
C UNK D 471 2.71 48.85 34.65
N UNK D 472 3.88 48.32 35.05
CA UNK D 472 4.53 47.27 34.28
C UNK D 472 3.69 46.01 34.27
N UNK D 473 3.06 45.68 35.40
CA UNK D 473 2.15 44.53 35.44
C UNK D 473 0.91 44.77 34.60
N UNK D 474 0.43 46.02 34.56
CA UNK D 474 -0.71 46.37 33.71
C UNK D 474 -0.37 46.21 32.24
N UNK D 475 0.81 46.68 31.83
CA UNK D 475 1.25 46.52 30.44
C UNK D 475 1.51 45.07 30.09
N UNK D 476 1.99 44.28 31.06
CA UNK D 476 2.23 42.86 30.80
C UNK D 476 0.93 42.11 30.62
N UNK D 477 -0.08 42.41 31.45
CA UNK D 477 -1.39 41.81 31.26
C UNK D 477 -2.03 42.27 29.96
N UNK D 478 -1.77 43.52 29.56
CA UNK D 478 -2.26 44.01 28.27
C UNK D 478 -1.63 43.25 27.10
N UNK D 479 -0.32 43.00 27.19
CA UNK D 479 0.35 42.27 26.11
C UNK D 479 -0.08 40.81 26.08
N UNK D 480 -0.31 40.22 27.26
CA UNK D 480 -0.80 38.84 27.32
C UNK D 480 -2.20 38.72 26.73
N UNK D 481 -3.07 39.69 27.05
CA UNK D 481 -4.39 39.69 26.46
C UNK D 481 -4.35 39.98 24.96
N UNK D 482 -3.36 40.76 24.51
CA UNK D 482 -3.21 41.01 23.08
C UNK D 482 -2.80 39.75 22.34
N UNK D 483 -1.87 38.99 22.92
CA UNK D 483 -1.48 37.71 22.35
C UNK D 483 -2.64 36.72 22.36
N UNK D 484 -3.42 36.72 23.45
CA UNK D 484 -4.57 35.83 23.54
C UNK D 484 -5.65 36.20 22.54
N UNK D 485 -5.82 37.50 22.27
CA UNK D 485 -6.79 37.93 21.28
C UNK D 485 -6.33 37.62 19.87
N UNK D 486 -5.02 37.70 19.62
CA UNK D 486 -4.48 37.26 18.33
C UNK D 486 -4.69 35.76 18.15
N UNK D 487 -4.54 34.99 19.22
CA UNK D 487 -4.80 33.56 19.17
C UNK D 487 -6.27 33.27 18.92
N UNK D 488 -7.16 34.04 19.55
CA UNK D 488 -8.59 33.86 19.33
C UNK D 488 -9.00 34.26 17.92
N UNK D 489 -8.36 35.28 17.35
CA UNK D 489 -8.62 35.66 15.97
C UNK D 489 -8.13 34.59 15.01
N UNK D 490 -7.02 33.93 15.34
CA UNK D 490 -6.61 32.77 14.56
C UNK D 490 -7.54 31.59 14.78
N UNK D 491 -8.22 31.54 15.92
CA UNK D 491 -9.07 30.41 16.28
C UNK D 491 -10.47 30.46 15.68
N UNK D 492 -10.67 31.22 14.61
CA UNK D 492 -11.98 31.28 13.96
C UNK D 492 -11.85 31.27 12.45
N UNK D 493 -10.83 30.60 11.90
CA UNK D 493 -10.57 30.71 10.47
C UNK D 493 -11.45 29.77 9.65
N UNK D 494 -11.25 28.46 9.82
CA UNK D 494 -11.82 27.40 8.97
C UNK D 494 -11.60 27.69 7.48
N UNK D 495 -10.36 28.05 7.14
CA UNK D 495 -10.03 28.60 5.83
C UNK D 495 -9.74 27.49 4.84
N UNK D 496 -10.62 27.35 3.84
CA UNK D 496 -10.49 26.45 2.70
C UNK D 496 -10.34 24.98 3.08
N UNK D 497 -10.85 24.62 4.27
CA UNK D 497 -10.73 23.28 4.87
C UNK D 497 -9.28 22.81 4.91
N UNK D 498 -8.40 23.70 5.37
CA UNK D 498 -6.96 23.46 5.30
C UNK D 498 -6.28 23.39 6.65
N UNK D 499 -6.92 23.83 7.73
CA UNK D 499 -6.29 23.93 9.05
C UNK D 499 -6.64 22.75 9.94
N UNK D 500 -6.77 21.56 9.37
CA UNK D 500 -7.31 20.44 10.12
C UNK D 500 -6.27 19.76 11.00
N UNK D 501 -5.23 19.20 10.40
CA UNK D 501 -4.46 18.14 11.02
C UNK D 501 -3.46 18.62 12.07
N UNK D 502 -3.27 19.92 12.22
CA UNK D 502 -2.29 20.41 13.19
C UNK D 502 -2.74 20.21 14.64
N UNK D 503 -4.03 20.01 14.87
CA UNK D 503 -4.53 19.85 16.23
C UNK D 503 -4.19 18.48 16.80
N UNK D 504 -4.43 17.42 16.02
CA UNK D 504 -4.07 16.07 16.45
C UNK D 504 -2.56 15.92 16.54
N UNK D 505 -1.84 16.57 15.62
CA UNK D 505 -0.38 16.64 15.70
C UNK D 505 0.05 17.34 16.97
N UNK D 506 -0.66 18.40 17.36
CA UNK D 506 -0.33 19.11 18.60
C UNK D 506 -0.64 18.26 19.83
N UNK D 507 -1.67 17.42 19.77
CA UNK D 507 -1.99 16.57 20.91
C UNK D 507 -0.95 15.47 21.10
N UNK D 508 -0.59 14.79 20.00
CA UNK D 508 0.46 13.77 20.07
C UNK D 508 1.81 14.40 20.43
N UNK D 509 2.07 15.61 19.95
CA UNK D 509 3.27 16.33 20.32
C UNK D 509 3.23 16.76 21.77
N UNK D 510 2.04 17.01 22.32
CA UNK D 510 1.94 17.33 23.74
C UNK D 510 2.26 16.11 24.59
N UNK D 511 1.84 14.93 24.16
CA UNK D 511 2.21 13.70 24.87
C UNK D 511 3.71 13.44 24.80
N UNK D 512 4.28 13.53 23.59
CA UNK D 512 5.71 13.30 23.42
C UNK D 512 6.53 14.37 24.13
N UNK D 513 6.03 15.62 24.15
CA UNK D 513 6.74 16.69 24.83
C UNK D 513 6.59 16.57 26.34
N UNK D 514 5.53 15.93 26.81
CA UNK D 514 5.43 15.65 28.24
C UNK D 514 6.48 14.64 28.67
N UNK D 515 6.66 13.58 27.87
CA UNK D 515 7.73 12.62 28.15
C UNK D 515 9.10 13.27 28.05
N UNK D 516 9.31 14.09 27.02
CA UNK D 516 10.57 14.79 26.82
C UNK D 516 10.82 15.82 27.90
N UNK D 517 9.78 16.45 28.43
CA UNK D 517 9.92 17.42 29.50
C UNK D 517 10.22 16.74 30.83
N UNK D 518 9.68 15.53 31.03
CA UNK D 518 10.07 14.75 32.21
C UNK D 518 11.55 14.41 32.17
N UNK D 519 12.03 13.95 31.00
CA UNK D 519 13.45 13.65 30.84
C UNK D 519 14.30 14.91 30.97
N UNK D 520 13.81 16.04 30.45
CA UNK D 520 14.57 17.29 30.50
C UNK D 520 14.64 17.84 31.91
N UNK D 521 13.56 17.69 32.68
CA UNK D 521 13.58 18.10 34.08
C UNK D 521 14.51 17.22 34.89
N UNK D 522 14.57 15.92 34.56
CA UNK D 522 15.53 15.03 35.21
C UNK D 522 16.97 15.44 34.90
N UNK D 523 17.26 15.74 33.63
CA UNK D 523 18.60 16.14 33.24
C UNK D 523 18.98 17.49 33.83
N UNK D 524 18.00 18.40 33.95
CA UNK D 524 18.27 19.72 34.53
C UNK D 524 18.51 19.64 36.02
N UNK D 525 17.74 18.81 36.72
CA UNK D 525 17.98 18.59 38.14
C UNK D 525 19.32 17.92 38.38
N UNK D 526 19.75 17.05 37.45
CA UNK D 526 21.12 16.56 37.51
C UNK D 526 22.12 17.68 37.26
N UNK D 527 21.78 18.60 36.36
CA UNK D 527 22.63 19.73 36.01
C UNK D 527 22.61 20.85 37.04
N UNK D 528 21.85 20.70 38.13
CA UNK D 528 21.83 21.70 39.19
C UNK D 528 23.17 21.85 39.92
N UNK D 529 24.04 20.85 39.83
CA UNK D 529 25.35 20.93 40.46
C UNK D 529 26.24 21.94 39.75
N UNK D 530 25.00 27.15 34.38
CA UNK D 530 24.76 27.64 35.73
C UNK D 530 24.24 26.53 36.63
N UNK D 531 23.61 26.91 37.74
CA UNK D 531 23.12 25.94 38.71
C UNK D 531 21.62 25.99 38.89
N UNK D 532 21.04 27.17 39.12
CA UNK D 532 19.64 27.26 39.52
C UNK D 532 18.69 27.39 38.32
N UNK D 533 18.85 28.46 37.55
CA UNK D 533 17.96 28.73 36.42
C UNK D 533 18.52 28.20 35.11
N UNK D 534 19.56 27.36 35.16
CA UNK D 534 20.22 26.84 33.97
C UNK D 534 19.32 25.94 33.14
N UNK D 535 18.26 25.38 33.75
CA UNK D 535 17.22 24.68 33.01
C UNK D 535 16.61 25.58 31.95
N UNK D 536 16.33 26.83 32.31
CA UNK D 536 15.90 27.83 31.34
C UNK D 536 16.95 28.06 30.27
N UNK D 537 18.23 28.02 30.67
CA UNK D 537 19.33 28.05 29.71
C UNK D 537 19.25 26.87 28.75
N UNK D 538 18.95 25.69 29.29
CA UNK D 538 18.71 24.53 28.43
C UNK D 538 17.47 24.73 27.57
N UNK D 539 16.46 25.42 28.12
CA UNK D 539 15.27 25.75 27.36
C UNK D 539 15.59 26.72 26.23
N UNK D 540 16.66 27.50 26.36
CA UNK D 540 17.16 28.23 25.21
C UNK D 540 18.03 27.32 24.34
N UNK D 541 18.90 26.53 24.97
CA UNK D 541 19.97 25.85 24.25
C UNK D 541 19.47 24.68 23.42
N UNK D 542 18.24 24.23 23.63
CA UNK D 542 17.63 23.25 22.73
C UNK D 542 17.46 23.85 21.33
N UNK D 543 17.17 25.14 21.26
CA UNK D 543 17.22 25.88 20.01
C UNK D 543 18.50 26.69 19.89
N UNK D 544 19.56 26.25 20.57
CA UNK D 544 20.87 26.90 20.62
C UNK D 544 20.81 28.36 21.05
N UNK D 545 39.42 20.95 35.62
CA UNK D 545 39.60 19.74 36.42
C UNK D 545 38.73 18.61 35.89
N UNK D 546 38.25 17.76 36.81
CA UNK D 546 37.26 16.75 36.43
C UNK D 546 35.90 17.37 36.17
N UNK D 547 35.68 18.62 36.60
CA UNK D 547 34.48 19.35 36.24
C UNK D 547 34.43 19.62 34.73
N UNK D 548 35.58 19.68 34.07
CA UNK D 548 35.59 19.75 32.62
C UNK D 548 35.04 18.48 32.00
N UNK D 549 35.42 17.32 32.56
CA UNK D 549 34.83 16.06 32.13
C UNK D 549 33.36 15.98 32.48
N UNK D 550 32.95 16.61 33.58
CA UNK D 550 31.55 16.66 33.95
C UNK D 550 30.75 17.50 32.97
N UNK D 551 31.31 18.63 32.54
CA UNK D 551 30.65 19.46 31.54
C UNK D 551 30.61 18.79 30.18
N UNK D 552 31.64 18.00 29.87
CA UNK D 552 31.63 17.21 28.64
C UNK D 552 30.53 16.15 28.68
N UNK D 553 30.38 15.48 29.82
CA UNK D 553 29.29 14.52 29.99
C UNK D 553 27.93 15.21 29.97
N UNK D 554 27.88 16.46 30.44
CA UNK D 554 26.63 17.22 30.42
C UNK D 554 26.24 17.58 28.99
N UNK D 555 27.21 18.00 28.18
CA UNK D 555 26.96 18.23 26.77
C UNK D 555 26.61 16.93 26.05
N UNK D 556 27.18 15.81 26.49
CA UNK D 556 26.81 14.52 25.94
C UNK D 556 25.37 14.16 26.27
N UNK D 557 24.93 14.48 27.49
CA UNK D 557 23.54 14.26 27.86
C UNK D 557 22.61 15.18 27.08
N UNK D 558 23.06 16.41 26.81
CA UNK D 558 22.27 17.33 25.99
C UNK D 558 22.15 16.83 24.56
N UNK D 559 23.23 16.27 24.02
CA UNK D 559 23.18 15.71 22.68
C UNK D 559 22.35 14.43 22.64
N UNK D 560 22.36 13.66 23.72
CA UNK D 560 21.48 12.50 23.80
C UNK D 560 20.02 12.92 23.88
N UNK D 561 19.75 14.04 24.55
CA UNK D 561 18.41 14.60 24.54
C UNK D 561 18.02 15.09 23.15
N UNK D 562 18.98 15.62 22.40
CA UNK D 562 18.72 15.99 21.01
C UNK D 562 18.42 14.76 20.15
N UNK D 563 19.12 13.66 20.45
CA UNK D 563 18.83 12.40 19.78
C UNK D 563 17.44 11.90 20.14
N UNK D 564 17.03 12.12 21.39
CA UNK D 564 15.67 11.78 21.80
C UNK D 564 14.65 12.65 21.10
N UNK D 565 14.99 13.92 20.86
CA UNK D 565 14.09 14.80 20.11
C UNK D 565 13.98 14.35 18.66
N UNK D 566 15.10 13.87 18.10
CA UNK D 566 15.07 13.29 16.76
C UNK D 566 14.21 12.03 16.73
N UNK D 567 14.27 11.24 17.80
CA UNK D 567 13.43 10.05 17.90
C UNK D 567 11.96 10.43 18.01
N UNK D 568 11.66 11.51 18.72
CA UNK D 568 10.28 11.97 18.83
C UNK D 568 9.76 12.49 17.51
N UNK D 569 10.62 13.19 16.76
CA UNK D 569 10.23 13.64 15.42
C UNK D 569 10.03 12.45 14.48
N UNK D 570 10.86 11.42 14.62
CA UNK D 570 10.71 10.22 13.80
C UNK D 570 9.43 9.47 14.16
N UNK D 571 9.08 9.46 15.45
CA UNK D 571 7.84 8.81 15.86
C UNK D 571 6.62 9.60 15.39
N UNK D 572 6.73 10.93 15.39
CA UNK D 572 5.64 11.75 14.85
C UNK D 572 5.50 11.56 13.35
N UNK D 573 6.62 11.39 12.65
CA UNK D 573 6.56 11.08 11.23
C UNK D 573 5.99 9.70 10.99
N UNK D 574 6.27 8.75 11.87
CA UNK D 574 5.68 7.43 11.77
C UNK D 574 4.18 7.47 12.03
N UNK D 575 3.75 8.36 12.94
CA UNK D 575 2.32 8.57 13.15
C UNK D 575 1.68 9.22 11.94
N UNK D 576 2.41 10.11 11.27
CA UNK D 576 1.93 10.68 10.02
C UNK D 576 1.83 9.63 8.93
N UNK D 577 2.72 8.63 8.96
CA UNK D 577 2.61 7.52 8.02
C UNK D 577 1.38 6.67 8.32
N UNK D 578 0.97 6.60 9.58
CA UNK D 578 -0.25 5.89 9.94
C UNK D 578 -1.47 6.72 9.57
N UNK D 579 -10.14 12.24 1.81
CA UNK D 579 -10.18 11.53 3.08
C UNK D 579 -10.16 12.51 4.24
N UNK D 580 -8.97 13.00 4.56
CA UNK D 580 -8.85 14.01 5.62
C UNK D 580 -9.42 15.34 5.19
N UNK D 581 -9.40 15.63 3.88
CA UNK D 581 -10.04 16.83 3.37
C UNK D 581 -11.55 16.76 3.55
N UNK D 582 -12.12 15.56 3.49
CA UNK D 582 -13.54 15.40 3.78
C UNK D 582 -13.84 15.71 5.25
N UNK D 583 -12.95 15.29 6.15
CA UNK D 583 -13.13 15.60 7.56
C UNK D 583 -12.95 17.10 7.82
N UNK D 584 -12.02 17.73 7.11
CA UNK D 584 -11.80 19.17 7.25
C UNK D 584 -12.99 19.96 6.73
N UNK D 585 -13.53 19.54 5.58
CA UNK D 585 -14.72 20.19 5.04
C UNK D 585 -15.93 19.94 5.92
N UNK D 586 -16.02 18.76 6.55
CA UNK D 586 -17.12 18.49 7.45
C UNK D 586 -17.01 19.30 8.73
N UNK D 587 -15.79 19.54 9.21
CA UNK D 587 -15.61 20.35 10.40
C UNK D 587 -15.88 21.82 10.10
N UNK D 588 -15.44 22.30 8.93
CA UNK D 588 -15.76 23.67 8.52
C UNK D 588 -17.25 23.84 8.27
N UNK D 589 -17.91 22.81 7.75
CA UNK D 589 -19.35 22.84 7.60
C UNK D 589 -20.05 22.78 8.94
N UNK D 590 -19.45 22.11 9.92
CA UNK D 590 -19.99 22.11 11.27
C UNK D 590 -19.85 23.50 11.90
N UNK D 591 -18.77 24.20 11.59
CA UNK D 591 -18.61 25.58 12.03
C UNK D 591 -19.64 26.48 11.37
N UNK D 592 -19.88 26.28 10.07
CA UNK D 592 -20.91 27.03 9.37
C UNK D 592 -22.30 26.71 9.89
N UNK D 593 -22.52 25.45 10.31
CA UNK D 593 -23.80 25.08 10.88
C UNK D 593 -23.98 25.67 12.27
N UNK D 594 -22.89 25.80 13.03
CA UNK D 594 -22.96 26.48 14.31
C UNK D 594 -23.23 27.97 14.12
N UNK D 595 -22.67 28.55 13.06
CA UNK D 595 -22.96 29.95 12.74
C UNK D 595 -24.41 30.11 12.28
N UNK D 596 -24.94 29.11 11.57
CA UNK D 596 -26.34 29.17 11.15
C UNK D 596 -27.27 28.98 12.34
N UNK D 597 -26.88 28.13 13.29
CA UNK D 597 -27.65 27.98 14.52
C UNK D 597 -27.58 29.23 15.38
N UNK D 598 -26.45 29.94 15.33
CA UNK D 598 -26.38 31.26 15.93
C UNK D 598 -27.28 32.25 15.21
N UNK D 599 -27.42 32.10 13.90
CA UNK D 599 -28.38 32.89 13.14
C UNK D 599 -29.81 32.40 13.32
N UNK D 600 -30.00 31.14 13.70
CA UNK D 600 -31.34 30.62 13.95
C UNK D 600 -31.73 30.84 15.40
N THR D 601 -49.17 8.60 7.17
CA THR D 601 -48.54 7.38 6.69
C THR D 601 -47.69 7.66 5.45
N ARG D 602 -47.88 8.86 4.88
CA ARG D 602 -47.12 9.25 3.70
C ARG D 602 -45.64 9.35 3.99
N TYR D 603 -45.30 9.95 5.14
CA TYR D 603 -43.94 9.94 5.66
C TYR D 603 -43.41 8.52 5.80
N GLN D 604 -44.25 7.62 6.32
CA GLN D 604 -43.87 6.22 6.47
C GLN D 604 -43.67 5.54 5.13
N GLN D 605 -44.53 5.84 4.15
CA GLN D 605 -44.38 5.26 2.81
C GLN D 605 -43.14 5.78 2.10
N ILE D 606 -42.77 7.02 2.37
CA ILE D 606 -41.51 7.56 1.88
C ILE D 606 -40.33 6.83 2.49
N MET D 607 -40.41 6.54 3.80
CA MET D 607 -39.39 5.72 4.45
C MET D 607 -39.33 4.32 3.86
N LYS D 608 -40.50 3.79 3.46
CA LYS D 608 -40.56 2.48 2.82
C LYS D 608 -39.86 2.49 1.47
N ARG D 609 -40.11 3.52 0.66
CA ARG D 609 -39.41 3.70 -0.61
C ARG D 609 -37.91 3.75 -0.41
N LEU D 610 -37.48 4.51 0.60
CA LEU D 610 -36.08 4.58 0.98
C LEU D 610 -35.50 3.21 1.26
N ILE D 611 -36.10 2.47 2.20
CA ILE D 611 -35.49 1.23 2.67
C ILE D 611 -35.55 0.13 1.61
N LYS D 612 -36.57 0.15 0.75
CA LYS D 612 -36.60 -0.80 -0.37
C LYS D 612 -35.47 -0.52 -1.34
N ARG D 613 -35.22 0.76 -1.64
CA ARG D 613 -34.06 1.09 -2.46
C ARG D 613 -32.75 0.71 -1.77
N TYR D 614 -32.70 0.85 -0.45
CA TYR D 614 -31.47 0.52 0.27
C TYR D 614 -31.18 -0.97 0.25
N VAL D 615 -32.20 -1.80 0.45
CA VAL D 615 -31.96 -3.23 0.44
C VAL D 615 -31.68 -3.73 -0.98
N LEU D 616 -32.29 -3.10 -1.99
CA LEU D 616 -32.01 -3.47 -3.37
C LEU D 616 -30.57 -3.14 -3.75
N LYS D 617 -30.15 -1.91 -3.46
CA LYS D 617 -28.80 -1.50 -3.79
C LYS D 617 -27.78 -2.22 -2.93
N ALA D 618 -28.14 -2.59 -1.70
CA ALA D 618 -27.21 -3.30 -0.83
C ALA D 618 -26.98 -4.72 -1.34
N GLN D 619 -28.04 -5.41 -1.74
CA GLN D 619 -27.85 -6.77 -2.23
C GLN D 619 -27.14 -6.78 -3.57
N VAL D 620 -27.37 -5.77 -4.41
CA VAL D 620 -26.62 -5.80 -5.66
C VAL D 620 -25.15 -5.40 -5.43
N ASP D 621 -24.88 -4.55 -4.44
CA ASP D 621 -23.49 -4.18 -4.17
C ASP D 621 -22.72 -5.34 -3.55
N LYS D 622 -23.36 -6.13 -2.69
CA LYS D 622 -22.67 -7.32 -2.22
C LYS D 622 -22.59 -8.37 -3.30
N GLU D 623 -23.44 -8.30 -4.33
CA GLU D 623 -23.23 -9.12 -5.51
C GLU D 623 -22.17 -8.56 -6.45
N ASN D 624 -21.63 -7.37 -6.17
CA ASN D 624 -20.51 -6.86 -6.96
C ASN D 624 -19.13 -7.21 -6.38
N ASP D 625 -19.01 -8.27 -5.59
CA ASP D 625 -17.79 -8.51 -4.84
C ASP D 625 -17.10 -9.78 -5.31
N GLU D 626 -15.90 -10.03 -4.79
CA GLU D 626 -15.23 -11.26 -5.19
C GLU D 626 -15.78 -12.44 -4.39
N VAL D 627 -15.48 -13.64 -4.88
CA VAL D 627 -16.21 -14.83 -4.46
C VAL D 627 -15.31 -15.78 -3.70
N ASN D 628 -15.87 -16.91 -3.24
CA ASN D 628 -15.09 -17.82 -2.43
C ASN D 628 -15.15 -19.26 -2.92
N GLU D 629 -14.62 -20.18 -2.11
CA GLU D 629 -14.52 -21.57 -2.54
C GLU D 629 -15.83 -22.31 -2.38
N GLY D 630 -16.69 -21.87 -1.47
CA GLY D 630 -17.88 -22.64 -1.13
C GLY D 630 -18.87 -22.70 -2.26
N GLU D 631 -18.91 -21.68 -3.11
CA GLU D 631 -19.74 -21.72 -4.30
C GLU D 631 -19.24 -22.78 -5.26
N LEU D 632 -17.92 -22.92 -5.37
CA LEU D 632 -17.36 -23.99 -6.18
C LEU D 632 -17.64 -25.35 -5.57
N LYS D 633 -17.64 -25.43 -4.23
CA LYS D 633 -18.04 -26.67 -3.56
C LYS D 633 -19.46 -27.04 -3.92
N GLU D 634 -20.36 -26.06 -3.89
CA GLU D 634 -21.76 -26.29 -4.22
C GLU D 634 -21.90 -26.70 -5.68
N ILE D 635 -21.07 -26.16 -6.56
CA ILE D 635 -21.26 -26.53 -7.96
C ILE D 635 -20.68 -27.92 -8.22
N LYS D 636 -19.65 -28.34 -7.46
CA LYS D 636 -19.18 -29.71 -7.58
C LYS D 636 -20.23 -30.68 -7.06
N GLN D 637 -20.89 -30.30 -5.97
CA GLN D 637 -21.99 -31.09 -5.45
C GLN D 637 -23.12 -31.19 -6.46
N ASP D 638 -23.43 -30.10 -7.15
CA ASP D 638 -24.60 -30.08 -8.01
C ASP D 638 -24.34 -30.87 -9.29
N ILE D 639 -23.13 -30.79 -9.83
CA ILE D 639 -22.83 -31.58 -11.01
C ILE D 639 -22.68 -33.05 -10.65
N SER D 640 -22.18 -33.35 -9.45
CA SER D 640 -22.15 -34.73 -8.99
C SER D 640 -23.55 -35.29 -8.84
N SER D 641 -24.48 -34.49 -8.31
CA SER D 641 -25.87 -34.91 -8.15
C SER D 641 -26.55 -35.13 -9.48
N LEU D 642 -26.24 -34.29 -10.45
CA LEU D 642 -26.78 -34.50 -11.78
C LEU D 642 -26.18 -35.74 -12.43
N ARG D 643 -24.97 -36.10 -12.04
CA ARG D 643 -24.47 -37.40 -12.48
C ARG D 643 -25.14 -38.53 -11.71
N TYR D 644 -25.56 -38.26 -10.47
CA TYR D 644 -26.12 -39.30 -9.61
C TYR D 644 -27.52 -39.67 -10.06
N GLU D 645 -28.31 -38.68 -10.48
CA GLU D 645 -29.64 -38.96 -11.00
C GLU D 645 -29.60 -39.72 -12.32
N LEU D 646 -28.48 -39.62 -13.05
CA LEU D 646 -28.32 -40.33 -14.31
C LEU D 646 -28.26 -41.82 -14.04
N LEU D 647 -29.32 -42.53 -14.38
CA LEU D 647 -29.40 -43.96 -14.14
C LEU D 647 -29.25 -44.70 -15.48
#